data_5M26
#
_entry.id   5M26
#
_cell.length_a   88.406
_cell.length_b   125.231
_cell.length_c   91.352
_cell.angle_alpha   90.000
_cell.angle_beta   102.550
_cell.angle_gamma   90.000
#
_symmetry.space_group_name_H-M   'P 1 21 1'
#
loop_
_entity.id
_entity.type
_entity.pdbx_description
1 polymer 'Hydroquinone dioxygenase small subunit'
2 polymer 'Hydroquinone dioxygenase large subunit'
3 non-polymer 'FE (III) ION'
4 non-polymer 2-methylbenzene-1,4-diol
5 water water
#
loop_
_entity_poly.entity_id
_entity_poly.type
_entity_poly.pdbx_seq_one_letter_code
_entity_poly.pdbx_strand_id
1 'polypeptide(L)'
;MADVVTEFGALTDYRKGGVEIIDDDPRNYVFSNVFEVAANAAPYERVAVGKNFEYVIESARAEGTSGWFSCAHDEFVLAM
DGQIEVHLLKLDNSDAYVDPDSEGAVAIGEALPEGRKMGRIVLRRGHMALLPVGAAYRFYAEQPAAMLFQSIEGAVTVQK
WGEICQTEAA
;
A,C,E,G
2 'polypeptide(L)'
;MAMSEALEIIDFGDSKARTDTEHLAINNETGYRSFRAGGFTFTRDEYFARLTWPGGSHIIPIDAFLRAMMRDVAWGFFYG
VVNFDHVFGTINHYGEVTMFAGRFNDAYRNAGRDHEERFKSSALMAVFKDILSDWTVEGYDPFAAPMETGLPWGIKNGNN
DEAISRQRVTARRMVGLPGDTPVRTDANGFPVNRQFADVPQEQPVVEAEPGFEAEVSAYNLFGYLSRSDVTWNPSVCSVV
GDSLFCPTSEEFILPVEHGNDRCEWFLQLSDEIVWDVKDKESGKPRARVTARAGDICCMPADIRHQGYSTKRSMLLVWEN
GSPKIPQMIADGTAPVVPVTF
;
B,D,F,H
#
loop_
_chem_comp.id
_chem_comp.type
_chem_comp.name
_chem_comp.formula
7DV non-polymer 2-methylbenzene-1,4-diol 'C7 H8 O2'
FE non-polymer 'FE (III) ION' 'Fe 3'
#
# COMPACT_ATOMS: atom_id res chain seq x y z
N ASP A 3 1.56 10.61 -38.52
CA ASP A 3 1.97 10.86 -37.10
C ASP A 3 0.92 11.65 -36.35
N VAL A 4 0.60 11.22 -35.13
CA VAL A 4 -0.50 11.78 -34.33
C VAL A 4 -0.29 13.25 -33.89
N VAL A 5 -1.29 14.09 -34.12
CA VAL A 5 -1.20 15.49 -33.74
C VAL A 5 -2.45 15.84 -32.96
N THR A 6 -2.28 16.10 -31.67
CA THR A 6 -3.38 16.58 -30.84
C THR A 6 -3.45 18.12 -30.95
N GLU A 7 -4.55 18.62 -31.51
CA GLU A 7 -4.71 20.06 -31.76
C GLU A 7 -5.20 20.78 -30.51
N PHE A 8 -4.36 21.64 -29.95
CA PHE A 8 -4.74 22.51 -28.82
C PHE A 8 -4.84 23.96 -29.28
N GLY A 9 -5.73 24.74 -28.66
CA GLY A 9 -5.87 26.16 -28.98
C GLY A 9 -4.84 26.99 -28.21
N ALA A 10 -4.73 28.25 -28.60
CA ALA A 10 -3.84 29.23 -27.98
C ALA A 10 -4.45 30.60 -28.19
N LEU A 11 -4.01 31.60 -27.41
CA LEU A 11 -4.57 32.94 -27.56
C LEU A 11 -4.43 33.46 -28.98
N THR A 12 -3.35 33.11 -29.65
CA THR A 12 -3.12 33.63 -30.99
C THR A 12 -3.27 32.57 -32.07
N ASP A 13 -3.80 31.41 -31.71
CA ASP A 13 -4.08 30.41 -32.72
C ASP A 13 -5.20 29.52 -32.25
N TYR A 14 -6.43 29.89 -32.59
CA TYR A 14 -7.60 29.06 -32.36
C TYR A 14 -8.48 29.13 -33.60
N ARG A 15 -9.45 28.23 -33.69
CA ARG A 15 -10.33 28.24 -34.81
C ARG A 15 -11.74 27.87 -34.36
N LYS A 16 -12.52 28.91 -34.09
CA LYS A 16 -13.88 28.77 -33.59
C LYS A 16 -14.79 27.97 -34.52
N GLY A 17 -15.60 27.08 -33.93
CA GLY A 17 -16.64 26.40 -34.69
C GLY A 17 -17.94 27.16 -34.52
N GLY A 18 -19.04 26.43 -34.40
CA GLY A 18 -20.31 27.11 -34.24
C GLY A 18 -21.50 26.23 -34.44
N VAL A 19 -22.67 26.87 -34.37
CA VAL A 19 -23.95 26.19 -34.40
C VAL A 19 -24.49 26.25 -35.83
N GLU A 20 -24.74 25.07 -36.44
CA GLU A 20 -25.46 24.95 -37.71
C GLU A 20 -26.94 24.72 -37.36
N ILE A 21 -27.82 25.48 -37.96
CA ILE A 21 -29.23 25.39 -37.58
C ILE A 21 -30.05 24.55 -38.54
N ILE A 22 -30.88 23.66 -37.96
CA ILE A 22 -31.95 23.01 -38.66
C ILE A 22 -33.28 23.71 -38.32
N ASP A 23 -33.60 23.81 -37.03
CA ASP A 23 -34.80 24.49 -36.58
C ASP A 23 -34.53 24.85 -35.14
N ASP A 24 -33.93 26.01 -34.91
CA ASP A 24 -33.48 26.35 -33.56
C ASP A 24 -32.97 27.79 -33.58
N ASP A 25 -32.49 28.25 -32.44
CA ASP A 25 -31.92 29.60 -32.32
C ASP A 25 -30.49 29.40 -31.82
N PRO A 26 -29.50 29.88 -32.57
CA PRO A 26 -28.12 29.58 -32.14
C PRO A 26 -27.76 30.20 -30.78
N ARG A 27 -28.57 31.15 -30.33
CA ARG A 27 -28.38 31.79 -29.03
C ARG A 27 -28.65 30.81 -27.89
N ASN A 28 -29.50 29.82 -28.13
CA ASN A 28 -29.79 28.78 -27.12
C ASN A 28 -28.52 28.03 -26.69
N TYR A 29 -27.48 28.07 -27.53
CA TYR A 29 -26.26 27.29 -27.29
C TYR A 29 -25.18 28.10 -26.61
N VAL A 30 -25.43 29.39 -26.42
CA VAL A 30 -24.48 30.27 -25.73
C VAL A 30 -23.03 29.91 -26.08
N PHE A 31 -22.72 29.99 -27.37
CA PHE A 31 -21.46 29.45 -27.93
C PHE A 31 -20.37 30.55 -28.03
N SER A 32 -19.25 30.33 -27.33
CA SER A 32 -18.11 31.24 -27.42
C SER A 32 -16.80 30.44 -27.51
N ASN A 33 -15.68 31.13 -27.74
CA ASN A 33 -14.37 30.52 -27.66
C ASN A 33 -13.56 31.21 -26.58
N VAL A 34 -13.13 30.43 -25.59
CA VAL A 34 -12.46 31.00 -24.41
C VAL A 34 -11.16 31.72 -24.74
N PHE A 35 -10.48 31.32 -25.83
CA PHE A 35 -9.26 32.02 -26.23
C PHE A 35 -9.58 33.40 -26.79
N GLU A 36 -10.65 33.49 -27.58
CA GLU A 36 -11.10 34.74 -28.16
C GLU A 36 -11.52 35.69 -27.03
N VAL A 37 -12.22 35.11 -26.05
CA VAL A 37 -12.69 35.89 -24.92
C VAL A 37 -11.50 36.44 -24.16
N ALA A 38 -10.55 35.59 -23.81
CA ALA A 38 -9.34 36.02 -23.10
C ALA A 38 -8.50 37.04 -23.91
N ALA A 39 -8.39 36.84 -25.23
CA ALA A 39 -7.65 37.78 -26.09
C ALA A 39 -8.21 39.18 -26.03
N ASN A 40 -9.53 39.30 -25.93
CA ASN A 40 -10.19 40.61 -26.03
C ASN A 40 -10.45 41.30 -24.69
N ALA A 41 -10.20 40.62 -23.58
CA ALA A 41 -10.45 41.18 -22.26
C ALA A 41 -9.19 41.90 -21.74
N ALA A 42 -9.36 42.67 -20.69
CA ALA A 42 -8.25 43.29 -19.96
C ALA A 42 -7.55 42.21 -19.14
N PRO A 43 -6.26 42.39 -18.86
CA PRO A 43 -5.48 41.40 -18.10
C PRO A 43 -6.15 41.03 -16.79
N TYR A 44 -6.40 39.74 -16.56
CA TYR A 44 -6.93 39.23 -15.30
C TYR A 44 -8.41 39.54 -15.10
N GLU A 45 -9.04 40.16 -16.09
CA GLU A 45 -10.50 40.33 -16.11
C GLU A 45 -11.14 38.94 -16.25
N ARG A 46 -12.09 38.59 -15.38
CA ARG A 46 -12.67 37.24 -15.37
C ARG A 46 -14.05 37.21 -16.00
N VAL A 47 -14.08 36.87 -17.29
CA VAL A 47 -15.30 36.93 -18.08
C VAL A 47 -16.01 35.58 -18.03
N ALA A 48 -17.30 35.62 -17.70
CA ALA A 48 -18.08 34.39 -17.62
C ALA A 48 -18.23 33.79 -19.03
N VAL A 49 -17.82 32.53 -19.22
CA VAL A 49 -18.04 31.82 -20.50
C VAL A 49 -19.03 30.66 -20.32
N GLY A 50 -19.23 30.25 -19.08
CA GLY A 50 -20.28 29.31 -18.73
C GLY A 50 -20.99 29.69 -17.44
N LYS A 51 -22.28 29.39 -17.38
CA LYS A 51 -23.07 29.71 -16.22
C LYS A 51 -24.16 28.66 -16.02
N ASN A 52 -24.37 28.25 -14.78
CA ASN A 52 -25.41 27.28 -14.46
C ASN A 52 -25.86 27.54 -13.05
N PHE A 53 -27.04 28.19 -12.93
CA PHE A 53 -27.45 28.82 -11.69
C PHE A 53 -26.29 29.71 -11.22
N GLU A 54 -25.80 29.55 -10.00
CA GLU A 54 -24.79 30.47 -9.49
C GLU A 54 -23.36 30.13 -9.94
N TYR A 55 -23.16 28.90 -10.41
CA TYR A 55 -21.83 28.45 -10.82
C TYR A 55 -21.37 29.00 -12.18
N VAL A 56 -20.07 29.29 -12.32
CA VAL A 56 -19.52 29.84 -13.55
C VAL A 56 -18.22 29.15 -13.95
N ILE A 57 -17.95 29.21 -15.24
CA ILE A 57 -16.59 29.07 -15.76
C ILE A 57 -16.26 30.46 -16.27
N GLU A 58 -15.14 30.99 -15.80
CA GLU A 58 -14.64 32.29 -16.26
C GLU A 58 -13.38 32.12 -17.11
N SER A 59 -13.28 32.86 -18.21
CA SER A 59 -12.05 32.93 -18.98
C SER A 59 -11.31 34.25 -18.68
N ALA A 60 -9.97 34.22 -18.63
CA ALA A 60 -9.16 35.42 -18.37
C ALA A 60 -7.81 35.29 -19.05
N ARG A 61 -7.24 36.44 -19.43
CA ARG A 61 -5.88 36.49 -19.90
C ARG A 61 -4.97 36.87 -18.75
N ALA A 62 -3.93 36.07 -18.56
CA ALA A 62 -2.89 36.43 -17.59
C ALA A 62 -1.81 37.17 -18.33
N GLU A 63 -1.47 38.35 -17.83
CA GLU A 63 -0.42 39.17 -18.40
C GLU A 63 0.08 40.12 -17.31
N GLY A 64 1.37 40.07 -17.03
CA GLY A 64 1.93 40.79 -15.90
C GLY A 64 1.52 40.14 -14.59
N THR A 65 1.52 40.95 -13.53
CA THR A 65 1.18 40.50 -12.20
C THR A 65 -0.23 40.97 -11.85
N SER A 66 -1.04 40.06 -11.31
CA SER A 66 -2.38 40.43 -10.91
C SER A 66 -2.34 40.97 -9.49
N GLY A 67 -3.46 41.52 -9.03
CA GLY A 67 -3.65 41.81 -7.62
C GLY A 67 -3.92 40.49 -6.91
N TRP A 68 -4.23 40.57 -5.61
CA TRP A 68 -4.59 39.40 -4.83
C TRP A 68 -6.07 39.10 -4.92
N PHE A 69 -6.42 37.81 -4.92
CA PHE A 69 -7.81 37.36 -4.80
C PHE A 69 -7.95 36.45 -3.57
N SER A 70 -9.16 36.39 -3.02
CA SER A 70 -9.54 35.34 -2.08
C SER A 70 -11.04 35.01 -2.21
N CYS A 71 -11.48 33.90 -1.62
CA CYS A 71 -12.81 33.42 -1.89
C CYS A 71 -13.33 32.69 -0.67
N ALA A 72 -14.65 32.75 -0.46
CA ALA A 72 -15.28 32.06 0.64
C ALA A 72 -15.44 30.55 0.37
N HIS A 73 -15.06 30.09 -0.82
CA HIS A 73 -15.14 28.64 -1.14
C HIS A 73 -13.95 28.27 -2.03
N ASP A 74 -13.75 26.98 -2.26
CA ASP A 74 -12.68 26.50 -3.15
C ASP A 74 -12.95 27.02 -4.55
N GLU A 75 -11.87 27.17 -5.31
CA GLU A 75 -11.94 27.46 -6.75
C GLU A 75 -10.83 26.68 -7.42
N PHE A 76 -10.91 26.52 -8.74
CA PHE A 76 -9.84 25.86 -9.48
C PHE A 76 -9.49 26.72 -10.66
N VAL A 77 -8.22 26.70 -11.03
CA VAL A 77 -7.77 27.38 -12.25
C VAL A 77 -7.12 26.34 -13.15
N LEU A 78 -7.46 26.39 -14.43
CA LEU A 78 -6.86 25.53 -15.43
C LEU A 78 -6.19 26.44 -16.44
N ALA A 79 -4.88 26.28 -16.62
CA ALA A 79 -4.13 27.06 -17.61
C ALA A 79 -4.43 26.46 -18.96
N MET A 80 -4.64 27.30 -19.96
CA MET A 80 -5.05 26.82 -21.28
C MET A 80 -4.00 27.07 -22.35
N ASP A 81 -3.02 27.93 -22.05
CA ASP A 81 -2.02 28.37 -22.99
C ASP A 81 -1.04 29.25 -22.25
N GLY A 82 0.26 28.96 -22.36
CA GLY A 82 1.29 29.82 -21.82
C GLY A 82 1.70 29.33 -20.44
N GLN A 83 2.47 30.14 -19.74
CA GLN A 83 2.93 29.73 -18.45
C GLN A 83 2.45 30.72 -17.40
N ILE A 84 1.83 30.22 -16.34
CA ILE A 84 1.30 31.08 -15.29
C ILE A 84 1.82 30.67 -13.92
N GLU A 85 2.41 31.61 -13.21
CA GLU A 85 2.86 31.39 -11.86
C GLU A 85 1.73 31.76 -10.88
N VAL A 86 1.49 30.91 -9.88
CA VAL A 86 0.48 31.17 -8.86
C VAL A 86 1.19 31.26 -7.51
N HIS A 87 0.94 32.35 -6.78
CA HIS A 87 1.43 32.50 -5.41
C HIS A 87 0.25 32.38 -4.46
N LEU A 88 0.43 31.56 -3.41
CA LEU A 88 -0.61 31.29 -2.45
C LEU A 88 -0.13 31.74 -1.10
N LEU A 89 -1.05 32.34 -0.35
CA LEU A 89 -0.76 32.95 0.93
C LEU A 89 -1.89 32.59 1.88
N LYS A 90 -1.55 32.04 3.05
CA LYS A 90 -2.55 31.70 4.04
C LYS A 90 -2.90 32.96 4.85
N LEU A 91 -4.12 33.46 4.69
CA LEU A 91 -4.49 34.74 5.34
C LEU A 91 -4.57 34.58 6.87
N ASP A 92 -3.99 35.53 7.61
CA ASP A 92 -4.08 35.51 9.08
C ASP A 92 -5.54 35.64 9.48
N ASN A 93 -6.27 36.53 8.82
CA ASN A 93 -7.70 36.77 9.06
C ASN A 93 -8.43 36.90 7.71
N SER A 94 -8.89 35.78 7.17
CA SER A 94 -9.53 35.85 5.86
C SER A 94 -10.83 36.64 5.92
N ASP A 95 -11.51 36.59 7.07
CA ASP A 95 -12.75 37.35 7.26
C ASP A 95 -12.55 38.87 7.15
N ALA A 96 -11.31 39.35 7.29
CA ALA A 96 -11.02 40.78 7.12
C ALA A 96 -11.04 41.15 5.64
N TYR A 97 -10.95 40.17 4.76
CA TYR A 97 -10.88 40.41 3.32
C TYR A 97 -12.08 39.84 2.55
N VAL A 98 -12.69 38.80 3.09
CA VAL A 98 -13.78 38.12 2.38
C VAL A 98 -14.97 37.90 3.32
N ASP A 99 -16.13 38.42 2.95
CA ASP A 99 -17.36 38.14 3.69
C ASP A 99 -17.61 36.64 3.60
N PRO A 100 -17.74 35.97 4.76
CA PRO A 100 -17.92 34.52 4.79
C PRO A 100 -19.22 34.09 4.10
N ASP A 101 -20.20 34.97 4.03
CA ASP A 101 -21.46 34.70 3.34
C ASP A 101 -21.36 34.99 1.82
N SER A 102 -20.25 35.56 1.36
CA SER A 102 -20.10 35.87 -0.06
C SER A 102 -19.84 34.62 -0.91
N GLU A 103 -19.92 34.77 -2.23
CA GLU A 103 -19.58 33.72 -3.16
C GLU A 103 -18.86 34.35 -4.33
N GLY A 104 -18.08 33.53 -5.05
CA GLY A 104 -17.20 34.05 -6.10
C GLY A 104 -15.96 34.70 -5.53
N ALA A 105 -14.90 34.76 -6.34
CA ALA A 105 -13.68 35.41 -5.93
C ALA A 105 -13.93 36.90 -5.61
N VAL A 106 -13.12 37.41 -4.70
CA VAL A 106 -13.10 38.83 -4.30
C VAL A 106 -11.72 39.37 -4.67
N ALA A 107 -11.65 40.53 -5.35
CA ALA A 107 -10.33 41.16 -5.55
C ALA A 107 -9.94 41.88 -4.25
N ILE A 108 -8.88 41.42 -3.59
CA ILE A 108 -8.59 41.95 -2.26
C ILE A 108 -7.44 42.96 -2.23
N GLY A 109 -7.04 43.43 -3.42
CA GLY A 109 -6.11 44.53 -3.59
C GLY A 109 -4.76 44.10 -4.08
N GLU A 110 -3.98 45.06 -4.58
CA GLU A 110 -2.56 44.86 -4.94
C GLU A 110 -1.63 44.80 -3.72
N ALA A 111 -2.00 45.50 -2.64
CA ALA A 111 -1.23 45.46 -1.39
C ALA A 111 -1.09 44.04 -0.87
N LEU A 112 0.10 43.69 -0.39
CA LEU A 112 0.33 42.37 0.23
C LEU A 112 -0.57 42.15 1.45
N PRO A 113 -1.46 41.14 1.38
CA PRO A 113 -2.30 40.86 2.55
C PRO A 113 -1.47 40.23 3.64
N GLU A 114 -2.00 40.23 4.86
CA GLU A 114 -1.35 39.67 6.03
C GLU A 114 -1.54 38.18 6.09
N GLY A 115 -0.45 37.42 6.07
CA GLY A 115 -0.57 35.97 6.16
C GLY A 115 0.77 35.30 5.96
N ARG A 116 0.79 33.97 5.92
CA ARG A 116 2.03 33.22 5.76
C ARG A 116 2.10 32.67 4.33
N LYS A 117 3.31 32.67 3.76
CA LYS A 117 3.53 32.13 2.42
C LYS A 117 3.19 30.63 2.41
N MET A 118 2.31 30.23 1.50
CA MET A 118 1.91 28.81 1.41
C MET A 118 2.72 28.06 0.37
N GLY A 119 2.91 28.69 -0.77
CA GLY A 119 3.68 28.08 -1.82
C GLY A 119 3.59 28.78 -3.14
N ARG A 120 4.16 28.14 -4.14
CA ARG A 120 4.19 28.68 -5.49
C ARG A 120 3.90 27.52 -6.44
N ILE A 121 3.11 27.77 -7.47
CA ILE A 121 2.87 26.77 -8.51
C ILE A 121 3.18 27.42 -9.85
N VAL A 122 3.84 26.69 -10.75
CA VAL A 122 3.95 27.13 -12.13
C VAL A 122 3.12 26.20 -13.02
N LEU A 123 2.07 26.77 -13.60
CA LEU A 123 1.20 26.05 -14.53
C LEU A 123 1.61 26.26 -15.98
N ARG A 124 1.55 25.19 -16.76
CA ARG A 124 1.56 25.31 -18.22
C ARG A 124 0.22 24.83 -18.78
N ARG A 125 0.09 24.85 -20.10
CA ARG A 125 -1.13 24.48 -20.79
C ARG A 125 -1.61 23.11 -20.26
N GLY A 126 -2.87 23.04 -19.87
CA GLY A 126 -3.44 21.77 -19.45
C GLY A 126 -3.21 21.45 -17.99
N HIS A 127 -2.61 22.37 -17.23
CA HIS A 127 -2.39 22.10 -15.81
C HIS A 127 -3.42 22.80 -14.95
N MET A 128 -3.90 22.12 -13.91
CA MET A 128 -4.93 22.67 -12.99
C MET A 128 -4.42 22.79 -11.57
N ALA A 129 -4.73 23.88 -10.89
CA ALA A 129 -4.36 24.05 -9.50
C ALA A 129 -5.58 24.27 -8.64
N LEU A 130 -5.51 23.80 -7.40
CA LEU A 130 -6.51 24.11 -6.39
C LEU A 130 -6.28 25.55 -5.90
N LEU A 131 -7.36 26.32 -5.73
CA LEU A 131 -7.28 27.63 -5.06
C LEU A 131 -8.11 27.48 -3.78
N PRO A 132 -7.44 27.08 -2.69
CA PRO A 132 -8.19 26.62 -1.52
C PRO A 132 -8.81 27.76 -0.74
N VAL A 133 -10.02 27.53 -0.23
CA VAL A 133 -10.64 28.52 0.64
C VAL A 133 -9.68 28.87 1.77
N GLY A 134 -9.53 30.16 2.05
CA GLY A 134 -8.76 30.60 3.20
C GLY A 134 -7.42 31.16 2.75
N ALA A 135 -7.10 30.90 1.50
CA ALA A 135 -5.88 31.37 0.93
C ALA A 135 -6.16 32.60 0.08
N ALA A 136 -5.16 33.48 -0.04
CA ALA A 136 -5.18 34.52 -1.06
C ALA A 136 -4.30 34.01 -2.17
N TYR A 137 -4.62 34.41 -3.40
CA TYR A 137 -3.81 33.96 -4.51
C TYR A 137 -3.55 35.09 -5.48
N ARG A 138 -2.41 35.05 -6.14
CA ARG A 138 -2.14 35.94 -7.26
C ARG A 138 -1.26 35.31 -8.31
N PHE A 139 -1.26 35.93 -9.48
CA PHE A 139 -0.72 35.35 -10.68
C PHE A 139 0.37 36.22 -11.28
N TYR A 140 1.32 35.55 -11.92
CA TYR A 140 2.31 36.24 -12.73
C TYR A 140 2.50 35.48 -14.03
N ALA A 141 2.37 36.19 -15.15
CA ALA A 141 2.61 35.64 -16.47
C ALA A 141 3.54 36.60 -17.24
N GLU A 142 4.72 36.11 -17.59
CA GLU A 142 5.71 36.91 -18.32
C GLU A 142 5.23 37.21 -19.74
N GLN A 143 4.76 36.18 -20.44
CA GLN A 143 4.11 36.32 -21.74
C GLN A 143 2.60 36.15 -21.55
N PRO A 144 1.78 36.69 -22.48
CA PRO A 144 0.33 36.57 -22.33
C PRO A 144 -0.11 35.09 -22.30
N ALA A 145 -1.04 34.74 -21.43
CA ALA A 145 -1.47 33.34 -21.23
C ALA A 145 -2.98 33.31 -21.05
N ALA A 146 -3.64 32.18 -21.37
CA ALA A 146 -5.08 32.02 -21.17
C ALA A 146 -5.34 31.10 -19.96
N MET A 147 -6.37 31.40 -19.20
CA MET A 147 -6.72 30.51 -18.06
C MET A 147 -8.22 30.50 -17.81
N LEU A 148 -8.67 29.47 -17.11
CA LEU A 148 -10.08 29.29 -16.87
C LEU A 148 -10.27 29.09 -15.40
N PHE A 149 -11.36 29.61 -14.86
CA PHE A 149 -11.68 29.41 -13.46
C PHE A 149 -12.98 28.63 -13.31
N GLN A 150 -12.94 27.62 -12.43
CA GLN A 150 -14.15 26.99 -11.97
C GLN A 150 -14.55 27.68 -10.65
N SER A 151 -15.66 28.41 -10.68
CA SER A 151 -16.01 29.22 -9.52
C SER A 151 -17.51 29.50 -9.42
N ILE A 152 -17.87 30.57 -8.71
CA ILE A 152 -19.27 30.97 -8.54
C ILE A 152 -19.35 32.46 -8.89
N GLU A 153 -20.48 32.89 -9.47
CA GLU A 153 -20.58 34.30 -9.88
C GLU A 153 -20.52 35.18 -8.63
N GLY A 154 -19.69 36.23 -8.69
CA GLY A 154 -19.56 37.18 -7.58
C GLY A 154 -18.97 38.50 -8.05
N ALA A 155 -18.31 39.21 -7.15
CA ALA A 155 -17.90 40.60 -7.42
C ALA A 155 -16.92 40.79 -8.57
N VAL A 156 -16.27 39.72 -9.00
CA VAL A 156 -15.22 39.79 -9.99
C VAL A 156 -15.68 39.25 -11.37
N THR A 157 -16.85 38.62 -11.43
CA THR A 157 -17.26 38.02 -12.69
C THR A 157 -17.98 38.97 -13.62
N VAL A 158 -17.42 39.09 -14.83
CA VAL A 158 -17.93 40.01 -15.83
C VAL A 158 -18.82 39.26 -16.80
N GLN A 159 -20.08 39.68 -16.90
CA GLN A 159 -20.97 39.04 -17.88
C GLN A 159 -21.14 39.91 -19.13
N LYS A 160 -20.94 39.31 -20.30
CA LYS A 160 -21.13 40.03 -21.57
C LYS A 160 -21.46 39.06 -22.70
N TRP A 161 -22.51 38.29 -22.47
CA TRP A 161 -22.92 37.18 -23.33
C TRP A 161 -23.14 37.65 -24.77
N GLY A 162 -23.88 38.76 -24.92
CA GLY A 162 -24.11 39.37 -26.23
C GLY A 162 -22.87 39.68 -27.03
N GLU A 163 -21.80 40.04 -26.34
CA GLU A 163 -20.53 40.36 -26.98
C GLU A 163 -19.78 39.12 -27.42
N ILE A 164 -19.80 38.06 -26.61
CA ILE A 164 -18.91 36.93 -26.85
C ILE A 164 -19.58 35.75 -27.59
N CYS A 165 -20.91 35.68 -27.60
CA CYS A 165 -21.59 34.50 -28.13
C CYS A 165 -22.10 34.63 -29.57
N GLN A 166 -22.17 33.49 -30.25
CA GLN A 166 -22.73 33.41 -31.58
C GLN A 166 -24.20 33.80 -31.51
N THR A 167 -24.65 34.70 -32.40
CA THR A 167 -26.05 35.13 -32.37
C THR A 167 -26.82 34.79 -33.65
N GLU A 168 -26.10 34.54 -34.74
CA GLU A 168 -26.72 34.22 -36.02
C GLU A 168 -26.15 32.90 -36.58
N ALA A 169 -26.82 32.33 -37.59
CA ALA A 169 -26.28 31.28 -38.47
C ALA A 169 -26.02 29.95 -37.82
N ILE B 10 -50.36 -6.54 4.20
CA ILE B 10 -49.78 -5.17 4.03
C ILE B 10 -48.29 -5.15 4.37
N ASP B 11 -47.49 -4.95 3.34
CA ASP B 11 -46.04 -5.05 3.41
C ASP B 11 -45.41 -3.65 3.27
N PHE B 12 -44.86 -3.11 4.36
CA PHE B 12 -44.20 -1.79 4.33
C PHE B 12 -42.99 -1.75 3.37
N GLY B 13 -42.54 -2.93 2.93
CA GLY B 13 -41.52 -3.06 1.90
C GLY B 13 -42.04 -2.81 0.49
N ASP B 14 -43.37 -2.75 0.36
CA ASP B 14 -44.04 -2.46 -0.91
C ASP B 14 -43.79 -1.04 -1.40
N SER B 15 -43.42 -0.92 -2.67
CA SER B 15 -43.20 0.36 -3.31
C SER B 15 -43.91 0.44 -4.66
N LYS B 16 -44.26 1.66 -5.09
CA LYS B 16 -44.77 1.89 -6.45
C LYS B 16 -43.76 1.35 -7.47
N ALA B 17 -42.47 1.58 -7.20
CA ALA B 17 -41.36 1.20 -8.09
C ALA B 17 -41.05 -0.30 -8.02
N ARG B 18 -40.94 -0.93 -9.18
CA ARG B 18 -40.74 -2.37 -9.30
C ARG B 18 -39.34 -2.87 -8.97
N THR B 19 -39.29 -4.16 -8.70
CA THR B 19 -38.16 -4.79 -8.10
C THR B 19 -37.98 -6.19 -8.73
N ASP B 20 -39.01 -6.62 -9.48
CA ASP B 20 -39.01 -7.94 -10.07
C ASP B 20 -38.12 -8.04 -11.30
N THR B 21 -36.97 -8.70 -11.16
CA THR B 21 -36.13 -9.04 -12.30
C THR B 21 -35.86 -10.54 -12.28
N GLU B 22 -35.35 -11.10 -13.37
CA GLU B 22 -35.24 -12.56 -13.44
C GLU B 22 -34.17 -12.97 -14.44
N HIS B 23 -33.34 -13.93 -14.07
CA HIS B 23 -32.44 -14.61 -15.00
C HIS B 23 -33.26 -15.70 -15.67
N LEU B 24 -33.35 -15.67 -16.98
CA LEU B 24 -34.10 -16.71 -17.69
C LEU B 24 -33.13 -17.76 -18.19
N ALA B 25 -33.55 -18.50 -19.22
CA ALA B 25 -32.81 -19.64 -19.74
C ALA B 25 -31.56 -19.28 -20.57
N ILE B 26 -30.53 -20.13 -20.52
CA ILE B 26 -29.44 -20.05 -21.49
C ILE B 26 -29.90 -20.72 -22.78
N ASN B 27 -29.71 -20.02 -23.90
CA ASN B 27 -30.05 -20.57 -25.19
C ASN B 27 -28.94 -21.53 -25.62
N ASN B 28 -29.30 -22.76 -25.96
CA ASN B 28 -28.28 -23.76 -26.22
C ASN B 28 -27.57 -23.52 -27.54
N GLU B 29 -28.27 -22.90 -28.50
CA GLU B 29 -27.66 -22.55 -29.78
C GLU B 29 -26.70 -21.34 -29.66
N THR B 30 -27.17 -20.26 -29.02
CA THR B 30 -26.33 -19.04 -28.93
C THR B 30 -25.38 -18.99 -27.73
N GLY B 31 -25.70 -19.71 -26.67
CA GLY B 31 -24.90 -19.68 -25.44
C GLY B 31 -25.19 -18.51 -24.51
N TYR B 32 -26.11 -17.62 -24.91
CA TYR B 32 -26.44 -16.43 -24.10
C TYR B 32 -27.67 -16.66 -23.27
N ARG B 33 -27.70 -16.02 -22.10
CA ARG B 33 -28.85 -16.07 -21.23
C ARG B 33 -29.77 -14.93 -21.59
N SER B 34 -31.07 -15.17 -21.54
CA SER B 34 -31.98 -14.02 -21.57
C SER B 34 -32.36 -13.55 -20.16
N PHE B 35 -32.91 -12.35 -20.06
CA PHE B 35 -33.17 -11.72 -18.77
C PHE B 35 -34.50 -10.98 -18.79
N ARG B 36 -35.13 -10.84 -17.63
CA ARG B 36 -36.37 -10.09 -17.54
C ARG B 36 -36.27 -9.00 -16.47
N ALA B 37 -36.79 -7.83 -16.79
CA ALA B 37 -36.92 -6.74 -15.83
C ALA B 37 -38.36 -6.22 -15.95
N GLY B 38 -39.19 -6.50 -14.95
CA GLY B 38 -40.60 -6.12 -15.00
C GLY B 38 -41.25 -6.78 -16.21
N GLY B 39 -41.92 -5.99 -17.04
CA GLY B 39 -42.53 -6.49 -18.28
C GLY B 39 -41.58 -6.56 -19.47
N PHE B 40 -40.31 -6.16 -19.28
CA PHE B 40 -39.35 -6.15 -20.38
C PHE B 40 -38.55 -7.42 -20.40
N THR B 41 -38.26 -7.93 -21.60
CA THR B 41 -37.36 -9.06 -21.78
CA THR B 41 -37.31 -9.04 -21.74
C THR B 41 -36.16 -8.68 -22.66
N PHE B 42 -35.01 -9.24 -22.32
CA PHE B 42 -33.77 -8.97 -23.04
C PHE B 42 -33.21 -10.28 -23.53
N THR B 43 -33.01 -10.38 -24.85
CA THR B 43 -32.41 -11.56 -25.48
C THR B 43 -31.42 -11.06 -26.52
N ARG B 44 -30.24 -11.69 -26.62
CA ARG B 44 -29.34 -11.34 -27.72
C ARG B 44 -29.07 -12.58 -28.57
N ASP B 45 -28.70 -12.35 -29.82
CA ASP B 45 -28.29 -13.43 -30.70
C ASP B 45 -26.93 -13.08 -31.32
N GLU B 46 -26.56 -13.71 -32.44
CA GLU B 46 -25.25 -13.44 -33.08
C GLU B 46 -25.04 -11.92 -33.44
N TYR B 47 -26.12 -11.18 -33.66
CA TYR B 47 -26.02 -9.80 -34.18
C TYR B 47 -26.78 -8.72 -33.41
N PHE B 48 -27.83 -9.11 -32.68
CA PHE B 48 -28.79 -8.16 -32.15
C PHE B 48 -29.10 -8.30 -30.67
N ALA B 49 -29.39 -7.18 -30.03
CA ALA B 49 -30.18 -7.20 -28.80
C ALA B 49 -31.66 -7.15 -29.20
N ARG B 50 -32.43 -8.10 -28.67
CA ARG B 50 -33.88 -8.20 -28.97
C ARG B 50 -34.69 -7.88 -27.73
N LEU B 51 -35.49 -6.83 -27.79
CA LEU B 51 -36.24 -6.33 -26.62
C LEU B 51 -37.72 -6.57 -26.82
N THR B 52 -38.41 -6.96 -25.76
CA THR B 52 -39.88 -7.06 -25.79
C THR B 52 -40.43 -6.39 -24.57
N TRP B 53 -41.68 -5.94 -24.67
CA TRP B 53 -42.39 -5.41 -23.53
C TRP B 53 -43.87 -5.70 -23.84
N PRO B 54 -44.78 -5.56 -22.85
CA PRO B 54 -46.17 -5.89 -23.23
C PRO B 54 -46.63 -5.03 -24.41
N GLY B 55 -46.99 -5.67 -25.52
CA GLY B 55 -47.51 -4.93 -26.68
C GLY B 55 -46.52 -4.53 -27.77
N GLY B 56 -45.23 -4.76 -27.56
CA GLY B 56 -44.29 -4.53 -28.65
C GLY B 56 -42.90 -5.08 -28.47
N SER B 57 -42.03 -4.71 -29.40
CA SER B 57 -40.71 -5.32 -29.55
C SER B 57 -39.80 -4.40 -30.30
N HIS B 58 -38.49 -4.58 -30.10
CA HIS B 58 -37.55 -3.71 -30.78
C HIS B 58 -36.23 -4.45 -30.93
N ILE B 59 -35.44 -4.05 -31.92
CA ILE B 59 -34.13 -4.66 -32.16
C ILE B 59 -33.06 -3.60 -32.17
N ILE B 60 -31.93 -3.86 -31.52
CA ILE B 60 -30.82 -2.94 -31.63
C ILE B 60 -29.58 -3.75 -32.00
N PRO B 61 -28.78 -3.29 -32.97
CA PRO B 61 -27.49 -3.99 -33.23
C PRO B 61 -26.65 -4.21 -31.96
N ILE B 62 -26.13 -5.42 -31.76
CA ILE B 62 -25.58 -5.75 -30.44
C ILE B 62 -24.38 -4.87 -30.04
N ASP B 63 -23.64 -4.37 -31.01
CA ASP B 63 -22.50 -3.50 -30.68
C ASP B 63 -22.96 -2.16 -30.10
N ALA B 64 -23.86 -1.48 -30.82
CA ALA B 64 -24.47 -0.28 -30.29
C ALA B 64 -25.13 -0.52 -28.91
N PHE B 65 -25.81 -1.66 -28.76
CA PHE B 65 -26.57 -1.89 -27.55
C PHE B 65 -25.62 -2.00 -26.36
N LEU B 66 -24.53 -2.75 -26.54
CA LEU B 66 -23.58 -2.96 -25.46
C LEU B 66 -22.83 -1.70 -25.10
N ARG B 67 -22.52 -0.88 -26.12
CA ARG B 67 -21.83 0.37 -25.84
C ARG B 67 -22.72 1.26 -25.02
N ALA B 68 -24.01 1.34 -25.34
CA ALA B 68 -24.99 2.13 -24.53
C ALA B 68 -25.21 1.54 -23.11
N MET B 69 -25.39 0.23 -23.02
CA MET B 69 -25.56 -0.40 -21.72
C MET B 69 -24.34 -0.18 -20.83
N MET B 70 -23.12 -0.29 -21.41
CA MET B 70 -21.88 -0.01 -20.66
C MET B 70 -21.95 1.38 -20.05
N ARG B 71 -22.41 2.36 -20.82
CA ARG B 71 -22.48 3.73 -20.30
C ARG B 71 -23.53 3.84 -19.22
N ASP B 72 -24.71 3.27 -19.46
CA ASP B 72 -25.80 3.43 -18.49
C ASP B 72 -25.41 2.78 -17.17
N VAL B 73 -24.69 1.66 -17.23
CA VAL B 73 -24.21 0.98 -16.00
C VAL B 73 -23.09 1.80 -15.32
N ALA B 74 -22.08 2.20 -16.09
CA ALA B 74 -20.92 2.90 -15.56
C ALA B 74 -21.33 4.23 -14.94
N TRP B 75 -22.33 4.90 -15.52
CA TRP B 75 -22.78 6.21 -15.03
C TRP B 75 -23.82 6.13 -13.93
N GLY B 76 -24.23 4.92 -13.58
CA GLY B 76 -25.30 4.71 -12.60
C GLY B 76 -26.60 5.39 -13.04
N PHE B 77 -26.90 5.30 -14.33
CA PHE B 77 -28.07 5.90 -14.95
C PHE B 77 -27.92 7.41 -15.22
N PHE B 78 -26.78 7.99 -14.85
CA PHE B 78 -26.41 9.35 -15.27
C PHE B 78 -27.42 10.40 -14.79
N TYR B 79 -27.64 11.46 -15.57
CA TYR B 79 -28.60 12.51 -15.26
C TYR B 79 -29.71 12.46 -16.31
N GLY B 80 -30.98 12.47 -15.87
CA GLY B 80 -32.06 12.60 -16.85
C GLY B 80 -32.19 11.41 -17.77
N VAL B 81 -32.36 11.67 -19.06
CA VAL B 81 -32.68 10.60 -20.00
C VAL B 81 -31.45 10.08 -20.73
N VAL B 82 -31.24 8.77 -20.63
CA VAL B 82 -30.25 8.08 -21.46
C VAL B 82 -30.97 7.28 -22.56
N ASN B 83 -31.04 7.85 -23.77
CA ASN B 83 -31.71 7.19 -24.88
C ASN B 83 -30.70 6.26 -25.53
N PHE B 84 -30.93 4.93 -25.50
CA PHE B 84 -30.05 4.03 -26.28
C PHE B 84 -30.22 4.35 -27.75
N ASP B 85 -31.47 4.62 -28.13
CA ASP B 85 -31.77 5.04 -29.48
C ASP B 85 -33.08 5.80 -29.50
N HIS B 86 -33.74 5.80 -30.65
CA HIS B 86 -34.98 6.54 -30.83
C HIS B 86 -36.21 5.91 -30.16
N VAL B 87 -36.02 4.70 -29.64
CA VAL B 87 -37.08 3.93 -28.98
C VAL B 87 -36.76 3.67 -27.50
N PHE B 88 -35.62 3.06 -27.21
CA PHE B 88 -35.39 2.47 -25.89
C PHE B 88 -34.43 3.25 -25.00
N GLY B 89 -34.72 3.33 -23.68
CA GLY B 89 -33.81 4.05 -22.81
C GLY B 89 -34.24 4.06 -21.35
N THR B 90 -33.55 4.87 -20.56
CA THR B 90 -33.87 5.01 -19.15
C THR B 90 -34.00 6.48 -18.78
N ILE B 91 -34.76 6.77 -17.70
CA ILE B 91 -34.81 8.11 -17.09
C ILE B 91 -34.38 7.97 -15.63
N ASN B 92 -33.35 8.71 -15.23
CA ASN B 92 -32.90 8.61 -13.84
C ASN B 92 -33.77 9.49 -12.93
N HIS B 93 -34.26 8.88 -11.86
CA HIS B 93 -34.96 9.63 -10.82
C HIS B 93 -34.20 9.60 -9.51
N TYR B 94 -32.96 9.13 -9.55
CA TYR B 94 -32.04 9.23 -8.41
C TYR B 94 -32.49 8.39 -7.21
N GLY B 95 -32.38 7.08 -7.39
CA GLY B 95 -32.83 6.08 -6.41
C GLY B 95 -33.91 5.23 -7.06
N GLU B 96 -34.52 5.78 -8.10
CA GLU B 96 -35.50 5.06 -8.90
C GLU B 96 -35.22 5.42 -10.37
N VAL B 97 -35.64 4.56 -11.29
CA VAL B 97 -35.30 4.73 -12.71
C VAL B 97 -36.45 4.23 -13.57
N THR B 98 -36.82 5.02 -14.58
CA THR B 98 -37.83 4.58 -15.54
C THR B 98 -37.15 3.95 -16.75
N MET B 99 -37.59 2.76 -17.12
CA MET B 99 -37.16 2.16 -18.39
C MET B 99 -38.32 2.28 -19.37
N PHE B 100 -38.04 2.67 -20.60
CA PHE B 100 -39.09 2.97 -21.56
C PHE B 100 -38.86 2.41 -22.96
N ALA B 101 -39.97 2.31 -23.69
CA ALA B 101 -39.92 2.09 -25.12
C ALA B 101 -40.87 3.09 -25.75
N GLY B 102 -40.32 4.04 -26.51
CA GLY B 102 -41.14 4.98 -27.29
C GLY B 102 -41.60 6.22 -26.53
N ARG B 103 -41.12 6.38 -25.28
CA ARG B 103 -41.48 7.52 -24.45
C ARG B 103 -41.10 8.88 -25.08
N PHE B 104 -39.98 8.94 -25.77
CA PHE B 104 -39.57 10.19 -26.38
C PHE B 104 -39.55 10.05 -27.89
N ASN B 105 -40.64 9.49 -28.40
CA ASN B 105 -40.81 9.23 -29.81
C ASN B 105 -42.26 9.55 -30.19
N ASP B 106 -42.44 10.63 -30.97
CA ASP B 106 -43.74 11.08 -31.48
CA ASP B 106 -43.78 11.08 -31.38
C ASP B 106 -44.69 9.99 -31.96
N ALA B 107 -44.17 9.11 -32.78
CA ALA B 107 -44.97 8.07 -33.40
C ALA B 107 -45.62 7.17 -32.34
N TYR B 108 -44.85 6.77 -31.33
CA TYR B 108 -45.35 5.92 -30.25
C TYR B 108 -46.28 6.72 -29.33
N ARG B 109 -45.84 7.91 -28.93
CA ARG B 109 -46.63 8.77 -28.00
C ARG B 109 -48.00 9.16 -28.55
N ASN B 110 -48.04 9.71 -29.77
CA ASN B 110 -49.30 10.06 -30.42
C ASN B 110 -50.24 8.87 -30.52
N ALA B 111 -49.71 7.68 -30.76
CA ALA B 111 -50.55 6.49 -30.87
C ALA B 111 -50.86 5.83 -29.53
N GLY B 112 -50.28 6.33 -28.43
CA GLY B 112 -50.44 5.68 -27.13
C GLY B 112 -49.84 4.30 -27.08
N ARG B 113 -48.77 4.07 -27.86
CA ARG B 113 -48.09 2.78 -27.88
C ARG B 113 -46.74 2.80 -27.14
N ASP B 114 -46.37 3.92 -26.55
CA ASP B 114 -45.21 3.96 -25.69
C ASP B 114 -45.46 3.10 -24.43
N HIS B 115 -44.42 2.55 -23.87
CA HIS B 115 -44.56 1.79 -22.63
C HIS B 115 -43.46 2.18 -21.66
N GLU B 116 -43.84 2.45 -20.40
CA GLU B 116 -42.85 2.84 -19.36
C GLU B 116 -43.09 2.02 -18.08
N GLU B 117 -42.00 1.56 -17.49
CA GLU B 117 -42.03 0.93 -16.13
C GLU B 117 -40.99 1.58 -15.22
N ARG B 118 -41.35 1.75 -13.95
CA ARG B 118 -40.44 2.44 -13.02
C ARG B 118 -39.90 1.42 -12.02
N PHE B 119 -38.58 1.42 -11.82
CA PHE B 119 -37.94 0.40 -10.99
C PHE B 119 -37.17 1.09 -9.87
N LYS B 120 -36.92 0.32 -8.80
CA LYS B 120 -35.90 0.68 -7.83
C LYS B 120 -34.57 0.55 -8.55
N SER B 121 -33.71 1.56 -8.40
CA SER B 121 -32.44 1.61 -9.13
C SER B 121 -31.53 0.42 -8.92
N SER B 122 -31.35 -0.05 -7.67
CA SER B 122 -30.43 -1.17 -7.46
C SER B 122 -30.91 -2.45 -8.15
N ALA B 123 -32.22 -2.62 -8.27
CA ALA B 123 -32.81 -3.80 -8.93
C ALA B 123 -32.58 -3.77 -10.44
N LEU B 124 -32.82 -2.62 -11.07
CA LEU B 124 -32.56 -2.50 -12.53
C LEU B 124 -31.07 -2.58 -12.82
N MET B 125 -30.25 -1.90 -11.98
CA MET B 125 -28.79 -1.92 -12.15
C MET B 125 -28.24 -3.33 -12.08
N ALA B 126 -28.74 -4.14 -11.15
CA ALA B 126 -28.24 -5.50 -10.98
C ALA B 126 -28.53 -6.33 -12.23
N VAL B 127 -29.70 -6.18 -12.82
CA VAL B 127 -29.93 -7.00 -14.00
C VAL B 127 -29.17 -6.42 -15.21
N PHE B 128 -29.03 -5.10 -15.27
CA PHE B 128 -28.26 -4.47 -16.36
C PHE B 128 -26.79 -4.99 -16.31
N LYS B 129 -26.24 -5.08 -15.09
CA LYS B 129 -24.91 -5.63 -14.91
C LYS B 129 -24.83 -7.10 -15.36
N ASP B 130 -25.86 -7.89 -15.04
CA ASP B 130 -25.83 -9.30 -15.44
C ASP B 130 -25.92 -9.43 -16.98
N ILE B 131 -26.79 -8.62 -17.58
CA ILE B 131 -26.87 -8.53 -19.05
C ILE B 131 -25.52 -8.20 -19.69
N LEU B 132 -24.89 -7.11 -19.23
CA LEU B 132 -23.62 -6.66 -19.75
C LEU B 132 -22.54 -7.75 -19.66
N SER B 133 -22.47 -8.43 -18.51
CA SER B 133 -21.47 -9.46 -18.32
C SER B 133 -21.73 -10.67 -19.22
N ASP B 134 -22.97 -11.10 -19.25
CA ASP B 134 -23.29 -12.30 -20.02
C ASP B 134 -23.11 -12.03 -21.52
N TRP B 135 -23.41 -10.80 -21.96
CA TRP B 135 -23.48 -10.57 -23.43
C TRP B 135 -22.17 -10.08 -24.02
N THR B 136 -21.25 -9.67 -23.16
CA THR B 136 -19.92 -9.26 -23.59
C THR B 136 -19.03 -10.49 -23.74
N VAL B 137 -18.36 -10.59 -24.89
CA VAL B 137 -17.58 -11.77 -25.21
C VAL B 137 -16.09 -11.43 -25.12
N GLU B 138 -15.27 -12.46 -25.16
CA GLU B 138 -13.82 -12.34 -25.10
C GLU B 138 -13.28 -11.35 -26.13
N GLY B 139 -12.44 -10.41 -25.69
CA GLY B 139 -11.74 -9.47 -26.62
C GLY B 139 -12.54 -8.26 -27.06
N TYR B 140 -13.77 -8.14 -26.53
CA TYR B 140 -14.67 -7.04 -26.84
C TYR B 140 -14.82 -6.15 -25.64
N ASP B 141 -14.53 -4.85 -25.82
CA ASP B 141 -14.54 -3.90 -24.72
C ASP B 141 -15.53 -2.82 -25.12
N PRO B 142 -16.76 -2.87 -24.59
CA PRO B 142 -17.78 -1.92 -25.02
C PRO B 142 -17.54 -0.46 -24.54
N PHE B 143 -16.45 -0.26 -23.82
CA PHE B 143 -16.07 1.06 -23.33
C PHE B 143 -15.08 1.75 -24.28
N ALA B 144 -14.56 1.00 -25.26
CA ALA B 144 -13.46 1.44 -26.14
C ALA B 144 -14.00 1.87 -27.48
N ALA B 145 -13.18 2.60 -28.24
CA ALA B 145 -13.54 2.99 -29.60
C ALA B 145 -13.38 1.77 -30.50
N PRO B 146 -14.11 1.73 -31.62
CA PRO B 146 -14.02 0.52 -32.47
C PRO B 146 -12.61 0.14 -32.91
N MET B 147 -11.73 1.12 -33.21
CA MET B 147 -10.36 0.76 -33.64
C MET B 147 -9.50 0.20 -32.55
N GLU B 148 -9.95 0.30 -31.30
CA GLU B 148 -9.16 -0.17 -30.18
C GLU B 148 -9.55 -1.55 -29.69
N THR B 149 -10.57 -2.16 -30.27
CA THR B 149 -11.10 -3.39 -29.61
C THR B 149 -11.60 -4.38 -30.67
N GLY B 150 -12.01 -5.54 -30.21
CA GLY B 150 -12.55 -6.57 -31.11
C GLY B 150 -14.03 -6.36 -31.42
N LEU B 151 -14.71 -7.48 -31.70
CA LEU B 151 -16.08 -7.47 -32.20
C LEU B 151 -17.01 -8.24 -31.28
N PRO B 152 -18.29 -7.84 -31.19
CA PRO B 152 -19.15 -8.57 -30.29
C PRO B 152 -19.97 -9.68 -30.96
N TRP B 153 -19.73 -9.93 -32.25
CA TRP B 153 -20.61 -10.79 -33.04
C TRP B 153 -20.51 -12.28 -32.66
N GLY B 154 -21.55 -13.04 -32.97
CA GLY B 154 -21.50 -14.50 -32.91
C GLY B 154 -21.98 -15.05 -31.57
N ILE B 155 -21.72 -16.34 -31.35
CA ILE B 155 -22.23 -17.04 -30.19
C ILE B 155 -21.33 -16.66 -29.02
N LYS B 156 -21.82 -16.90 -27.80
CA LYS B 156 -21.10 -16.61 -26.57
C LYS B 156 -19.74 -17.27 -26.62
N ASN B 157 -18.72 -16.50 -26.30
CA ASN B 157 -17.35 -16.95 -26.37
C ASN B 157 -16.63 -16.25 -25.24
N GLY B 158 -16.45 -16.92 -24.12
CA GLY B 158 -15.78 -16.26 -23.00
C GLY B 158 -16.48 -14.98 -22.53
N ASN B 159 -15.70 -14.06 -22.00
CA ASN B 159 -16.27 -12.87 -21.40
C ASN B 159 -15.23 -11.78 -21.36
N ASN B 160 -15.67 -10.57 -21.05
CA ASN B 160 -14.69 -9.52 -20.76
C ASN B 160 -15.10 -8.77 -19.52
N ASP B 161 -15.29 -9.55 -18.46
CA ASP B 161 -15.72 -8.99 -17.18
C ASP B 161 -14.80 -7.89 -16.68
N GLU B 162 -13.50 -8.01 -16.93
CA GLU B 162 -12.54 -6.97 -16.51
C GLU B 162 -12.85 -5.60 -17.15
N ALA B 163 -13.10 -5.60 -18.47
CA ALA B 163 -13.39 -4.37 -19.18
C ALA B 163 -14.70 -3.74 -18.67
N ILE B 164 -15.68 -4.58 -18.31
CA ILE B 164 -17.00 -4.05 -17.92
C ILE B 164 -17.14 -3.76 -16.41
N SER B 165 -16.09 -4.09 -15.67
CA SER B 165 -16.07 -3.95 -14.22
C SER B 165 -15.17 -2.86 -13.74
N ARG B 166 -14.78 -1.94 -14.62
CA ARG B 166 -13.82 -0.91 -14.24
C ARG B 166 -14.39 -0.08 -13.10
N GLN B 167 -13.58 0.21 -12.07
CA GLN B 167 -13.97 1.07 -10.95
C GLN B 167 -14.23 2.53 -11.43
N ARG B 168 -15.38 3.11 -11.08
CA ARG B 168 -15.65 4.51 -11.41
C ARG B 168 -14.61 5.38 -10.67
N VAL B 169 -14.26 6.50 -11.28
CA VAL B 169 -13.22 7.39 -10.75
C VAL B 169 -13.86 8.75 -10.54
N THR B 170 -13.89 9.22 -9.30
CA THR B 170 -14.48 10.51 -8.94
C THR B 170 -13.56 11.24 -7.97
N ALA B 171 -13.16 12.45 -8.30
CA ALA B 171 -12.49 13.29 -7.30
C ALA B 171 -13.51 13.76 -6.27
N ARG B 172 -13.13 13.73 -5.00
CA ARG B 172 -13.90 14.36 -3.93
C ARG B 172 -13.66 15.88 -3.94
N ARG B 173 -12.43 16.30 -4.21
CA ARG B 173 -12.12 17.72 -4.22
C ARG B 173 -11.32 18.03 -5.49
N MET B 174 -10.19 17.34 -5.65
CA MET B 174 -9.39 17.44 -6.86
C MET B 174 -8.48 16.23 -6.97
N VAL B 175 -8.28 15.80 -8.22
CA VAL B 175 -7.29 14.80 -8.55
C VAL B 175 -5.96 15.14 -7.87
N GLY B 176 -5.36 14.15 -7.21
CA GLY B 176 -3.98 14.28 -6.78
C GLY B 176 -3.82 14.78 -5.36
N LEU B 177 -4.91 15.26 -4.75
CA LEU B 177 -4.87 15.76 -3.38
C LEU B 177 -4.70 14.57 -2.42
N PRO B 178 -4.13 14.79 -1.22
CA PRO B 178 -3.96 13.61 -0.33
C PRO B 178 -5.27 12.92 -0.02
N GLY B 179 -5.31 11.61 -0.20
CA GLY B 179 -6.53 10.88 0.05
C GLY B 179 -7.56 10.96 -1.08
N ASP B 180 -7.31 11.78 -2.11
CA ASP B 180 -8.27 11.90 -3.23
C ASP B 180 -7.86 10.99 -4.40
N THR B 181 -8.63 11.01 -5.48
CA THR B 181 -8.36 10.14 -6.61
C THR B 181 -6.98 10.48 -7.24
N PRO B 182 -6.20 9.46 -7.61
CA PRO B 182 -4.79 9.73 -7.93
C PRO B 182 -4.54 10.19 -9.36
N VAL B 183 -3.38 10.82 -9.59
CA VAL B 183 -2.84 11.05 -10.92
C VAL B 183 -2.65 9.69 -11.63
N ARG B 184 -2.84 9.67 -12.95
CA ARG B 184 -2.62 8.46 -13.74
C ARG B 184 -1.17 8.38 -14.20
N THR B 185 -0.56 7.19 -14.12
CA THR B 185 0.85 6.99 -14.52
C THR B 185 0.98 5.67 -15.23
N ASP B 186 2.11 5.47 -15.94
CA ASP B 186 2.42 4.15 -16.48
C ASP B 186 2.42 3.14 -15.33
N ALA B 187 3.08 3.52 -14.23
CA ALA B 187 3.20 2.66 -13.05
C ALA B 187 1.87 2.19 -12.46
N ASN B 188 0.84 3.03 -12.48
CA ASN B 188 -0.46 2.58 -11.95
C ASN B 188 -1.43 2.06 -12.97
N GLY B 189 -0.96 1.82 -14.19
CA GLY B 189 -1.76 1.07 -15.16
C GLY B 189 -2.45 1.92 -16.20
N PHE B 190 -1.99 3.16 -16.36
CA PHE B 190 -2.62 4.09 -17.30
C PHE B 190 -1.61 4.74 -18.21
N PRO B 191 -1.18 4.01 -19.25
CA PRO B 191 -0.28 4.57 -20.22
C PRO B 191 -1.01 5.56 -21.11
N VAL B 192 -0.26 6.39 -21.80
CA VAL B 192 -0.84 7.36 -22.72
C VAL B 192 -1.50 6.63 -23.91
N ASN B 193 -2.74 6.99 -24.22
CA ASN B 193 -3.44 6.44 -25.38
C ASN B 193 -2.73 6.76 -26.72
N ARG B 194 -2.76 5.81 -27.66
CA ARG B 194 -2.04 6.02 -28.92
C ARG B 194 -2.43 7.32 -29.63
N GLN B 195 -3.69 7.73 -29.53
CA GLN B 195 -4.10 8.93 -30.27
C GLN B 195 -3.83 10.20 -29.47
N PHE B 196 -3.11 10.04 -28.36
CA PHE B 196 -2.65 11.20 -27.60
C PHE B 196 -1.13 11.12 -27.42
N ALA B 197 -0.46 10.35 -28.27
CA ALA B 197 0.98 10.07 -28.05
C ALA B 197 1.87 11.32 -28.01
N ASP B 198 1.46 12.40 -28.66
CA ASP B 198 2.21 13.65 -28.64
C ASP B 198 1.88 14.58 -27.47
N VAL B 199 0.96 14.21 -26.59
CA VAL B 199 0.56 15.15 -25.51
C VAL B 199 1.65 15.28 -24.42
N PRO B 200 2.08 16.52 -24.09
CA PRO B 200 3.10 16.61 -23.03
C PRO B 200 2.62 16.04 -21.69
N GLN B 201 3.54 15.38 -20.99
CA GLN B 201 3.23 14.69 -19.74
C GLN B 201 3.84 15.29 -18.45
N GLU B 202 4.69 16.30 -18.55
CA GLU B 202 5.29 16.91 -17.34
C GLU B 202 4.26 17.43 -16.33
N GLN B 203 4.52 17.26 -15.04
CA GLN B 203 3.63 17.83 -14.02
C GLN B 203 4.02 19.30 -13.82
N PRO B 204 3.06 20.12 -13.39
CA PRO B 204 3.43 21.49 -13.02
C PRO B 204 4.43 21.52 -11.86
N VAL B 205 5.18 22.61 -11.75
CA VAL B 205 6.08 22.84 -10.60
C VAL B 205 5.20 23.20 -9.43
N VAL B 206 5.40 22.50 -8.32
CA VAL B 206 4.64 22.73 -7.12
C VAL B 206 5.68 22.81 -5.98
N GLU B 207 5.80 23.98 -5.35
CA GLU B 207 6.58 24.08 -4.13
C GLU B 207 5.79 24.65 -2.98
N ALA B 208 5.49 23.79 -2.02
CA ALA B 208 4.82 24.16 -0.82
C ALA B 208 5.86 24.56 0.20
N GLU B 209 5.51 25.54 1.03
CA GLU B 209 6.28 25.87 2.21
C GLU B 209 5.98 24.82 3.28
N PRO B 210 6.91 24.59 4.23
CA PRO B 210 6.67 23.58 5.26
C PRO B 210 5.31 23.76 5.96
N GLY B 211 4.57 22.66 6.14
CA GLY B 211 3.27 22.72 6.78
C GLY B 211 2.10 22.92 5.83
N PHE B 212 2.37 23.28 4.60
CA PHE B 212 1.30 23.52 3.64
C PHE B 212 1.25 22.54 2.46
N GLU B 213 1.96 21.43 2.56
CA GLU B 213 2.03 20.50 1.42
C GLU B 213 0.67 19.92 1.00
N ALA B 214 -0.26 19.79 1.94
CA ALA B 214 -1.60 19.27 1.64
C ALA B 214 -2.49 20.20 0.82
N GLU B 215 -2.20 21.51 0.82
CA GLU B 215 -3.10 22.45 0.12
C GLU B 215 -2.49 23.30 -1.00
N VAL B 216 -1.26 22.97 -1.36
CA VAL B 216 -0.61 23.54 -2.53
C VAL B 216 -0.57 22.36 -3.48
N SER B 217 -1.47 22.34 -4.44
CA SER B 217 -1.65 21.16 -5.26
C SER B 217 -2.00 21.50 -6.71
N ALA B 218 -1.31 20.86 -7.65
CA ALA B 218 -1.61 21.02 -9.06
C ALA B 218 -1.24 19.75 -9.81
N TYR B 219 -1.86 19.53 -10.97
CA TYR B 219 -1.59 18.33 -11.76
C TYR B 219 -1.83 18.64 -13.24
N ASN B 220 -1.20 17.85 -14.10
CA ASN B 220 -1.37 17.96 -15.55
C ASN B 220 -2.69 17.30 -15.98
N LEU B 221 -3.76 18.09 -16.08
CA LEU B 221 -5.07 17.53 -16.47
C LEU B 221 -5.09 16.94 -17.90
N PHE B 222 -4.49 17.67 -18.85
CA PHE B 222 -4.44 17.15 -20.22
C PHE B 222 -3.66 15.84 -20.27
N GLY B 223 -2.59 15.74 -19.49
CA GLY B 223 -1.87 14.44 -19.30
C GLY B 223 -2.79 13.34 -18.74
N TYR B 224 -3.57 13.71 -17.72
CA TYR B 224 -4.50 12.78 -17.07
C TYR B 224 -5.55 12.27 -18.07
N LEU B 225 -6.08 13.18 -18.89
CA LEU B 225 -7.01 12.77 -19.93
C LEU B 225 -6.40 11.93 -21.01
N SER B 226 -5.14 12.20 -21.37
CA SER B 226 -4.46 11.44 -22.43
C SER B 226 -4.27 9.97 -22.02
N ARG B 227 -4.46 9.70 -20.73
CA ARG B 227 -4.30 8.36 -20.18
C ARG B 227 -5.61 7.68 -19.82
N SER B 228 -6.72 8.35 -20.11
CA SER B 228 -8.00 7.71 -19.90
C SER B 228 -8.06 6.45 -20.75
N ASP B 229 -8.44 5.34 -20.12
CA ASP B 229 -8.53 4.05 -20.81
C ASP B 229 -9.94 3.74 -21.36
N VAL B 230 -10.87 4.70 -21.29
CA VAL B 230 -12.23 4.48 -21.78
C VAL B 230 -12.68 5.68 -22.61
N THR B 231 -13.74 5.53 -23.39
CA THR B 231 -14.26 6.67 -24.17
C THR B 231 -15.63 7.12 -23.66
N TRP B 232 -15.94 8.41 -23.78
CA TRP B 232 -17.28 8.90 -23.45
C TRP B 232 -17.65 8.51 -22.01
N ASN B 233 -16.88 9.03 -21.06
CA ASN B 233 -17.06 8.73 -19.66
C ASN B 233 -16.76 9.94 -18.78
N PRO B 234 -17.68 10.90 -18.74
CA PRO B 234 -17.44 12.11 -17.93
C PRO B 234 -17.06 11.70 -16.50
N SER B 235 -15.93 12.19 -16.02
CA SER B 235 -15.39 11.70 -14.77
C SER B 235 -14.96 12.89 -13.94
N VAL B 236 -15.44 13.03 -12.69
CA VAL B 236 -15.17 14.26 -11.88
C VAL B 236 -13.68 14.44 -11.61
N CYS B 237 -13.14 15.59 -12.01
CA CYS B 237 -11.77 15.94 -11.65
C CYS B 237 -11.63 17.05 -10.59
N SER B 238 -12.67 17.86 -10.38
CA SER B 238 -12.59 18.97 -9.42
C SER B 238 -14.00 19.41 -9.08
N VAL B 239 -14.21 19.84 -7.83
CA VAL B 239 -15.54 20.03 -7.26
C VAL B 239 -15.60 21.38 -6.56
N VAL B 240 -16.66 22.14 -6.84
CA VAL B 240 -16.96 23.36 -6.08
C VAL B 240 -18.45 23.29 -5.79
N GLY B 241 -18.82 22.88 -4.58
CA GLY B 241 -20.24 22.64 -4.29
C GLY B 241 -20.80 21.64 -5.30
N ASP B 242 -21.91 22.01 -5.96
CA ASP B 242 -22.52 21.17 -7.00
C ASP B 242 -21.92 21.29 -8.40
N SER B 243 -20.92 22.17 -8.55
CA SER B 243 -20.24 22.36 -9.82
C SER B 243 -19.18 21.28 -9.97
N LEU B 244 -19.33 20.48 -11.03
CA LEU B 244 -18.48 19.31 -11.25
C LEU B 244 -17.81 19.43 -12.59
N PHE B 245 -16.48 19.50 -12.58
CA PHE B 245 -15.71 19.38 -13.82
C PHE B 245 -15.53 17.88 -14.12
N CYS B 246 -16.09 17.43 -15.25
CA CYS B 246 -16.18 16.00 -15.61
C CYS B 246 -15.57 15.73 -17.00
N PRO B 247 -14.25 15.94 -17.15
CA PRO B 247 -13.67 15.74 -18.46
C PRO B 247 -13.53 14.26 -18.84
N THR B 248 -13.23 13.99 -20.10
CA THR B 248 -13.27 12.61 -20.65
C THR B 248 -12.53 12.59 -22.00
N SER B 249 -12.13 11.42 -22.47
CA SER B 249 -11.56 11.32 -23.81
C SER B 249 -12.58 10.68 -24.74
N GLU B 250 -12.84 11.30 -25.89
CA GLU B 250 -13.96 10.89 -26.75
C GLU B 250 -13.42 10.45 -28.10
N GLU B 251 -13.96 9.36 -28.63
CA GLU B 251 -13.55 8.85 -29.93
C GLU B 251 -14.74 8.10 -30.50
N PHE B 252 -14.99 8.27 -31.81
CA PHE B 252 -16.13 7.67 -32.51
C PHE B 252 -17.44 8.38 -32.10
N ILE B 253 -18.46 7.64 -31.68
CA ILE B 253 -19.82 8.21 -31.43
C ILE B 253 -20.25 7.99 -29.98
N LEU B 254 -20.75 9.04 -29.33
CA LEU B 254 -21.33 8.88 -27.99
C LEU B 254 -22.40 7.78 -28.12
N PRO B 255 -22.34 6.72 -27.28
CA PRO B 255 -23.22 5.55 -27.50
C PRO B 255 -24.69 5.78 -27.16
N VAL B 256 -25.00 6.96 -26.66
CA VAL B 256 -26.39 7.31 -26.35
C VAL B 256 -26.77 8.71 -26.90
N GLU B 257 -28.06 9.04 -26.92
CA GLU B 257 -28.48 10.43 -27.06
C GLU B 257 -28.90 10.89 -25.65
N HIS B 258 -28.17 11.85 -25.10
CA HIS B 258 -28.42 12.25 -23.74
C HIS B 258 -29.41 13.38 -23.67
N GLY B 259 -30.53 13.15 -22.99
CA GLY B 259 -31.52 14.23 -22.79
C GLY B 259 -31.44 14.61 -21.32
N ASN B 260 -30.64 15.61 -21.00
CA ASN B 260 -30.42 15.95 -19.60
C ASN B 260 -31.66 16.57 -18.99
N ASP B 261 -31.78 16.51 -17.65
CA ASP B 261 -32.90 17.14 -16.96
C ASP B 261 -32.46 18.46 -16.32
N ARG B 262 -31.38 19.03 -16.85
CA ARG B 262 -30.81 20.31 -16.40
C ARG B 262 -30.02 20.82 -17.57
N CYS B 263 -29.54 22.07 -17.52
CA CYS B 263 -28.59 22.52 -18.55
C CYS B 263 -27.22 21.94 -18.25
N GLU B 264 -26.45 21.69 -19.28
CA GLU B 264 -25.07 21.24 -19.07
C GLU B 264 -24.16 21.90 -20.10
N TRP B 265 -22.86 21.96 -19.83
CA TRP B 265 -21.96 22.68 -20.74
C TRP B 265 -20.82 21.79 -21.22
N PHE B 266 -20.38 22.05 -22.45
CA PHE B 266 -19.25 21.37 -23.06
C PHE B 266 -18.16 22.37 -23.38
N LEU B 267 -16.96 22.13 -22.85
CA LEU B 267 -15.79 22.89 -23.27
C LEU B 267 -14.85 21.93 -23.97
N GLN B 268 -14.59 22.19 -25.26
CA GLN B 268 -13.72 21.37 -26.06
C GLN B 268 -12.28 21.73 -25.75
N LEU B 269 -11.50 20.74 -25.32
CA LEU B 269 -10.15 20.99 -24.83
C LEU B 269 -9.09 20.67 -25.89
N SER B 270 -9.35 19.66 -26.73
CA SER B 270 -8.51 19.38 -27.89
C SER B 270 -9.36 18.94 -29.10
N ASP B 271 -8.75 19.04 -30.27
CA ASP B 271 -9.32 18.52 -31.51
C ASP B 271 -10.76 18.99 -31.75
N GLU B 272 -11.66 18.10 -32.15
CA GLU B 272 -12.98 18.56 -32.64
C GLU B 272 -14.10 17.58 -32.39
N ILE B 273 -15.27 18.07 -31.98
CA ILE B 273 -16.43 17.21 -31.86
C ILE B 273 -17.59 17.87 -32.58
N VAL B 274 -18.46 17.07 -33.19
CA VAL B 274 -19.72 17.58 -33.70
C VAL B 274 -20.85 16.97 -32.90
N TRP B 275 -21.76 17.80 -32.42
CA TRP B 275 -22.90 17.35 -31.61
C TRP B 275 -24.15 17.40 -32.48
N ASP B 276 -24.80 16.24 -32.62
CA ASP B 276 -26.10 16.11 -33.22
C ASP B 276 -27.14 16.46 -32.15
N VAL B 277 -27.86 17.57 -32.34
CA VAL B 277 -28.82 18.03 -31.34
C VAL B 277 -30.24 17.81 -31.82
N LYS B 278 -31.03 17.06 -31.05
CA LYS B 278 -32.43 16.81 -31.37
C LYS B 278 -33.35 17.27 -30.27
N ASP B 279 -34.62 17.40 -30.60
CA ASP B 279 -35.59 17.74 -29.56
C ASP B 279 -35.61 16.65 -28.51
N LYS B 280 -35.58 17.02 -27.22
CA LYS B 280 -35.59 15.99 -26.19
C LYS B 280 -36.88 15.16 -26.25
N GLU B 281 -38.04 15.83 -26.37
CA GLU B 281 -39.31 15.15 -26.34
C GLU B 281 -39.61 14.34 -27.60
N SER B 282 -39.34 14.90 -28.78
CA SER B 282 -39.74 14.25 -30.04
C SER B 282 -38.62 13.50 -30.78
N GLY B 283 -37.37 13.87 -30.54
CA GLY B 283 -36.24 13.37 -31.32
C GLY B 283 -36.01 14.05 -32.69
N LYS B 284 -36.79 15.08 -33.00
CA LYS B 284 -36.57 15.85 -34.24
C LYS B 284 -35.24 16.60 -34.26
N PRO B 285 -34.43 16.40 -35.32
CA PRO B 285 -33.23 17.22 -35.52
C PRO B 285 -33.50 18.72 -35.32
N ARG B 286 -32.59 19.40 -34.63
CA ARG B 286 -32.72 20.83 -34.36
C ARG B 286 -31.47 21.61 -34.74
N ALA B 287 -30.30 21.03 -34.48
CA ALA B 287 -29.04 21.74 -34.72
C ALA B 287 -27.88 20.75 -34.81
N ARG B 288 -26.76 21.19 -35.34
CA ARG B 288 -25.51 20.44 -35.30
C ARG B 288 -24.48 21.43 -34.81
N VAL B 289 -23.80 21.12 -33.69
CA VAL B 289 -22.85 22.04 -33.09
C VAL B 289 -21.42 21.51 -33.28
N THR B 290 -20.57 22.29 -33.92
CA THR B 290 -19.17 21.87 -34.16
C THR B 290 -18.31 22.64 -33.18
N ALA B 291 -17.51 21.94 -32.39
CA ALA B 291 -16.70 22.59 -31.37
C ALA B 291 -15.26 22.20 -31.62
N ARG B 292 -14.38 23.20 -31.65
CA ARG B 292 -12.94 22.98 -31.79
C ARG B 292 -12.29 23.47 -30.50
N ALA B 293 -10.96 23.35 -30.38
CA ALA B 293 -10.28 23.61 -29.11
C ALA B 293 -10.58 25.03 -28.58
N GLY B 294 -10.99 25.12 -27.32
CA GLY B 294 -11.38 26.40 -26.69
C GLY B 294 -12.87 26.74 -26.83
N ASP B 295 -13.59 26.02 -27.71
CA ASP B 295 -15.02 26.31 -27.90
C ASP B 295 -15.86 25.82 -26.72
N ILE B 296 -16.70 26.70 -26.20
CA ILE B 296 -17.56 26.30 -25.10
C ILE B 296 -19.00 26.55 -25.50
N CYS B 297 -19.88 25.62 -25.18
CA CYS B 297 -21.30 25.81 -25.45
C CYS B 297 -22.14 25.12 -24.42
N CYS B 298 -23.42 25.46 -24.42
CA CYS B 298 -24.39 24.91 -23.51
CA CYS B 298 -24.36 24.84 -23.51
C CYS B 298 -25.36 24.01 -24.27
N MET B 299 -25.73 22.90 -23.68
CA MET B 299 -26.76 22.05 -24.18
C MET B 299 -28.02 22.43 -23.36
N PRO B 300 -29.06 22.99 -24.00
CA PRO B 300 -30.32 23.32 -23.31
C PRO B 300 -30.99 22.10 -22.71
N ALA B 301 -31.75 22.30 -21.63
CA ALA B 301 -32.42 21.19 -20.97
C ALA B 301 -33.57 20.59 -21.79
N ASP B 302 -33.98 21.24 -22.89
CA ASP B 302 -35.07 20.69 -23.71
C ASP B 302 -34.56 19.95 -24.98
N ILE B 303 -33.27 19.70 -25.06
CA ILE B 303 -32.74 18.93 -26.18
C ILE B 303 -32.05 17.66 -25.72
N ARG B 304 -31.82 16.73 -26.65
CA ARG B 304 -30.89 15.60 -26.45
C ARG B 304 -29.76 15.72 -27.46
N HIS B 305 -28.61 15.18 -27.10
CA HIS B 305 -27.41 15.39 -27.91
C HIS B 305 -26.62 14.12 -28.04
N GLN B 306 -25.89 14.00 -29.16
CA GLN B 306 -25.03 12.86 -29.40
C GLN B 306 -23.77 13.31 -30.15
N GLY B 307 -22.60 12.98 -29.59
CA GLY B 307 -21.32 13.49 -30.10
C GLY B 307 -20.60 12.59 -31.09
N TYR B 308 -19.89 13.22 -32.03
CA TYR B 308 -19.03 12.56 -33.00
C TYR B 308 -17.59 13.11 -32.95
N SER B 309 -16.63 12.22 -32.77
CA SER B 309 -15.24 12.64 -32.61
C SER B 309 -14.36 11.71 -33.40
N THR B 310 -13.81 12.19 -34.50
CA THR B 310 -13.00 11.30 -35.37
C THR B 310 -11.71 10.89 -34.70
N LYS B 311 -10.92 11.87 -34.30
CA LYS B 311 -9.72 11.61 -33.52
C LYS B 311 -10.11 11.62 -32.05
N ARG B 312 -9.47 10.76 -31.25
CA ARG B 312 -9.69 10.81 -29.82
C ARG B 312 -9.43 12.25 -29.32
N SER B 313 -10.40 12.84 -28.60
CA SER B 313 -10.33 14.26 -28.23
C SER B 313 -10.59 14.44 -26.73
N MET B 314 -10.14 15.57 -26.21
CA MET B 314 -10.33 15.90 -24.81
C MET B 314 -11.51 16.85 -24.67
N LEU B 315 -12.49 16.44 -23.88
CA LEU B 315 -13.70 17.25 -23.69
C LEU B 315 -13.90 17.46 -22.20
N LEU B 316 -14.25 18.68 -21.80
CA LEU B 316 -14.68 18.94 -20.43
C LEU B 316 -16.20 18.98 -20.43
N VAL B 317 -16.84 18.09 -19.68
CA VAL B 317 -18.27 18.18 -19.49
C VAL B 317 -18.45 18.84 -18.12
N TRP B 318 -19.25 19.90 -18.07
CA TRP B 318 -19.45 20.65 -16.84
C TRP B 318 -20.89 20.54 -16.36
N GLU B 319 -21.06 19.92 -15.19
CA GLU B 319 -22.39 19.67 -14.64
C GLU B 319 -22.64 20.48 -13.37
N ASN B 320 -23.91 20.80 -13.16
CA ASN B 320 -24.46 21.23 -11.89
C ASN B 320 -25.26 20.05 -11.30
N GLY B 321 -24.72 19.39 -10.30
CA GLY B 321 -25.35 18.19 -9.75
C GLY B 321 -26.45 18.43 -8.71
N SER B 322 -26.91 19.66 -8.59
CA SER B 322 -27.95 19.98 -7.59
C SER B 322 -29.22 19.21 -7.91
N PRO B 323 -29.79 18.49 -6.93
CA PRO B 323 -31.02 17.75 -7.16
C PRO B 323 -32.25 18.64 -7.29
N LYS B 324 -32.15 19.95 -7.02
CA LYS B 324 -33.34 20.80 -7.13
C LYS B 324 -33.73 21.09 -8.57
N ILE B 325 -32.78 20.93 -9.51
CA ILE B 325 -32.94 21.43 -10.88
C ILE B 325 -34.10 20.79 -11.66
N PRO B 326 -34.20 19.45 -11.66
CA PRO B 326 -35.22 18.88 -12.56
C PRO B 326 -36.67 19.34 -12.27
N GLN B 327 -37.03 19.50 -11.01
CA GLN B 327 -38.40 19.98 -10.70
C GLN B 327 -38.55 21.45 -11.13
N MET B 328 -37.51 22.24 -10.93
CA MET B 328 -37.56 23.63 -11.32
C MET B 328 -37.78 23.80 -12.82
N ILE B 329 -37.05 23.02 -13.63
CA ILE B 329 -37.25 23.02 -15.09
C ILE B 329 -38.70 22.62 -15.42
N ALA B 330 -39.16 21.52 -14.85
CA ALA B 330 -40.54 21.06 -15.01
C ALA B 330 -41.56 22.16 -14.69
N ASP B 331 -41.33 22.93 -13.63
CA ASP B 331 -42.22 24.02 -13.20
C ASP B 331 -42.08 25.27 -14.04
N GLY B 332 -40.95 25.42 -14.70
CA GLY B 332 -40.64 26.66 -15.38
C GLY B 332 -40.15 27.71 -14.39
N THR B 333 -39.73 27.27 -13.19
CA THR B 333 -39.01 28.15 -12.26
C THR B 333 -37.52 28.22 -12.52
N ALA B 334 -37.00 27.30 -13.34
CA ALA B 334 -35.64 27.41 -13.85
C ALA B 334 -35.71 27.45 -15.38
N PRO B 335 -34.83 28.23 -16.05
CA PRO B 335 -34.93 28.33 -17.51
C PRO B 335 -34.34 27.11 -18.23
N VAL B 336 -34.71 26.93 -19.49
CA VAL B 336 -34.24 25.81 -20.26
C VAL B 336 -32.86 26.12 -20.87
N VAL B 337 -32.54 27.41 -20.91
CA VAL B 337 -31.23 27.91 -21.33
C VAL B 337 -30.72 28.78 -20.17
N PRO B 338 -29.43 28.64 -19.77
CA PRO B 338 -28.99 29.32 -18.53
C PRO B 338 -28.79 30.84 -18.65
N VAL B 339 -28.74 31.34 -19.87
CA VAL B 339 -28.36 32.72 -20.14
C VAL B 339 -29.16 33.17 -21.37
N THR B 340 -29.71 34.38 -21.34
CA THR B 340 -30.22 35.00 -22.58
C THR B 340 -29.58 36.36 -22.85
N PHE B 341 -29.51 36.76 -24.13
CA PHE B 341 -28.82 38.00 -24.52
C PHE B 341 -29.41 38.65 -25.77
N ASP C 3 0.60 7.65 42.90
CA ASP C 3 0.47 7.11 41.53
C ASP C 3 -0.57 7.92 40.74
N VAL C 4 -0.25 8.33 39.52
CA VAL C 4 -1.13 9.24 38.74
C VAL C 4 -2.47 8.60 38.33
N VAL C 5 -3.57 9.24 38.67
CA VAL C 5 -4.89 8.74 38.29
C VAL C 5 -5.69 9.84 37.56
N THR C 6 -5.94 9.59 36.29
CA THR C 6 -6.73 10.49 35.47
C THR C 6 -8.21 10.06 35.56
N GLU C 7 -9.05 10.94 36.12
CA GLU C 7 -10.44 10.60 36.40
C GLU C 7 -11.32 10.84 35.19
N PHE C 8 -11.91 9.78 34.63
CA PHE C 8 -12.88 9.89 33.53
C PHE C 8 -14.24 9.47 34.05
N GLY C 9 -15.29 10.01 33.46
CA GLY C 9 -16.66 9.72 33.87
C GLY C 9 -17.12 8.45 33.14
N ALA C 10 -18.27 7.94 33.55
CA ALA C 10 -18.92 6.76 32.93
C ALA C 10 -20.40 6.86 33.27
N LEU C 11 -21.25 6.18 32.50
CA LEU C 11 -22.69 6.13 32.76
C LEU C 11 -22.97 5.77 34.22
N THR C 12 -22.17 4.86 34.77
CA THR C 12 -22.41 4.30 36.12
C THR C 12 -21.60 5.00 37.19
N ASP C 13 -20.79 5.97 36.78
CA ASP C 13 -19.88 6.58 37.72
C ASP C 13 -19.48 7.95 37.23
N TYR C 14 -20.25 8.97 37.61
CA TYR C 14 -19.86 10.36 37.37
C TYR C 14 -20.21 11.14 38.63
N ARG C 15 -19.63 12.33 38.77
CA ARG C 15 -19.84 13.17 39.94
C ARG C 15 -19.98 14.60 39.47
N LYS C 16 -21.21 15.00 39.19
CA LYS C 16 -21.52 16.29 38.61
C LYS C 16 -21.03 17.42 39.52
N GLY C 17 -20.50 18.49 38.93
CA GLY C 17 -20.12 19.70 39.69
C GLY C 17 -21.31 20.64 39.70
N GLY C 18 -21.08 21.95 39.53
CA GLY C 18 -22.21 22.86 39.47
C GLY C 18 -21.84 24.32 39.55
N VAL C 19 -22.87 25.16 39.70
CA VAL C 19 -22.69 26.60 39.69
C VAL C 19 -22.90 27.18 41.10
N GLU C 20 -21.90 27.92 41.54
CA GLU C 20 -21.96 28.59 42.80
C GLU C 20 -22.20 30.05 42.42
N ILE C 21 -23.27 30.65 42.93
CA ILE C 21 -23.65 32.01 42.56
C ILE C 21 -23.09 33.09 43.49
N ILE C 22 -22.53 34.16 42.94
CA ILE C 22 -22.22 35.32 43.76
C ILE C 22 -23.28 36.35 43.45
N ASP C 23 -23.44 36.67 42.16
CA ASP C 23 -24.51 37.53 41.68
C ASP C 23 -24.82 37.19 40.23
N ASP C 24 -25.73 36.23 40.02
CA ASP C 24 -26.03 35.77 38.67
C ASP C 24 -27.27 34.87 38.69
N ASP C 25 -27.64 34.39 37.52
CA ASP C 25 -28.69 33.41 37.39
C ASP C 25 -28.04 32.09 36.95
N PRO C 26 -28.11 31.02 37.77
CA PRO C 26 -27.46 29.77 37.37
C PRO C 26 -27.89 29.23 35.99
N ARG C 27 -29.14 29.49 35.58
CA ARG C 27 -29.64 29.03 34.26
C ARG C 27 -28.78 29.48 33.08
N ASN C 28 -28.13 30.64 33.21
CA ASN C 28 -27.29 31.21 32.16
C ASN C 28 -26.16 30.30 31.72
N TYR C 29 -25.75 29.40 32.62
CA TYR C 29 -24.64 28.50 32.40
C TYR C 29 -25.06 27.14 31.82
N VAL C 30 -26.38 26.92 31.71
CA VAL C 30 -26.93 25.70 31.08
C VAL C 30 -26.11 24.46 31.44
N PHE C 31 -25.99 24.20 32.73
CA PHE C 31 -25.06 23.21 33.23
C PHE C 31 -25.68 21.82 33.21
N SER C 32 -24.99 20.84 32.63
CA SER C 32 -25.45 19.45 32.73
C SER C 32 -24.28 18.47 32.73
N ASN C 33 -24.58 17.20 32.98
CA ASN C 33 -23.56 16.19 32.85
C ASN C 33 -23.97 15.23 31.75
N VAL C 34 -23.08 15.01 30.79
CA VAL C 34 -23.47 14.28 29.57
C VAL C 34 -23.77 12.80 29.85
N PHE C 35 -23.14 12.27 30.89
CA PHE C 35 -23.39 10.89 31.32
C PHE C 35 -24.79 10.75 31.94
N GLU C 36 -25.16 11.70 32.78
CA GLU C 36 -26.50 11.73 33.36
C GLU C 36 -27.59 11.87 32.30
N VAL C 37 -27.40 12.81 31.38
CA VAL C 37 -28.27 12.96 30.21
C VAL C 37 -28.43 11.67 29.38
N ALA C 38 -27.32 11.02 28.99
CA ALA C 38 -27.38 9.74 28.28
C ALA C 38 -28.08 8.62 29.09
N ALA C 39 -27.79 8.56 30.41
CA ALA C 39 -28.37 7.52 31.27
C ALA C 39 -29.90 7.68 31.35
N ASN C 40 -30.38 8.93 31.23
CA ASN C 40 -31.79 9.26 31.33
C ASN C 40 -32.53 9.26 29.97
N ALA C 41 -31.81 9.09 28.87
CA ALA C 41 -32.47 9.10 27.55
C ALA C 41 -32.89 7.68 27.12
N ALA C 42 -33.73 7.59 26.09
CA ALA C 42 -34.00 6.31 25.42
C ALA C 42 -32.77 5.88 24.60
N PRO C 43 -32.64 4.58 24.25
CA PRO C 43 -31.44 4.22 23.46
C PRO C 43 -31.32 4.95 22.12
N TYR C 44 -30.14 5.49 21.83
CA TYR C 44 -29.84 6.24 20.59
C TYR C 44 -30.58 7.56 20.40
N GLU C 45 -31.35 7.95 21.40
CA GLU C 45 -31.93 9.27 21.41
C GLU C 45 -30.84 10.34 21.59
N ARG C 46 -30.82 11.30 20.67
CA ARG C 46 -29.78 12.32 20.63
C ARG C 46 -30.21 13.65 21.26
N VAL C 47 -29.87 13.79 22.53
CA VAL C 47 -30.34 14.91 23.34
C VAL C 47 -29.35 16.06 23.23
N ALA C 48 -29.81 17.25 22.86
CA ALA C 48 -28.91 18.42 22.81
C ALA C 48 -28.43 18.73 24.24
N VAL C 49 -27.11 18.83 24.43
CA VAL C 49 -26.55 19.27 25.70
C VAL C 49 -25.78 20.58 25.56
N GLY C 50 -25.52 20.99 24.32
CA GLY C 50 -24.89 22.28 24.04
C GLY C 50 -25.46 22.79 22.74
N LYS C 51 -25.71 24.10 22.66
CA LYS C 51 -26.26 24.71 21.45
C LYS C 51 -25.60 26.10 21.21
N ASN C 52 -25.26 26.39 19.97
CA ASN C 52 -24.65 27.68 19.65
C ASN C 52 -25.11 28.01 18.27
N PHE C 53 -26.14 28.86 18.22
CA PHE C 53 -27.00 29.03 17.02
C PHE C 53 -27.44 27.65 16.54
N GLU C 54 -27.18 27.30 15.27
CA GLU C 54 -27.65 26.03 14.73
C GLU C 54 -26.84 24.81 15.20
N TYR C 55 -25.56 25.03 15.57
CA TYR C 55 -24.67 23.94 15.97
C TYR C 55 -25.03 23.35 17.34
N VAL C 56 -24.89 22.04 17.44
CA VAL C 56 -25.16 21.33 18.70
C VAL C 56 -24.07 20.35 19.10
N ILE C 57 -24.01 20.08 20.40
CA ILE C 57 -23.44 18.86 20.90
C ILE C 57 -24.63 18.03 21.43
N GLU C 58 -24.70 16.75 21.01
CA GLU C 58 -25.76 15.84 21.47
C GLU C 58 -25.14 14.70 22.27
N SER C 59 -25.85 14.29 23.33
CA SER C 59 -25.42 13.16 24.15
C SER C 59 -26.38 12.01 23.89
N ALA C 60 -25.85 10.80 23.82
CA ALA C 60 -26.68 9.63 23.60
C ALA C 60 -26.13 8.39 24.27
N ARG C 61 -27.02 7.45 24.57
CA ARG C 61 -26.66 6.14 25.06
C ARG C 61 -26.87 5.13 23.93
N ALA C 62 -25.77 4.48 23.54
CA ALA C 62 -25.81 3.42 22.55
C ALA C 62 -26.13 2.16 23.34
N GLU C 63 -27.06 1.35 22.81
CA GLU C 63 -27.50 0.14 23.47
C GLU C 63 -28.11 -0.70 22.37
N GLY C 64 -27.50 -1.84 22.07
CA GLY C 64 -27.90 -2.63 20.90
C GLY C 64 -27.56 -1.96 19.57
N THR C 65 -28.38 -2.22 18.55
CA THR C 65 -28.13 -1.77 17.17
C THR C 65 -29.05 -0.63 16.82
N SER C 66 -28.50 0.49 16.33
CA SER C 66 -29.34 1.65 16.02
C SER C 66 -29.94 1.53 14.62
N GLY C 67 -30.85 2.43 14.28
CA GLY C 67 -31.24 2.58 12.88
C GLY C 67 -30.10 3.21 12.08
N TRP C 68 -30.27 3.30 10.77
CA TRP C 68 -29.30 3.97 9.93
C TRP C 68 -29.56 5.46 9.96
N PHE C 69 -28.48 6.24 9.89
CA PHE C 69 -28.55 7.69 9.83
C PHE C 69 -27.78 8.19 8.59
N SER C 70 -28.14 9.37 8.09
CA SER C 70 -27.25 10.08 7.16
C SER C 70 -27.44 11.57 7.33
N CYS C 71 -26.58 12.37 6.71
CA CYS C 71 -26.58 13.80 6.97
C CYS C 71 -26.07 14.61 5.78
N ALA C 72 -26.49 15.85 5.66
CA ALA C 72 -26.10 16.65 4.48
C ALA C 72 -24.68 17.25 4.65
N HIS C 73 -24.08 17.06 5.83
CA HIS C 73 -22.76 17.60 6.15
C HIS C 73 -22.02 16.60 7.06
N ASP C 74 -20.70 16.75 7.20
CA ASP C 74 -19.95 15.93 8.15
C ASP C 74 -20.48 16.12 9.56
N GLU C 75 -20.36 15.03 10.32
CA GLU C 75 -20.54 15.02 11.76
C GLU C 75 -19.41 14.22 12.37
N PHE C 76 -19.31 14.30 13.71
CA PHE C 76 -18.30 13.56 14.46
C PHE C 76 -18.93 12.91 15.70
N VAL C 77 -18.45 11.71 16.00
CA VAL C 77 -18.92 11.00 17.20
C VAL C 77 -17.70 10.76 18.10
N LEU C 78 -17.87 11.10 19.37
CA LEU C 78 -16.85 10.84 20.37
C LEU C 78 -17.43 9.86 21.39
N ALA C 79 -16.76 8.72 21.55
CA ALA C 79 -17.18 7.67 22.48
C ALA C 79 -16.69 8.10 23.87
N MET C 80 -17.59 8.11 24.83
CA MET C 80 -17.26 8.59 26.16
C MET C 80 -17.14 7.48 27.22
N ASP C 81 -17.60 6.26 26.91
CA ASP C 81 -17.62 5.21 27.91
C ASP C 81 -18.24 3.97 27.29
N GLY C 82 -17.44 2.94 27.08
CA GLY C 82 -17.94 1.66 26.61
C GLY C 82 -17.64 1.50 25.14
N GLN C 83 -17.60 0.28 24.67
CA GLN C 83 -17.28 0.00 23.29
C GLN C 83 -18.47 0.25 22.33
N ILE C 84 -18.23 1.01 21.26
CA ILE C 84 -19.26 1.30 20.25
C ILE C 84 -18.74 1.03 18.84
N GLU C 85 -19.47 0.22 18.08
CA GLU C 85 -19.13 -0.04 16.67
C GLU C 85 -19.80 0.95 15.77
N VAL C 86 -19.05 1.43 14.77
CA VAL C 86 -19.64 2.26 13.74
C VAL C 86 -19.58 1.46 12.44
N HIS C 87 -20.73 1.35 11.77
CA HIS C 87 -20.78 0.74 10.45
C HIS C 87 -21.06 1.79 9.42
N LEU C 88 -20.24 1.86 8.36
CA LEU C 88 -20.40 2.87 7.31
C LEU C 88 -20.72 2.28 5.93
N LEU C 89 -21.70 2.89 5.27
CA LEU C 89 -22.18 2.47 3.96
C LEU C 89 -22.15 3.70 3.03
N LYS C 90 -21.54 3.60 1.84
CA LYS C 90 -21.54 4.74 0.89
C LYS C 90 -22.82 4.70 0.10
N LEU C 91 -23.68 5.70 0.25
CA LEU C 91 -24.96 5.67 -0.45
C LEU C 91 -24.79 5.87 -1.98
N ASP C 92 -25.53 5.08 -2.76
CA ASP C 92 -25.60 5.20 -4.22
C ASP C 92 -26.21 6.54 -4.62
N ASN C 93 -27.28 6.93 -3.94
CA ASN C 93 -27.98 8.17 -4.16
C ASN C 93 -28.32 8.80 -2.81
N SER C 94 -27.40 9.51 -2.19
CA SER C 94 -27.69 10.03 -0.83
C SER C 94 -28.86 11.03 -0.81
N ASP C 95 -29.07 11.70 -1.95
CA ASP C 95 -30.20 12.62 -2.14
C ASP C 95 -31.54 11.91 -2.01
N ALA C 96 -31.56 10.60 -2.28
CA ALA C 96 -32.78 9.83 -2.08
C ALA C 96 -33.14 9.69 -0.59
N TYR C 97 -32.18 9.95 0.29
CA TYR C 97 -32.36 9.68 1.71
C TYR C 97 -32.29 10.96 2.54
N VAL C 98 -31.42 11.89 2.16
CA VAL C 98 -31.33 13.17 2.86
C VAL C 98 -31.33 14.34 1.88
N ASP C 99 -32.18 15.32 2.16
CA ASP C 99 -32.24 16.56 1.39
C ASP C 99 -30.91 17.28 1.52
N PRO C 100 -30.20 17.51 0.38
CA PRO C 100 -28.83 18.04 0.50
C PRO C 100 -28.77 19.48 1.02
N ASP C 101 -29.93 20.09 1.24
CA ASP C 101 -29.97 21.38 1.92
C ASP C 101 -30.48 21.40 3.37
N SER C 102 -30.89 20.24 3.87
CA SER C 102 -31.14 20.03 5.29
C SER C 102 -29.85 20.14 6.15
N GLU C 103 -30.03 20.09 7.47
CA GLU C 103 -28.90 20.03 8.39
C GLU C 103 -29.29 19.11 9.52
N GLY C 104 -28.26 18.57 10.16
CA GLY C 104 -28.46 17.65 11.26
C GLY C 104 -28.71 16.26 10.72
N ALA C 105 -28.47 15.26 11.55
CA ALA C 105 -28.67 13.90 11.08
C ALA C 105 -30.17 13.65 10.78
N VAL C 106 -30.40 12.69 9.87
CA VAL C 106 -31.74 12.23 9.51
C VAL C 106 -31.74 10.71 9.79
N ALA C 107 -32.79 10.22 10.45
CA ALA C 107 -32.94 8.77 10.65
C ALA C 107 -33.53 8.19 9.37
N ILE C 108 -32.82 7.26 8.76
CA ILE C 108 -33.24 6.71 7.47
C ILE C 108 -33.69 5.24 7.53
N GLY C 109 -33.93 4.71 8.73
CA GLY C 109 -34.53 3.39 8.85
C GLY C 109 -33.62 2.28 9.34
N GLU C 110 -34.25 1.17 9.72
CA GLU C 110 -33.54 0.02 10.25
C GLU C 110 -32.99 -0.79 9.08
N ALA C 111 -33.73 -0.78 7.96
CA ALA C 111 -33.34 -1.50 6.74
C ALA C 111 -32.03 -1.00 6.17
N LEU C 112 -31.26 -1.94 5.62
CA LEU C 112 -30.02 -1.60 4.95
C LEU C 112 -30.29 -0.67 3.76
N PRO C 113 -29.76 0.58 3.79
CA PRO C 113 -29.90 1.46 2.61
C PRO C 113 -29.08 0.97 1.42
N GLU C 114 -29.39 1.47 0.21
CA GLU C 114 -28.71 1.06 -1.01
C GLU C 114 -27.32 1.67 -1.14
N GLY C 115 -26.28 0.84 -1.15
CA GLY C 115 -24.95 1.39 -1.31
C GLY C 115 -23.86 0.38 -1.13
N ARG C 116 -22.62 0.86 -1.02
CA ARG C 116 -21.49 -0.03 -0.90
C ARG C 116 -20.97 0.04 0.52
N LYS C 117 -20.67 -1.15 1.07
CA LYS C 117 -19.87 -1.27 2.31
C LYS C 117 -18.61 -0.39 2.27
N MET C 118 -18.52 0.54 3.22
CA MET C 118 -17.38 1.46 3.34
C MET C 118 -16.38 0.98 4.36
N GLY C 119 -16.87 0.49 5.49
CA GLY C 119 -15.95 0.13 6.55
C GLY C 119 -16.58 -0.03 7.92
N ARG C 120 -15.74 -0.37 8.88
CA ARG C 120 -16.18 -0.60 10.23
C ARG C 120 -15.18 0.00 11.18
N ILE C 121 -15.66 0.66 12.22
CA ILE C 121 -14.78 1.28 13.21
C ILE C 121 -15.23 0.79 14.58
N VAL C 122 -14.29 0.37 15.40
CA VAL C 122 -14.63 0.06 16.80
C VAL C 122 -13.99 1.10 17.73
N LEU C 123 -14.85 1.89 18.35
CA LEU C 123 -14.46 2.97 19.25
C LEU C 123 -14.48 2.47 20.69
N ARG C 124 -13.49 2.93 21.47
CA ARG C 124 -13.55 2.81 22.93
C ARG C 124 -13.55 4.23 23.53
N ARG C 125 -13.66 4.31 24.86
CA ARG C 125 -13.65 5.60 25.55
C ARG C 125 -12.57 6.52 24.99
N GLY C 126 -12.95 7.74 24.66
CA GLY C 126 -12.00 8.76 24.17
C GLY C 126 -11.67 8.74 22.68
N HIS C 127 -12.27 7.81 21.94
CA HIS C 127 -12.03 7.72 20.51
C HIS C 127 -13.10 8.47 19.74
N MET C 128 -12.65 9.20 18.72
CA MET C 128 -13.53 10.01 17.90
C MET C 128 -13.49 9.43 16.47
N ALA C 129 -14.65 9.39 15.83
CA ALA C 129 -14.73 8.99 14.42
C ALA C 129 -15.38 10.08 13.59
N LEU C 130 -14.95 10.17 12.32
CA LEU C 130 -15.59 10.97 11.28
C LEU C 130 -16.86 10.24 10.82
N LEU C 131 -17.97 10.97 10.73
CA LEU C 131 -19.16 10.50 10.06
C LEU C 131 -19.31 11.33 8.79
N PRO C 132 -18.83 10.79 7.66
CA PRO C 132 -18.63 11.71 6.54
C PRO C 132 -19.90 11.89 5.75
N VAL C 133 -20.11 13.10 5.24
CA VAL C 133 -21.26 13.40 4.36
C VAL C 133 -21.25 12.38 3.20
N GLY C 134 -22.42 11.91 2.79
CA GLY C 134 -22.48 10.90 1.70
C GLY C 134 -22.52 9.45 2.17
N ALA C 135 -22.15 9.22 3.42
CA ALA C 135 -22.21 7.90 4.06
C ALA C 135 -23.49 7.76 4.84
N ALA C 136 -24.02 6.54 4.91
CA ALA C 136 -24.96 6.20 5.97
C ALA C 136 -24.18 5.53 7.10
N TYR C 137 -24.63 5.73 8.33
CA TYR C 137 -23.95 5.12 9.48
C TYR C 137 -24.96 4.56 10.46
N ARG C 138 -24.53 3.55 11.19
CA ARG C 138 -25.28 3.05 12.32
C ARG C 138 -24.33 2.48 13.36
N PHE C 139 -24.89 2.23 14.53
CA PHE C 139 -24.08 1.87 15.66
C PHE C 139 -24.51 0.52 16.22
N TYR C 140 -23.55 -0.15 16.85
CA TYR C 140 -23.84 -1.31 17.67
C TYR C 140 -23.01 -1.26 18.97
N ALA C 141 -23.71 -1.41 20.08
CA ALA C 141 -23.07 -1.48 21.39
C ALA C 141 -23.64 -2.68 22.14
N GLU C 142 -22.76 -3.64 22.47
CA GLU C 142 -23.21 -4.83 23.21
C GLU C 142 -23.73 -4.44 24.62
N GLN C 143 -23.04 -3.52 25.28
CA GLN C 143 -23.47 -2.99 26.58
C GLN C 143 -23.73 -1.48 26.45
N PRO C 144 -24.66 -0.94 27.29
CA PRO C 144 -24.90 0.49 27.28
C PRO C 144 -23.58 1.30 27.30
N ALA C 145 -23.46 2.26 26.38
CA ALA C 145 -22.26 3.10 26.27
C ALA C 145 -22.67 4.55 25.96
N ALA C 146 -21.93 5.53 26.49
CA ALA C 146 -22.21 6.95 26.23
C ALA C 146 -21.44 7.43 25.00
N MET C 147 -22.05 8.32 24.22
CA MET C 147 -21.35 8.95 23.11
C MET C 147 -21.85 10.36 22.90
N LEU C 148 -21.05 11.14 22.18
CA LEU C 148 -21.28 12.55 21.91
C LEU C 148 -21.24 12.81 20.41
N PHE C 149 -22.14 13.67 19.93
CA PHE C 149 -22.12 14.08 18.52
C PHE C 149 -21.81 15.54 18.39
N GLN C 150 -21.00 15.86 17.39
CA GLN C 150 -20.74 17.23 16.98
C GLN C 150 -21.53 17.35 15.68
N SER C 151 -22.65 18.05 15.74
CA SER C 151 -23.52 18.17 14.56
C SER C 151 -24.26 19.52 14.53
N ILE C 152 -25.38 19.53 13.82
CA ILE C 152 -26.23 20.70 13.70
C ILE C 152 -27.65 20.26 14.08
N GLU C 153 -28.43 21.17 14.63
CA GLU C 153 -29.78 20.88 15.11
C GLU C 153 -30.62 20.42 13.90
N GLY C 154 -31.29 19.28 14.02
CA GLY C 154 -32.17 18.82 12.94
C GLY C 154 -33.23 17.85 13.41
N ALA C 155 -33.59 16.91 12.54
CA ALA C 155 -34.74 16.01 12.77
C ALA C 155 -34.61 15.07 13.95
N VAL C 156 -33.39 14.65 14.27
CA VAL C 156 -33.18 13.73 15.39
C VAL C 156 -32.74 14.43 16.67
N THR C 157 -32.53 15.74 16.62
CA THR C 157 -32.07 16.47 17.81
C THR C 157 -33.21 16.58 18.83
N VAL C 158 -33.01 16.02 20.02
CA VAL C 158 -34.02 16.14 21.05
C VAL C 158 -33.63 17.25 22.01
N GLN C 159 -34.52 18.24 22.15
CA GLN C 159 -34.26 19.36 23.06
C GLN C 159 -35.07 19.19 24.34
N LYS C 160 -34.36 19.03 25.47
CA LYS C 160 -34.99 18.74 26.77
C LYS C 160 -34.50 19.71 27.82
N TRP C 161 -34.41 20.99 27.47
CA TRP C 161 -33.78 21.99 28.33
C TRP C 161 -34.32 22.04 29.76
N GLY C 162 -35.62 21.82 29.94
CA GLY C 162 -36.21 21.77 31.27
C GLY C 162 -35.91 20.53 32.09
N GLU C 163 -35.89 19.35 31.45
CA GLU C 163 -35.77 18.08 32.17
C GLU C 163 -34.33 17.62 32.32
N SER D 15 -9.95 57.78 11.41
CA SER D 15 -9.62 56.92 12.59
C SER D 15 -8.98 55.58 12.17
N LYS D 16 -7.91 55.66 11.39
CA LYS D 16 -7.22 54.44 10.92
C LYS D 16 -6.43 53.74 12.04
N ALA D 17 -6.35 52.42 11.95
CA ALA D 17 -5.58 51.60 12.87
C ALA D 17 -4.06 51.86 12.81
N ARG D 18 -3.45 51.96 13.98
CA ARG D 18 -2.05 52.31 14.14
C ARG D 18 -1.06 51.22 13.68
N THR D 19 0.16 51.62 13.31
CA THR D 19 1.18 50.63 12.95
C THR D 19 2.51 50.95 13.57
N ASP D 20 2.58 52.03 14.34
CA ASP D 20 3.85 52.51 14.88
C ASP D 20 4.34 51.69 16.10
N THR D 21 5.44 50.97 15.92
CA THR D 21 6.05 50.19 17.00
C THR D 21 7.54 50.42 16.87
N GLU D 22 8.26 50.14 17.94
CA GLU D 22 9.65 50.50 17.97
C GLU D 22 10.38 49.65 18.97
N HIS D 23 11.59 49.24 18.61
CA HIS D 23 12.52 48.63 19.57
C HIS D 23 13.23 49.77 20.30
N LEU D 24 13.09 49.83 21.62
CA LEU D 24 13.84 50.82 22.39
C LEU D 24 15.19 50.25 22.81
N ALA D 25 15.82 50.87 23.81
CA ALA D 25 17.15 50.43 24.29
C ALA D 25 17.15 49.14 25.13
N ILE D 26 18.28 48.47 25.13
CA ILE D 26 18.59 47.45 26.12
C ILE D 26 19.06 48.15 27.39
N ASN D 27 18.51 47.76 28.53
CA ASN D 27 18.97 48.24 29.82
C ASN D 27 20.23 47.48 30.22
N ASN D 28 21.29 48.23 30.56
CA ASN D 28 22.59 47.64 30.90
C ASN D 28 22.60 46.75 32.14
N GLU D 29 21.86 47.11 33.16
CA GLU D 29 21.82 46.28 34.36
C GLU D 29 21.00 45.01 34.13
N THR D 30 19.79 45.14 33.60
CA THR D 30 18.91 43.99 33.46
C THR D 30 19.19 43.13 32.22
N GLY D 31 19.69 43.73 31.15
CA GLY D 31 19.95 42.97 29.93
C GLY D 31 18.74 42.83 29.02
N TYR D 32 17.56 43.32 29.42
CA TYR D 32 16.37 43.23 28.59
C TYR D 32 16.19 44.47 27.76
N ARG D 33 15.60 44.27 26.59
CA ARG D 33 15.17 45.37 25.75
C ARG D 33 13.79 45.88 26.13
N SER D 34 13.60 47.18 26.05
CA SER D 34 12.25 47.67 26.19
C SER D 34 11.65 48.01 24.80
N PHE D 35 10.31 48.12 24.73
CA PHE D 35 9.61 48.19 23.44
C PHE D 35 8.45 49.18 23.53
N ARG D 36 8.10 49.77 22.38
CA ARG D 36 6.96 50.68 22.29
C ARG D 36 5.96 50.18 21.23
N ALA D 37 4.67 50.28 21.56
CA ALA D 37 3.62 50.07 20.60
C ALA D 37 2.64 51.22 20.75
N GLY D 38 2.55 52.08 19.73
CA GLY D 38 1.82 53.34 19.83
C GLY D 38 2.26 54.13 21.05
N GLY D 39 1.30 54.48 21.90
CA GLY D 39 1.63 55.20 23.14
C GLY D 39 1.99 54.31 24.30
N PHE D 40 1.97 52.99 24.14
CA PHE D 40 2.32 52.06 25.24
C PHE D 40 3.81 51.73 25.21
N THR D 41 4.44 51.66 26.37
CA THR D 41 5.80 51.13 26.46
C THR D 41 5.83 49.91 27.41
N PHE D 42 6.78 49.02 27.15
CA PHE D 42 6.92 47.75 27.82
C PHE D 42 8.37 47.60 28.26
N THR D 43 8.57 47.38 29.55
CA THR D 43 9.91 47.23 30.07
C THR D 43 9.81 46.08 31.08
N ARG D 44 10.80 45.21 31.14
CA ARG D 44 10.84 44.25 32.26
C ARG D 44 12.10 44.41 33.09
N ASP D 45 12.02 44.03 34.35
CA ASP D 45 13.20 43.96 35.16
C ASP D 45 13.29 42.57 35.77
N GLU D 46 13.94 42.44 36.93
CA GLU D 46 14.14 41.10 37.50
C GLU D 46 12.84 40.38 37.86
N TYR D 47 11.79 41.14 38.15
CA TYR D 47 10.57 40.59 38.75
C TYR D 47 9.30 40.95 38.01
N PHE D 48 9.32 42.06 37.24
CA PHE D 48 8.10 42.70 36.79
C PHE D 48 8.10 43.06 35.31
N ALA D 49 6.92 43.01 34.70
CA ALA D 49 6.66 43.75 33.47
C ALA D 49 6.10 45.11 33.88
N ARG D 50 6.67 46.17 33.31
CA ARG D 50 6.31 47.54 33.66
C ARG D 50 5.72 48.16 32.39
N LEU D 51 4.45 48.52 32.48
CA LEU D 51 3.75 49.10 31.37
C LEU D 51 3.50 50.57 31.62
N THR D 52 3.58 51.37 30.55
CA THR D 52 3.15 52.76 30.60
C THR D 52 2.33 53.07 29.37
N TRP D 53 1.46 54.07 29.53
CA TRP D 53 0.68 54.66 28.44
C TRP D 53 0.43 56.14 28.78
N PRO D 54 -0.09 56.93 27.82
CA PRO D 54 -0.33 58.34 28.18
C PRO D 54 -1.22 58.52 29.43
N GLY D 55 -0.65 59.04 30.51
CA GLY D 55 -1.42 59.31 31.73
C GLY D 55 -1.42 58.21 32.80
N GLY D 56 -0.79 57.09 32.53
CA GLY D 56 -0.81 56.00 33.52
C GLY D 56 0.28 54.97 33.35
N SER D 57 0.38 54.10 34.35
CA SER D 57 1.38 53.05 34.47
C SER D 57 0.79 51.83 35.18
N HIS D 58 1.39 50.67 35.00
CA HIS D 58 0.92 49.43 35.64
C HIS D 58 2.06 48.42 35.74
N ILE D 59 1.98 47.54 36.75
CA ILE D 59 2.99 46.49 36.93
C ILE D 59 2.32 45.14 36.98
N ILE D 60 2.89 44.16 36.28
CA ILE D 60 2.40 42.77 36.32
C ILE D 60 3.59 41.87 36.68
N PRO D 61 3.43 40.92 37.63
CA PRO D 61 4.59 40.04 37.86
C PRO D 61 4.99 39.33 36.56
N ILE D 62 6.28 39.21 36.32
CA ILE D 62 6.73 38.83 34.97
C ILE D 62 6.31 37.43 34.57
N ASP D 63 6.14 36.53 35.54
CA ASP D 63 5.70 35.17 35.19
C ASP D 63 4.29 35.21 34.66
N ALA D 64 3.37 35.85 35.40
CA ALA D 64 1.98 36.03 34.92
C ALA D 64 1.97 36.76 33.58
N PHE D 65 2.75 37.81 33.44
CA PHE D 65 2.78 38.55 32.16
C PHE D 65 3.19 37.66 30.97
N LEU D 66 4.25 36.88 31.13
CA LEU D 66 4.79 36.08 30.02
C LEU D 66 3.85 34.95 29.65
N ARG D 67 3.25 34.32 30.66
CA ARG D 67 2.26 33.27 30.40
C ARG D 67 1.10 33.85 29.60
N ALA D 68 0.68 35.07 29.98
CA ALA D 68 -0.44 35.75 29.33
C ALA D 68 -0.07 36.14 27.87
N MET D 69 1.13 36.71 27.71
CA MET D 69 1.67 37.10 26.41
C MET D 69 1.83 35.89 25.49
N MET D 70 2.34 34.79 26.05
CA MET D 70 2.43 33.54 25.28
C MET D 70 1.07 33.18 24.66
N ARG D 71 0.01 33.23 25.45
CA ARG D 71 -1.35 32.91 24.93
C ARG D 71 -1.82 33.89 23.83
N ASP D 72 -1.75 35.19 24.10
CA ASP D 72 -2.23 36.18 23.10
C ASP D 72 -1.50 36.03 21.79
N VAL D 73 -0.18 35.76 21.87
CA VAL D 73 0.64 35.50 20.68
C VAL D 73 0.19 34.20 19.99
N ALA D 74 0.21 33.07 20.72
CA ALA D 74 -0.13 31.76 20.11
C ALA D 74 -1.53 31.75 19.53
N TRP D 75 -2.45 32.47 20.15
CA TRP D 75 -3.84 32.46 19.69
C TRP D 75 -4.18 33.48 18.61
N GLY D 76 -3.19 34.23 18.13
CA GLY D 76 -3.44 35.38 17.24
C GLY D 76 -4.48 36.35 17.78
N PHE D 77 -4.42 36.63 19.09
CA PHE D 77 -5.38 37.53 19.79
C PHE D 77 -6.76 36.92 20.05
N PHE D 78 -6.97 35.69 19.56
CA PHE D 78 -8.12 34.86 19.98
C PHE D 78 -9.50 35.42 19.60
N TYR D 79 -10.50 35.16 20.42
CA TYR D 79 -11.81 35.73 20.21
C TYR D 79 -12.12 36.76 21.28
N GLY D 80 -12.57 37.93 20.84
CA GLY D 80 -13.00 38.96 21.80
C GLY D 80 -11.87 39.45 22.68
N VAL D 81 -12.09 39.47 24.00
CA VAL D 81 -11.18 40.16 24.90
C VAL D 81 -10.27 39.19 25.62
N VAL D 82 -8.96 39.44 25.53
CA VAL D 82 -7.95 38.73 26.30
C VAL D 82 -7.44 39.70 27.39
N ASN D 83 -7.94 39.57 28.62
CA ASN D 83 -7.48 40.40 29.73
C ASN D 83 -6.30 39.73 30.35
N PHE D 84 -5.14 40.37 30.33
CA PHE D 84 -4.00 39.87 31.07
C PHE D 84 -4.31 39.90 32.56
N ASP D 85 -4.98 40.98 32.98
CA ASP D 85 -5.45 41.10 34.34
C ASP D 85 -6.62 42.08 34.38
N HIS D 86 -6.84 42.65 35.55
CA HIS D 86 -7.93 43.58 35.79
C HIS D 86 -7.67 44.95 35.12
N VAL D 87 -6.48 45.14 34.54
CA VAL D 87 -6.17 46.42 33.84
C VAL D 87 -5.86 46.28 32.35
N PHE D 88 -4.90 45.41 32.03
CA PHE D 88 -4.27 45.43 30.70
C PHE D 88 -4.77 44.29 29.84
N GLY D 89 -4.92 44.51 28.52
CA GLY D 89 -5.32 43.39 27.64
C GLY D 89 -5.54 43.82 26.21
N THR D 90 -6.08 42.92 25.41
CA THR D 90 -6.34 43.22 24.00
C THR D 90 -7.78 42.86 23.63
N ILE D 91 -8.30 43.47 22.56
CA ILE D 91 -9.62 43.10 22.04
C ILE D 91 -9.41 42.80 20.58
N ASN D 92 -9.76 41.60 20.17
CA ASN D 92 -9.56 41.23 18.79
C ASN D 92 -10.70 41.76 17.92
N HIS D 93 -10.33 42.48 16.87
CA HIS D 93 -11.31 42.90 15.88
C HIS D 93 -11.13 42.13 14.56
N TYR D 94 -10.23 41.15 14.54
CA TYR D 94 -10.03 40.22 13.39
C TYR D 94 -9.39 40.93 12.19
N GLY D 95 -8.10 41.25 12.31
CA GLY D 95 -7.38 42.06 11.33
C GLY D 95 -6.95 43.35 11.97
N GLU D 96 -7.72 43.81 12.96
CA GLU D 96 -7.31 44.92 13.84
C GLU D 96 -7.45 44.48 15.30
N VAL D 97 -6.78 45.18 16.21
CA VAL D 97 -6.75 44.77 17.62
C VAL D 97 -6.60 46.01 18.46
N THR D 98 -7.40 46.10 19.52
CA THR D 98 -7.30 47.21 20.49
C THR D 98 -6.46 46.76 21.67
N MET D 99 -5.50 47.58 22.07
CA MET D 99 -4.79 47.33 23.31
C MET D 99 -5.27 48.34 24.36
N PHE D 100 -5.52 47.88 25.58
CA PHE D 100 -6.17 48.73 26.56
C PHE D 100 -5.51 48.71 27.95
N ALA D 101 -5.67 49.81 28.68
CA ALA D 101 -5.43 49.82 30.12
C ALA D 101 -6.71 50.37 30.73
N GLY D 102 -7.42 49.53 31.48
CA GLY D 102 -8.58 49.94 32.25
C GLY D 102 -9.92 49.97 31.55
N ARG D 103 -9.98 49.52 30.31
CA ARG D 103 -11.23 49.51 29.50
C ARG D 103 -12.35 48.70 30.13
N PHE D 104 -12.02 47.67 30.91
CA PHE D 104 -13.03 46.80 31.53
C PHE D 104 -12.82 46.80 33.03
N ASN D 105 -12.57 47.99 33.55
CA ASN D 105 -12.35 48.18 34.96
C ASN D 105 -13.15 49.40 35.30
N ASP D 106 -14.17 49.22 36.13
CA ASP D 106 -15.05 50.33 36.49
C ASP D 106 -14.32 51.54 37.09
N ALA D 107 -13.34 51.30 37.96
CA ALA D 107 -12.58 52.43 38.55
C ALA D 107 -12.02 53.33 37.47
N TYR D 108 -11.31 52.72 36.52
CA TYR D 108 -10.67 53.49 35.46
C TYR D 108 -11.72 54.15 34.59
N ARG D 109 -12.75 53.37 34.25
CA ARG D 109 -13.75 53.92 33.37
CA ARG D 109 -13.86 53.80 33.40
C ARG D 109 -14.62 55.02 33.94
N ASN D 110 -15.11 54.89 35.17
CA ASN D 110 -15.89 55.99 35.75
C ASN D 110 -15.05 57.25 35.87
N ALA D 111 -13.72 57.10 35.96
CA ALA D 111 -12.83 58.23 36.14
C ALA D 111 -12.39 58.83 34.82
N GLY D 112 -12.77 58.20 33.70
CA GLY D 112 -12.24 58.63 32.42
C GLY D 112 -10.75 58.34 32.29
N ARG D 113 -10.21 57.41 33.09
CA ARG D 113 -8.78 57.10 33.00
C ARG D 113 -8.35 55.83 32.24
N ASP D 114 -9.31 55.15 31.65
CA ASP D 114 -8.98 54.06 30.74
C ASP D 114 -8.32 54.61 29.49
N HIS D 115 -7.47 53.80 28.86
CA HIS D 115 -6.81 54.22 27.62
C HIS D 115 -6.81 53.08 26.60
N GLU D 116 -7.20 53.40 25.36
CA GLU D 116 -7.30 52.38 24.30
C GLU D 116 -6.59 52.86 23.04
N GLU D 117 -5.95 51.95 22.32
CA GLU D 117 -5.34 52.28 21.02
C GLU D 117 -5.63 51.10 20.11
N ARG D 118 -6.07 51.40 18.89
CA ARG D 118 -6.39 50.38 17.90
C ARG D 118 -5.24 50.23 16.90
N PHE D 119 -4.79 48.99 16.71
CA PHE D 119 -3.63 48.69 15.85
C PHE D 119 -4.01 47.79 14.68
N LYS D 120 -3.23 47.83 13.60
CA LYS D 120 -3.28 46.73 12.63
C LYS D 120 -2.73 45.53 13.36
N SER D 121 -3.41 44.39 13.22
CA SER D 121 -3.08 43.20 14.01
C SER D 121 -1.63 42.73 13.76
N SER D 122 -1.16 42.69 12.52
CA SER D 122 0.22 42.20 12.28
C SER D 122 1.28 43.13 12.90
N ALA D 123 0.99 44.43 12.92
CA ALA D 123 1.87 45.39 13.59
C ALA D 123 1.94 45.13 15.10
N LEU D 124 0.80 44.97 15.79
CA LEU D 124 0.87 44.63 17.24
C LEU D 124 1.45 43.27 17.51
N MET D 125 1.05 42.27 16.72
CA MET D 125 1.60 40.93 16.84
C MET D 125 3.12 40.90 16.71
N ALA D 126 3.67 41.59 15.71
CA ALA D 126 5.15 41.60 15.54
C ALA D 126 5.93 42.09 16.81
N VAL D 127 5.45 43.17 17.40
CA VAL D 127 6.11 43.68 18.59
C VAL D 127 5.84 42.77 19.82
N PHE D 128 4.64 42.19 19.92
CA PHE D 128 4.38 41.20 20.98
C PHE D 128 5.35 40.01 20.89
N LYS D 129 5.59 39.52 19.68
CA LYS D 129 6.52 38.41 19.48
C LYS D 129 7.94 38.79 19.87
N ASP D 130 8.34 40.02 19.57
CA ASP D 130 9.68 40.49 19.97
C ASP D 130 9.81 40.61 21.49
N ILE D 131 8.76 41.08 22.15
CA ILE D 131 8.74 41.20 23.60
C ILE D 131 8.87 39.81 24.21
N LEU D 132 8.01 38.90 23.73
CA LEU D 132 8.02 37.52 24.23
C LEU D 132 9.40 36.88 24.07
N SER D 133 10.01 37.01 22.89
CA SER D 133 11.35 36.45 22.67
C SER D 133 12.42 37.05 23.57
N ASP D 134 12.46 38.36 23.65
CA ASP D 134 13.48 39.04 24.45
C ASP D 134 13.38 38.79 25.96
N TRP D 135 12.14 38.74 26.47
CA TRP D 135 11.91 38.64 27.90
C TRP D 135 11.88 37.22 28.46
N THR D 136 11.78 36.24 27.57
CA THR D 136 11.87 34.82 27.94
C THR D 136 13.33 34.34 28.05
N VAL D 137 13.66 33.71 29.18
CA VAL D 137 15.03 33.30 29.42
C VAL D 137 15.16 31.80 29.23
N GLU D 138 16.41 31.35 29.12
CA GLU D 138 16.75 29.95 28.98
C GLU D 138 16.12 29.17 30.12
N GLY D 139 15.53 27.99 29.83
CA GLY D 139 14.98 27.16 30.90
C GLY D 139 13.56 27.53 31.31
N TYR D 140 13.00 28.59 30.72
CA TYR D 140 11.66 29.08 31.11
C TYR D 140 10.70 28.94 29.93
N ASP D 141 9.64 28.17 30.12
CA ASP D 141 8.64 27.92 29.09
C ASP D 141 7.27 28.50 29.54
N PRO D 142 6.89 29.65 28.96
CA PRO D 142 5.66 30.30 29.42
C PRO D 142 4.38 29.60 28.95
N PHE D 143 4.52 28.51 28.20
CA PHE D 143 3.38 27.74 27.74
C PHE D 143 3.16 26.54 28.66
N ALA D 144 4.05 26.31 29.62
CA ALA D 144 3.98 25.10 30.45
C ALA D 144 3.44 25.41 31.86
N ALA D 145 3.06 24.38 32.62
CA ALA D 145 2.67 24.60 34.03
C ALA D 145 3.92 24.85 34.88
N PRO D 146 3.77 25.55 36.03
CA PRO D 146 4.95 25.89 36.86
C PRO D 146 5.83 24.68 37.25
N MET D 147 5.20 23.54 37.56
CA MET D 147 5.94 22.34 37.95
C MET D 147 6.74 21.71 36.81
N GLU D 148 6.45 22.12 35.59
CA GLU D 148 7.10 21.56 34.41
C GLU D 148 8.29 22.37 33.93
N THR D 149 8.51 23.54 34.48
CA THR D 149 9.51 24.40 33.89
C THR D 149 10.28 25.23 34.93
N GLY D 150 11.25 26.00 34.46
CA GLY D 150 12.10 26.80 35.35
C GLY D 150 11.46 28.13 35.62
N LEU D 151 12.29 29.12 35.95
CA LEU D 151 11.79 30.41 36.43
C LEU D 151 12.23 31.58 35.56
N PRO D 152 11.42 32.66 35.52
CA PRO D 152 11.76 33.77 34.63
C PRO D 152 12.47 34.92 35.30
N TRP D 153 12.75 34.81 36.60
CA TRP D 153 13.27 35.94 37.37
C TRP D 153 14.70 36.30 37.05
N GLY D 154 15.08 37.55 37.33
CA GLY D 154 16.49 37.93 37.24
C GLY D 154 16.87 38.61 35.93
N ILE D 155 18.17 38.78 35.73
CA ILE D 155 18.65 39.46 34.53
C ILE D 155 18.52 38.53 33.32
N LYS D 156 18.51 39.11 32.12
CA LYS D 156 18.45 38.31 30.90
C LYS D 156 19.52 37.23 30.93
N ASN D 157 19.13 36.01 30.61
CA ASN D 157 20.06 34.91 30.56
C ASN D 157 19.64 33.94 29.47
N GLY D 158 20.10 34.19 28.25
CA GLY D 158 19.79 33.28 27.14
C GLY D 158 18.34 33.47 26.75
N ASN D 159 17.80 32.53 25.99
CA ASN D 159 16.43 32.65 25.50
C ASN D 159 15.83 31.27 25.51
N ASN D 160 14.53 31.21 25.28
CA ASN D 160 13.84 29.96 24.97
C ASN D 160 12.99 30.18 23.73
N ASP D 161 13.61 30.62 22.64
CA ASP D 161 12.86 30.84 21.42
C ASP D 161 12.11 29.58 20.90
N GLU D 162 12.68 28.39 21.09
CA GLU D 162 11.97 27.16 20.69
C GLU D 162 10.61 26.98 21.37
N ALA D 163 10.57 27.25 22.68
CA ALA D 163 9.32 27.14 23.42
C ALA D 163 8.25 28.12 22.96
N ILE D 164 8.64 29.36 22.64
CA ILE D 164 7.66 30.39 22.30
C ILE D 164 7.29 30.46 20.81
N SER D 165 7.97 29.67 19.96
CA SER D 165 7.64 29.61 18.51
C SER D 165 7.01 28.31 18.04
N ARG D 166 6.49 27.50 18.95
CA ARG D 166 5.81 26.27 18.54
C ARG D 166 4.75 26.56 17.48
N GLN D 167 4.67 25.68 16.48
CA GLN D 167 3.69 25.82 15.40
C GLN D 167 2.32 25.46 15.93
N ARG D 168 1.34 26.29 15.57
CA ARG D 168 -0.05 26.02 15.88
C ARG D 168 -0.48 24.79 15.09
N VAL D 169 -1.26 23.92 15.72
CA VAL D 169 -1.84 22.78 15.02
C VAL D 169 -3.34 23.05 14.97
N THR D 170 -3.90 22.86 13.78
CA THR D 170 -5.33 23.10 13.56
C THR D 170 -5.79 22.08 12.54
N ALA D 171 -6.76 21.25 12.92
CA ALA D 171 -7.37 20.35 11.97
C ALA D 171 -8.23 21.14 10.97
N ARG D 172 -8.12 20.78 9.70
CA ARG D 172 -9.00 21.31 8.66
C ARG D 172 -10.37 20.59 8.69
N ARG D 173 -10.35 19.28 8.97
CA ARG D 173 -11.56 18.49 9.04
C ARG D 173 -11.49 17.59 10.29
N MET D 174 -10.42 16.79 10.42
CA MET D 174 -10.21 15.94 11.62
C MET D 174 -8.76 15.46 11.74
N VAL D 175 -8.24 15.41 12.97
CA VAL D 175 -6.95 14.81 13.24
C VAL D 175 -6.88 13.47 12.53
N GLY D 176 -5.71 13.18 11.93
CA GLY D 176 -5.45 11.82 11.43
C GLY D 176 -5.85 11.54 10.00
N LEU D 177 -6.70 12.38 9.42
CA LEU D 177 -7.11 12.22 8.01
C LEU D 177 -5.93 12.51 7.07
N PRO D 178 -5.96 11.94 5.86
CA PRO D 178 -4.84 12.18 4.92
C PRO D 178 -4.72 13.68 4.62
N GLY D 179 -3.49 14.18 4.70
CA GLY D 179 -3.21 15.60 4.50
C GLY D 179 -3.57 16.48 5.69
N ASP D 180 -4.25 15.94 6.71
CA ASP D 180 -4.68 16.79 7.84
C ASP D 180 -3.69 16.73 9.01
N THR D 181 -3.98 17.43 10.10
CA THR D 181 -3.05 17.48 11.23
C THR D 181 -2.89 16.06 11.79
N PRO D 182 -1.63 15.61 12.02
CA PRO D 182 -1.34 14.22 12.37
C PRO D 182 -1.68 13.82 13.83
N VAL D 183 -1.82 12.53 14.08
CA VAL D 183 -1.89 12.08 15.47
C VAL D 183 -0.51 12.24 16.13
N ARG D 184 -0.47 12.37 17.45
CA ARG D 184 0.76 12.54 18.20
C ARG D 184 1.27 11.20 18.65
N THR D 185 2.60 11.00 18.55
CA THR D 185 3.24 9.77 18.98
C THR D 185 4.60 10.12 19.62
N ASP D 186 5.18 9.17 20.37
CA ASP D 186 6.59 9.31 20.78
C ASP D 186 7.49 9.61 19.58
N ALA D 187 7.23 8.92 18.47
CA ALA D 187 8.09 9.00 17.27
C ALA D 187 8.02 10.38 16.63
N ASN D 188 6.88 11.06 16.68
CA ASN D 188 6.87 12.41 16.09
C ASN D 188 7.06 13.53 17.12
N GLY D 189 7.49 13.13 18.31
CA GLY D 189 7.99 14.06 19.30
C GLY D 189 7.00 14.44 20.36
N PHE D 190 6.00 13.60 20.55
CA PHE D 190 4.92 13.93 21.50
C PHE D 190 4.62 12.84 22.50
N PRO D 191 5.52 12.65 23.47
CA PRO D 191 5.29 11.62 24.49
C PRO D 191 4.17 12.01 25.45
N VAL D 192 3.62 11.01 26.11
CA VAL D 192 2.54 11.23 27.07
C VAL D 192 3.03 12.09 28.24
N ASN D 193 2.28 13.11 28.62
CA ASN D 193 2.67 13.97 29.73
C ASN D 193 2.67 13.18 31.03
N ARG D 194 3.54 13.50 31.98
CA ARG D 194 3.57 12.74 33.24
C ARG D 194 2.23 12.70 34.02
N GLN D 195 1.43 13.74 33.92
CA GLN D 195 0.15 13.73 34.64
C GLN D 195 -1.01 13.06 33.90
N PHE D 196 -0.68 12.33 32.83
CA PHE D 196 -1.66 11.50 32.11
C PHE D 196 -0.99 10.14 31.84
N ALA D 197 -0.02 9.78 32.67
CA ALA D 197 0.76 8.56 32.44
C ALA D 197 -0.10 7.30 32.44
N ASP D 198 -1.25 7.34 33.10
CA ASP D 198 -2.19 6.20 33.14
C ASP D 198 -3.24 6.16 32.00
N VAL D 199 -3.27 7.15 31.11
CA VAL D 199 -4.33 7.23 30.09
C VAL D 199 -4.05 6.18 29.00
N PRO D 200 -5.05 5.34 28.67
CA PRO D 200 -4.91 4.32 27.60
C PRO D 200 -4.56 4.95 26.24
N GLN D 201 -3.73 4.26 25.48
CA GLN D 201 -3.16 4.80 24.27
C GLN D 201 -3.42 3.95 23.02
N GLU D 202 -4.34 2.98 23.09
CA GLU D 202 -4.63 2.16 21.92
C GLU D 202 -5.31 2.99 20.82
N GLN D 203 -5.07 2.64 19.56
CA GLN D 203 -5.85 3.23 18.48
C GLN D 203 -7.21 2.55 18.37
N PRO D 204 -8.26 3.30 17.97
CA PRO D 204 -9.50 2.59 17.66
C PRO D 204 -9.24 1.56 16.57
N VAL D 205 -10.08 0.54 16.48
CA VAL D 205 -9.99 -0.36 15.34
C VAL D 205 -10.67 0.29 14.14
N VAL D 206 -9.93 0.40 13.04
CA VAL D 206 -10.43 1.04 11.80
C VAL D 206 -10.24 0.04 10.63
N GLU D 207 -11.35 -0.37 10.02
CA GLU D 207 -11.29 -1.37 8.95
C GLU D 207 -12.03 -0.83 7.76
N ALA D 208 -11.27 -0.32 6.79
CA ALA D 208 -11.85 0.30 5.61
C ALA D 208 -11.87 -0.67 4.44
N GLU D 209 -12.96 -0.66 3.67
CA GLU D 209 -13.01 -1.45 2.45
C GLU D 209 -12.17 -0.75 1.40
N PRO D 210 -11.59 -1.54 0.46
CA PRO D 210 -10.73 -0.97 -0.59
C PRO D 210 -11.42 0.19 -1.29
N GLY D 211 -10.74 1.32 -1.41
CA GLY D 211 -11.31 2.50 -2.02
C GLY D 211 -11.81 3.54 -1.03
N PHE D 212 -12.05 3.14 0.22
CA PHE D 212 -12.64 4.08 1.18
C PHE D 212 -11.72 4.43 2.34
N GLU D 213 -10.41 4.14 2.17
CA GLU D 213 -9.39 4.39 3.21
C GLU D 213 -9.40 5.83 3.71
N ALA D 214 -9.65 6.78 2.81
CA ALA D 214 -9.55 8.20 3.17
C ALA D 214 -10.73 8.72 3.97
N GLU D 215 -11.86 8.03 3.95
CA GLU D 215 -13.04 8.52 4.69
C GLU D 215 -13.55 7.60 5.78
N VAL D 216 -12.79 6.57 6.09
CA VAL D 216 -13.09 5.71 7.24
C VAL D 216 -11.95 6.00 8.22
N SER D 217 -12.22 6.80 9.25
CA SER D 217 -11.15 7.35 10.04
C SER D 217 -11.58 7.58 11.47
N ALA D 218 -10.67 7.26 12.40
CA ALA D 218 -10.94 7.41 13.84
C ALA D 218 -9.62 7.50 14.55
N TYR D 219 -9.60 8.21 15.68
CA TYR D 219 -8.37 8.32 16.45
C TYR D 219 -8.70 8.40 17.94
N ASN D 220 -7.70 8.15 18.75
CA ASN D 220 -7.84 8.22 20.19
C ASN D 220 -7.61 9.66 20.61
N LEU D 221 -8.69 10.40 20.80
CA LEU D 221 -8.62 11.82 21.17
C LEU D 221 -8.05 12.00 22.57
N PHE D 222 -8.43 11.15 23.54
CA PHE D 222 -7.90 11.33 24.89
C PHE D 222 -6.38 11.12 24.85
N GLY D 223 -5.94 10.13 24.08
CA GLY D 223 -4.48 9.89 23.86
C GLY D 223 -3.76 11.10 23.29
N TYR D 224 -4.35 11.68 22.25
CA TYR D 224 -3.83 12.88 21.59
C TYR D 224 -3.68 14.04 22.58
N LEU D 225 -4.71 14.25 23.41
CA LEU D 225 -4.65 15.28 24.43
C LEU D 225 -3.65 14.97 25.54
N SER D 226 -3.50 13.68 25.86
CA SER D 226 -2.58 13.27 26.93
C SER D 226 -1.16 13.61 26.53
N ARG D 227 -0.98 13.87 25.22
CA ARG D 227 0.33 14.12 24.60
C ARG D 227 0.56 15.59 24.24
N SER D 228 -0.41 16.44 24.54
CA SER D 228 -0.23 17.88 24.37
C SER D 228 0.98 18.39 25.17
N ASP D 229 1.84 19.16 24.49
CA ASP D 229 3.08 19.61 25.08
C ASP D 229 2.97 21.02 25.66
N VAL D 230 1.74 21.56 25.72
CA VAL D 230 1.49 22.90 26.25
C VAL D 230 0.20 22.90 27.05
N THR D 231 -0.01 23.94 27.86
CA THR D 231 -1.26 24.07 28.62
C THR D 231 -2.12 25.25 28.17
N TRP D 232 -3.43 25.12 28.37
CA TRP D 232 -4.40 26.19 28.09
C TRP D 232 -4.20 26.72 26.67
N ASN D 233 -4.46 25.83 25.71
CA ASN D 233 -4.25 26.14 24.28
C ASN D 233 -5.30 25.42 23.44
N PRO D 234 -6.54 25.93 23.42
CA PRO D 234 -7.54 25.23 22.60
C PRO D 234 -7.04 25.05 21.18
N SER D 235 -7.13 23.82 20.67
CA SER D 235 -6.55 23.47 19.41
C SER D 235 -7.58 22.64 18.65
N VAL D 236 -7.92 23.02 17.42
CA VAL D 236 -9.04 22.41 16.68
C VAL D 236 -8.77 20.95 16.34
N CYS D 237 -9.65 20.04 16.74
CA CYS D 237 -9.45 18.62 16.38
C CYS D 237 -10.44 18.17 15.32
N SER D 238 -11.54 18.89 15.20
CA SER D 238 -12.61 18.50 14.28
C SER D 238 -13.55 19.66 13.97
N VAL D 239 -14.07 19.69 12.74
CA VAL D 239 -14.70 20.85 12.16
C VAL D 239 -16.00 20.47 11.47
N VAL D 240 -17.10 21.12 11.86
CA VAL D 240 -18.37 21.02 11.12
C VAL D 240 -18.83 22.46 10.82
N GLY D 241 -18.54 22.93 9.61
CA GLY D 241 -18.82 24.31 9.24
C GLY D 241 -18.11 25.21 10.23
N ASP D 242 -18.86 26.07 10.92
CA ASP D 242 -18.25 26.96 11.90
C ASP D 242 -18.08 26.34 13.32
N SER D 243 -18.60 25.13 13.49
CA SER D 243 -18.47 24.40 14.77
C SER D 243 -17.05 23.82 14.91
N LEU D 244 -16.30 24.30 15.89
CA LEU D 244 -14.91 23.87 16.07
C LEU D 244 -14.79 23.20 17.42
N PHE D 245 -14.36 21.93 17.42
CA PHE D 245 -14.02 21.28 18.71
C PHE D 245 -12.56 21.58 18.95
N CYS D 246 -12.26 22.30 20.04
CA CYS D 246 -10.91 22.82 20.34
C CYS D 246 -10.39 22.32 21.69
N PRO D 247 -10.16 20.99 21.85
CA PRO D 247 -9.80 20.53 23.20
C PRO D 247 -8.34 20.86 23.54
N THR D 248 -7.97 20.72 24.81
CA THR D 248 -6.65 21.15 25.27
C THR D 248 -6.32 20.55 26.65
N SER D 249 -5.07 20.54 27.06
CA SER D 249 -4.71 20.02 28.39
C SER D 249 -4.42 21.20 29.35
N GLU D 250 -5.14 21.27 30.48
CA GLU D 250 -5.10 22.44 31.38
C GLU D 250 -4.44 22.06 32.68
N GLU D 251 -3.55 22.91 33.18
CA GLU D 251 -2.88 22.68 34.47
C GLU D 251 -2.57 24.04 35.06
N PHE D 252 -2.68 24.17 36.39
CA PHE D 252 -2.49 25.47 37.08
C PHE D 252 -3.62 26.47 36.75
N ILE D 253 -3.33 27.69 36.30
CA ILE D 253 -4.35 28.71 36.08
C ILE D 253 -4.36 29.23 34.64
N LEU D 254 -5.55 29.37 34.03
CA LEU D 254 -5.65 30.00 32.70
C LEU D 254 -4.97 31.39 32.82
N PRO D 255 -3.91 31.66 32.01
CA PRO D 255 -3.13 32.92 32.19
C PRO D 255 -3.86 34.21 31.89
N VAL D 256 -5.11 34.14 31.46
CA VAL D 256 -5.87 35.34 31.09
C VAL D 256 -7.30 35.22 31.66
N GLU D 257 -8.03 36.32 31.70
CA GLU D 257 -9.48 36.25 31.88
C GLU D 257 -10.07 36.48 30.49
N HIS D 258 -10.65 35.43 29.93
CA HIS D 258 -11.22 35.50 28.59
C HIS D 258 -12.65 36.06 28.62
N GLY D 259 -12.87 37.20 27.96
CA GLY D 259 -14.20 37.74 27.78
C GLY D 259 -14.58 37.62 26.33
N ASN D 260 -15.28 36.54 25.98
CA ASN D 260 -15.56 36.22 24.58
C ASN D 260 -16.64 37.14 24.03
N ASP D 261 -16.65 37.32 22.71
CA ASP D 261 -17.67 38.13 22.02
C ASP D 261 -18.76 37.24 21.42
N ARG D 262 -18.89 36.04 21.97
CA ARG D 262 -19.87 35.04 21.56
C ARG D 262 -19.97 34.06 22.73
N CYS D 263 -20.95 33.16 22.71
CA CYS D 263 -21.01 32.10 23.72
C CYS D 263 -19.95 31.07 23.36
N GLU D 264 -19.42 30.39 24.36
CA GLU D 264 -18.56 29.24 24.11
C GLU D 264 -18.90 28.22 25.17
N TRP D 265 -18.70 26.94 24.86
CA TRP D 265 -19.05 25.90 25.82
C TRP D 265 -17.80 25.15 26.22
N PHE D 266 -17.79 24.70 27.48
CA PHE D 266 -16.74 23.83 28.00
C PHE D 266 -17.37 22.48 28.34
N LEU D 267 -16.77 21.40 27.83
CA LEU D 267 -17.07 20.03 28.27
C LEU D 267 -15.81 19.48 28.94
N GLN D 268 -15.89 19.22 30.24
CA GLN D 268 -14.79 18.61 30.97
C GLN D 268 -14.66 17.13 30.59
N LEU D 269 -13.49 16.72 30.10
CA LEU D 269 -13.29 15.34 29.66
C LEU D 269 -12.66 14.51 30.76
N SER D 270 -11.78 15.11 31.55
CA SER D 270 -11.24 14.37 32.68
C SER D 270 -11.07 15.30 33.86
N ASP D 271 -10.96 14.69 35.05
CA ASP D 271 -10.54 15.44 36.23
C ASP D 271 -11.47 16.63 36.54
N GLU D 272 -10.94 17.80 36.88
CA GLU D 272 -11.82 18.87 37.37
C GLU D 272 -11.20 20.24 37.17
N ILE D 273 -12.03 21.20 36.80
CA ILE D 273 -11.63 22.59 36.68
C ILE D 273 -12.65 23.44 37.40
N VAL D 274 -12.18 24.50 38.05
CA VAL D 274 -13.10 25.50 38.59
C VAL D 274 -12.90 26.78 37.81
N TRP D 275 -14.01 27.37 37.35
CA TRP D 275 -13.98 28.61 36.57
C TRP D 275 -14.42 29.78 37.42
N ASP D 276 -13.51 30.75 37.56
CA ASP D 276 -13.85 32.04 38.17
C ASP D 276 -14.55 32.89 37.11
N VAL D 277 -15.83 33.21 37.33
CA VAL D 277 -16.65 33.94 36.32
C VAL D 277 -16.95 35.34 36.84
N LYS D 278 -16.54 36.36 36.07
CA LYS D 278 -16.72 37.77 36.44
C LYS D 278 -17.48 38.50 35.34
N ASP D 279 -18.04 39.67 35.65
CA ASP D 279 -18.71 40.43 34.62
C ASP D 279 -17.72 40.83 33.54
N LYS D 280 -18.09 40.71 32.26
CA LYS D 280 -17.14 41.07 31.23
C LYS D 280 -16.73 42.56 31.27
N GLU D 281 -17.70 43.45 31.46
CA GLU D 281 -17.45 44.92 31.47
C GLU D 281 -16.78 45.45 32.74
N SER D 282 -17.22 44.99 33.90
CA SER D 282 -16.83 45.64 35.16
C SER D 282 -15.68 44.91 35.85
N GLY D 283 -15.62 43.60 35.64
CA GLY D 283 -14.68 42.75 36.34
C GLY D 283 -15.19 42.22 37.66
N LYS D 284 -16.48 42.44 37.97
CA LYS D 284 -17.05 42.03 39.25
C LYS D 284 -17.35 40.56 39.27
N PRO D 285 -16.99 39.88 40.37
CA PRO D 285 -17.32 38.46 40.52
C PRO D 285 -18.81 38.18 40.34
N ARG D 286 -19.14 37.14 39.57
CA ARG D 286 -20.55 36.77 39.34
C ARG D 286 -20.87 35.34 39.74
N ALA D 287 -19.96 34.42 39.44
CA ALA D 287 -20.20 33.01 39.74
C ALA D 287 -18.89 32.25 39.76
N ARG D 288 -18.97 30.99 40.25
CA ARG D 288 -17.85 30.05 40.23
C ARG D 288 -18.38 28.69 39.79
N VAL D 289 -17.90 28.19 38.66
CA VAL D 289 -18.41 26.94 38.09
C VAL D 289 -17.42 25.82 38.26
N THR D 290 -17.82 24.75 38.95
CA THR D 290 -16.99 23.58 39.18
C THR D 290 -17.46 22.49 38.21
N ALA D 291 -16.52 22.01 37.38
CA ALA D 291 -16.84 21.02 36.37
C ALA D 291 -15.97 19.81 36.54
N ARG D 292 -16.63 18.66 36.67
CA ARG D 292 -15.94 17.40 36.72
C ARG D 292 -16.21 16.60 35.46
N ALA D 293 -15.61 15.42 35.35
CA ALA D 293 -15.67 14.66 34.10
C ALA D 293 -17.10 14.49 33.60
N GLY D 294 -17.35 14.96 32.39
CA GLY D 294 -18.69 14.85 31.78
C GLY D 294 -19.55 16.09 31.89
N ASP D 295 -19.17 17.01 32.78
CA ASP D 295 -19.90 18.28 32.95
C ASP D 295 -19.70 19.21 31.74
N ILE D 296 -20.81 19.72 31.24
CA ILE D 296 -20.81 20.70 30.15
C ILE D 296 -21.55 21.95 30.62
N CYS D 297 -21.05 23.10 30.24
CA CYS D 297 -21.70 24.35 30.62
C CYS D 297 -21.39 25.39 29.57
N CYS D 298 -22.21 26.43 29.55
CA CYS D 298 -22.05 27.56 28.64
C CYS D 298 -21.44 28.75 29.39
N MET D 299 -20.53 29.45 28.72
CA MET D 299 -19.94 30.72 29.15
C MET D 299 -20.59 31.80 28.31
N PRO D 300 -21.55 32.53 28.89
CA PRO D 300 -22.23 33.59 28.15
C PRO D 300 -21.29 34.70 27.71
N ALA D 301 -21.69 35.41 26.63
CA ALA D 301 -20.88 36.48 26.08
C ALA D 301 -20.77 37.70 26.99
N ASP D 302 -21.61 37.82 28.03
CA ASP D 302 -21.50 38.99 28.91
C ASP D 302 -20.60 38.76 30.13
N ILE D 303 -19.88 37.64 30.16
CA ILE D 303 -18.94 37.37 31.27
C ILE D 303 -17.51 37.14 30.76
N ARG D 304 -16.56 37.17 31.68
CA ARG D 304 -15.17 36.74 31.39
C ARG D 304 -14.88 35.63 32.39
N HIS D 305 -14.01 34.70 32.03
CA HIS D 305 -13.77 33.52 32.84
C HIS D 305 -12.28 33.17 32.91
N GLN D 306 -11.88 32.50 33.99
CA GLN D 306 -10.50 32.10 34.19
C GLN D 306 -10.55 30.80 34.98
N GLY D 307 -9.93 29.75 34.46
CA GLY D 307 -9.97 28.42 35.07
C GLY D 307 -8.78 28.01 35.93
N TYR D 308 -9.05 27.06 36.82
CA TYR D 308 -8.07 26.55 37.79
C TYR D 308 -8.15 25.03 37.72
N SER D 309 -7.01 24.42 37.42
CA SER D 309 -6.96 22.96 37.26
C SER D 309 -5.76 22.46 38.05
N THR D 310 -6.02 21.79 39.18
CA THR D 310 -4.94 21.25 39.99
C THR D 310 -4.09 20.19 39.27
N LYS D 311 -4.73 19.09 38.87
CA LYS D 311 -4.08 18.07 38.06
C LYS D 311 -4.28 18.45 36.60
N ARG D 312 -3.27 18.24 35.76
CA ARG D 312 -3.43 18.41 34.30
C ARG D 312 -4.68 17.65 33.84
N SER D 313 -5.63 18.37 33.23
CA SER D 313 -6.92 17.78 32.88
C SER D 313 -7.25 17.99 31.39
N MET D 314 -8.20 17.22 30.89
CA MET D 314 -8.58 17.28 29.48
C MET D 314 -9.84 18.09 29.40
N LEU D 315 -9.81 19.14 28.58
CA LEU D 315 -10.96 20.03 28.44
C LEU D 315 -11.27 20.17 26.97
N LEU D 316 -12.54 20.03 26.61
CA LEU D 316 -13.02 20.40 25.27
C LEU D 316 -13.55 21.84 25.26
N VAL D 317 -12.92 22.73 24.53
CA VAL D 317 -13.50 24.06 24.34
C VAL D 317 -14.27 24.03 23.02
N TRP D 318 -15.56 24.33 23.08
CA TRP D 318 -16.35 24.25 21.88
C TRP D 318 -16.70 25.66 21.42
N GLU D 319 -16.25 26.00 20.20
CA GLU D 319 -16.42 27.33 19.62
C GLU D 319 -17.32 27.31 18.39
N ASN D 320 -18.03 28.42 18.21
CA ASN D 320 -18.65 28.77 16.94
C ASN D 320 -17.86 29.94 16.33
N GLY D 321 -17.09 29.64 15.29
CA GLY D 321 -16.17 30.60 14.71
C GLY D 321 -16.76 31.57 13.71
N SER D 322 -18.08 31.55 13.54
CA SER D 322 -18.76 32.47 12.59
C SER D 322 -18.42 33.92 12.90
N PRO D 323 -17.96 34.68 11.90
CA PRO D 323 -17.67 36.09 12.20
C PRO D 323 -18.91 36.97 12.36
N LYS D 324 -20.10 36.44 12.08
CA LYS D 324 -21.37 37.20 12.20
C LYS D 324 -21.89 37.36 13.62
N ILE D 325 -21.43 36.50 14.52
CA ILE D 325 -22.02 36.46 15.86
C ILE D 325 -21.84 37.74 16.69
N PRO D 326 -20.61 38.31 16.75
CA PRO D 326 -20.43 39.47 17.62
C PRO D 326 -21.43 40.60 17.36
N GLN D 327 -21.60 40.99 16.09
CA GLN D 327 -22.56 42.04 15.72
C GLN D 327 -23.96 41.71 16.21
N MET D 328 -24.38 40.46 16.02
CA MET D 328 -25.73 39.99 16.41
C MET D 328 -25.98 40.03 17.91
N ILE D 329 -24.90 39.91 18.68
CA ILE D 329 -24.96 40.03 20.13
C ILE D 329 -25.07 41.51 20.52
N ALA D 330 -24.44 42.38 19.74
CA ALA D 330 -24.62 43.83 19.88
C ALA D 330 -26.00 44.30 19.37
N ASP D 331 -27.01 43.44 19.54
CA ASP D 331 -28.43 43.71 19.30
C ASP D 331 -29.22 42.40 19.29
N PRO D 335 -29.55 37.15 21.47
CA PRO D 335 -29.27 37.36 22.88
C PRO D 335 -27.78 37.14 23.23
N VAL D 336 -27.42 37.43 24.47
CA VAL D 336 -26.06 37.18 24.97
C VAL D 336 -25.95 35.78 25.60
N VAL D 337 -27.11 35.13 25.77
CA VAL D 337 -27.21 33.78 26.35
C VAL D 337 -28.17 32.89 25.51
N PRO D 338 -27.88 31.56 25.40
CA PRO D 338 -28.81 30.71 24.64
C PRO D 338 -30.06 30.33 25.45
N ASP E 3 -9.39 -17.49 16.03
CA ASP E 3 -8.63 -16.84 17.15
C ASP E 3 -7.22 -17.37 17.30
N VAL E 4 -6.30 -16.42 17.42
CA VAL E 4 -4.89 -16.73 17.57
C VAL E 4 -4.68 -17.46 18.92
N VAL E 5 -3.88 -18.53 18.89
CA VAL E 5 -3.55 -19.28 20.09
C VAL E 5 -2.04 -19.43 20.19
N THR E 6 -1.47 -18.72 21.16
CA THR E 6 -0.03 -18.78 21.45
C THR E 6 0.21 -19.95 22.41
N GLU E 7 0.94 -20.96 21.96
CA GLU E 7 1.10 -22.16 22.78
C GLU E 7 2.30 -22.07 23.70
N PHE E 8 2.04 -22.19 25.00
CA PHE E 8 3.09 -22.17 26.02
C PHE E 8 3.18 -23.52 26.71
N GLY E 9 4.39 -23.91 27.12
CA GLY E 9 4.56 -25.14 27.91
C GLY E 9 4.16 -24.99 29.38
N ALA E 10 4.02 -26.12 30.05
CA ALA E 10 3.77 -26.13 31.48
C ALA E 10 4.35 -27.43 32.06
N LEU E 11 4.74 -27.41 33.33
CA LEU E 11 5.29 -28.59 33.99
C LEU E 11 4.53 -29.84 33.66
N THR E 12 3.22 -29.66 33.47
CA THR E 12 2.27 -30.73 33.49
C THR E 12 1.67 -30.94 32.08
N ASP E 13 2.26 -30.26 31.11
CA ASP E 13 1.71 -30.16 29.76
C ASP E 13 2.78 -29.55 28.84
N TYR E 14 3.62 -30.42 28.29
CA TYR E 14 4.59 -30.00 27.29
C TYR E 14 4.66 -31.06 26.20
N ARG E 15 5.10 -30.69 25.01
CA ARG E 15 5.30 -31.66 23.92
C ARG E 15 6.67 -31.46 23.27
N LYS E 16 7.64 -32.25 23.71
CA LYS E 16 9.05 -32.14 23.31
C LYS E 16 9.27 -32.43 21.81
N GLY E 17 10.07 -31.60 21.16
CA GLY E 17 10.48 -31.86 19.77
C GLY E 17 11.70 -32.78 19.74
N GLY E 18 12.65 -32.49 18.85
CA GLY E 18 13.86 -33.31 18.80
C GLY E 18 14.73 -33.13 17.59
N VAL E 19 15.76 -33.98 17.50
CA VAL E 19 16.75 -33.87 16.44
C VAL E 19 16.56 -34.99 15.43
N GLU E 20 16.31 -34.62 14.17
CA GLU E 20 16.34 -35.55 13.03
C GLU E 20 17.73 -35.47 12.42
N ILE E 21 18.39 -36.61 12.22
CA ILE E 21 19.78 -36.62 11.73
C ILE E 21 19.83 -36.92 10.23
N ILE E 22 20.62 -36.14 9.49
CA ILE E 22 20.97 -36.51 8.13
C ILE E 22 22.39 -37.11 8.16
N ASP E 23 23.33 -36.37 8.73
CA ASP E 23 24.70 -36.83 8.91
C ASP E 23 25.31 -36.06 10.07
N ASP E 24 25.16 -36.59 11.28
CA ASP E 24 25.56 -35.86 12.48
C ASP E 24 25.36 -36.75 13.70
N ASP E 25 25.77 -36.24 14.85
CA ASP E 25 25.58 -36.93 16.12
C ASP E 25 24.60 -36.10 16.94
N PRO E 26 23.43 -36.69 17.29
CA PRO E 26 22.43 -35.83 17.95
C PRO E 26 22.87 -35.31 19.32
N ARG E 27 23.94 -35.88 19.87
CA ARG E 27 24.46 -35.43 21.16
C ARG E 27 25.14 -34.05 21.11
N ASN E 28 25.62 -33.67 19.93
CA ASN E 28 26.17 -32.32 19.72
C ASN E 28 25.13 -31.23 20.02
N TYR E 29 23.85 -31.59 19.96
CA TYR E 29 22.75 -30.62 20.06
C TYR E 29 22.19 -30.44 21.47
N VAL E 30 22.55 -31.37 22.38
CA VAL E 30 22.24 -31.28 23.83
C VAL E 30 20.75 -30.88 24.02
N PHE E 31 19.88 -31.65 23.37
CA PHE E 31 18.46 -31.32 23.27
C PHE E 31 17.74 -31.78 24.54
N SER E 32 17.12 -30.84 25.25
CA SER E 32 16.24 -31.21 26.34
C SER E 32 15.02 -30.32 26.41
N ASN E 33 14.06 -30.74 27.22
CA ASN E 33 12.92 -29.89 27.52
C ASN E 33 12.95 -29.41 28.98
N VAL E 34 13.01 -28.09 29.19
CA VAL E 34 13.17 -27.55 30.53
C VAL E 34 12.04 -27.93 31.49
N PHE E 35 10.81 -28.09 30.97
CA PHE E 35 9.69 -28.59 31.82
C PHE E 35 9.92 -30.06 32.27
N GLU E 36 10.36 -30.91 31.34
CA GLU E 36 10.71 -32.29 31.68
C GLU E 36 11.82 -32.36 32.72
N VAL E 37 12.87 -31.57 32.53
CA VAL E 37 13.97 -31.54 33.48
C VAL E 37 13.45 -31.11 34.87
N ALA E 38 12.63 -30.07 34.92
CA ALA E 38 12.15 -29.56 36.20
C ALA E 38 11.19 -30.55 36.87
N ALA E 39 10.35 -31.21 36.07
CA ALA E 39 9.46 -32.27 36.57
C ALA E 39 10.24 -33.43 37.21
N ASN E 40 11.38 -33.78 36.65
CA ASN E 40 12.15 -34.90 37.16
C ASN E 40 13.14 -34.59 38.28
N ALA E 41 13.23 -33.32 38.65
CA ALA E 41 14.25 -32.91 39.60
C ALA E 41 13.62 -32.82 40.99
N ALA E 42 14.43 -32.56 41.99
CA ALA E 42 13.94 -32.36 43.34
C ALA E 42 13.55 -30.88 43.45
N PRO E 43 12.62 -30.55 44.37
CA PRO E 43 12.22 -29.14 44.57
C PRO E 43 13.44 -28.25 44.70
N TYR E 44 13.49 -27.18 43.90
CA TYR E 44 14.57 -26.16 43.98
C TYR E 44 15.98 -26.62 43.57
N GLU E 45 16.10 -27.85 43.09
CA GLU E 45 17.36 -28.32 42.56
C GLU E 45 17.61 -27.59 41.24
N ARG E 46 18.81 -27.05 41.03
CA ARG E 46 19.04 -26.23 39.85
C ARG E 46 19.87 -27.02 38.85
N VAL E 47 19.18 -27.63 37.90
CA VAL E 47 19.81 -28.52 36.90
C VAL E 47 20.25 -27.72 35.67
N ALA E 48 21.52 -27.79 35.29
CA ALA E 48 21.98 -27.09 34.08
C ALA E 48 21.29 -27.69 32.86
N VAL E 49 20.81 -26.84 31.96
CA VAL E 49 20.18 -27.31 30.73
C VAL E 49 20.86 -26.64 29.55
N GLY E 50 21.62 -25.58 29.85
CA GLY E 50 22.55 -24.98 28.91
C GLY E 50 23.85 -24.60 29.60
N LYS E 51 24.94 -24.66 28.85
CA LYS E 51 26.24 -24.29 29.35
C LYS E 51 27.08 -23.65 28.22
N ASN E 52 27.71 -22.51 28.51
CA ASN E 52 28.63 -21.92 27.55
C ASN E 52 29.82 -21.40 28.31
N PHE E 53 30.88 -22.20 28.33
CA PHE E 53 32.00 -21.96 29.24
C PHE E 53 31.46 -21.94 30.67
N GLU E 54 31.64 -20.85 31.41
CA GLU E 54 31.24 -20.87 32.83
C GLU E 54 29.74 -20.59 32.98
N TYR E 55 29.17 -19.93 32.00
CA TYR E 55 27.75 -19.55 32.06
C TYR E 55 26.76 -20.71 31.87
N VAL E 56 25.64 -20.65 32.60
CA VAL E 56 24.64 -21.70 32.58
C VAL E 56 23.24 -21.11 32.49
N ILE E 57 22.33 -21.90 31.94
CA ILE E 57 20.92 -21.74 32.18
C ILE E 57 20.57 -22.95 33.03
N GLU E 58 19.92 -22.71 34.18
CA GLU E 58 19.46 -23.80 35.05
C GLU E 58 17.94 -23.88 35.03
N SER E 59 17.40 -25.09 34.98
CA SER E 59 15.97 -25.33 35.20
C SER E 59 15.72 -25.84 36.62
N ALA E 60 14.64 -25.39 37.25
CA ALA E 60 14.26 -25.84 38.59
C ALA E 60 12.75 -25.90 38.75
N ARG E 61 12.26 -26.83 39.56
CA ARG E 61 10.85 -26.81 39.95
C ARG E 61 10.73 -26.10 41.31
N ALA E 62 10.00 -24.99 41.32
CA ALA E 62 9.60 -24.34 42.57
C ALA E 62 8.41 -25.12 43.13
N GLU E 63 8.55 -25.59 44.36
CA GLU E 63 7.50 -26.36 45.03
C GLU E 63 7.77 -26.19 46.51
N GLY E 64 6.80 -25.66 47.23
CA GLY E 64 6.98 -25.31 48.64
C GLY E 64 7.85 -24.07 48.79
N THR E 65 8.61 -24.02 49.88
CA THR E 65 9.39 -22.85 50.24
C THR E 65 10.86 -23.23 50.14
N SER E 66 11.65 -22.45 49.41
CA SER E 66 13.09 -22.72 49.29
C SER E 66 13.84 -22.21 50.52
N GLY E 67 15.08 -22.68 50.69
CA GLY E 67 16.05 -22.02 51.59
C GLY E 67 16.54 -20.75 50.90
N TRP E 68 17.42 -20.00 51.58
CA TRP E 68 17.98 -18.75 51.04
C TRP E 68 19.20 -18.96 50.15
N PHE E 69 19.33 -18.14 49.10
CA PHE E 69 20.48 -18.15 48.18
C PHE E 69 21.13 -16.75 48.12
N SER E 70 22.43 -16.67 47.82
CA SER E 70 23.03 -15.38 47.44
C SER E 70 24.13 -15.65 46.43
N CYS E 71 24.60 -14.60 45.77
CA CYS E 71 25.54 -14.78 44.69
C CYS E 71 26.52 -13.60 44.63
N ALA E 72 27.75 -13.89 44.20
CA ALA E 72 28.75 -12.86 44.05
C ALA E 72 28.49 -11.98 42.81
N HIS E 73 27.47 -12.29 42.00
CA HIS E 73 27.16 -11.52 40.78
C HIS E 73 25.66 -11.53 40.53
N ASP E 74 25.16 -10.64 39.66
CA ASP E 74 23.74 -10.64 39.28
C ASP E 74 23.33 -12.02 38.74
N GLU E 75 22.06 -12.36 38.92
CA GLU E 75 21.47 -13.49 38.26
C GLU E 75 20.07 -13.07 37.90
N PHE E 76 19.46 -13.82 36.99
CA PHE E 76 18.07 -13.58 36.59
C PHE E 76 17.24 -14.83 36.74
N VAL E 77 15.96 -14.67 37.08
CA VAL E 77 15.06 -15.80 37.15
C VAL E 77 13.87 -15.51 36.24
N LEU E 78 13.51 -16.52 35.46
CA LEU E 78 12.36 -16.44 34.58
C LEU E 78 11.39 -17.54 34.94
N ALA E 79 10.19 -17.13 35.33
CA ALA E 79 9.12 -18.08 35.65
C ALA E 79 8.58 -18.63 34.33
N MET E 80 8.51 -19.95 34.24
CA MET E 80 8.08 -20.57 32.99
C MET E 80 6.64 -21.05 33.02
N ASP E 81 6.05 -21.09 34.22
CA ASP E 81 4.73 -21.67 34.41
C ASP E 81 4.30 -21.58 35.87
N GLY E 82 3.09 -21.12 36.14
CA GLY E 82 2.57 -21.17 37.51
C GLY E 82 2.69 -19.79 38.14
N GLN E 83 2.91 -19.74 39.44
CA GLN E 83 3.14 -18.45 40.11
C GLN E 83 4.18 -18.65 41.21
N ILE E 84 5.24 -17.83 41.21
CA ILE E 84 6.37 -17.99 42.13
C ILE E 84 6.64 -16.66 42.84
N GLU E 85 6.70 -16.68 44.17
CA GLU E 85 6.97 -15.47 44.95
C GLU E 85 8.44 -15.45 45.31
N VAL E 86 9.06 -14.29 45.13
CA VAL E 86 10.48 -14.11 45.38
C VAL E 86 10.62 -13.11 46.50
N HIS E 87 11.39 -13.45 47.52
CA HIS E 87 11.68 -12.55 48.62
C HIS E 87 13.13 -12.11 48.54
N LEU E 88 13.35 -10.80 48.64
CA LEU E 88 14.72 -10.26 48.57
C LEU E 88 15.13 -9.62 49.89
N LEU E 89 16.39 -9.78 50.26
CA LEU E 89 16.89 -9.31 51.55
C LEU E 89 18.29 -8.72 51.31
N LYS E 90 18.50 -7.46 51.66
CA LYS E 90 19.84 -6.84 51.53
C LYS E 90 20.72 -7.29 52.69
N LEU E 91 21.74 -8.12 52.39
CA LEU E 91 22.65 -8.65 53.41
C LEU E 91 23.50 -7.56 54.05
N ASP E 92 23.59 -7.58 55.39
CA ASP E 92 24.44 -6.62 56.10
C ASP E 92 25.91 -6.88 55.74
N ASN E 93 26.30 -8.14 55.66
CA ASN E 93 27.67 -8.54 55.33
C ASN E 93 27.64 -9.71 54.35
N SER E 94 27.42 -9.40 53.08
CA SER E 94 27.23 -10.48 52.08
C SER E 94 28.42 -11.43 52.05
N ASP E 95 29.62 -10.91 52.33
CA ASP E 95 30.84 -11.71 52.33
C ASP E 95 30.88 -12.71 53.49
N ALA E 96 30.06 -12.49 54.51
CA ALA E 96 29.86 -13.50 55.54
C ALA E 96 29.20 -14.79 55.00
N TYR E 97 28.41 -14.66 53.93
CA TYR E 97 27.67 -15.82 53.39
C TYR E 97 28.17 -16.30 52.03
N VAL E 98 28.74 -15.39 51.25
CA VAL E 98 29.16 -15.69 49.87
C VAL E 98 30.62 -15.29 49.73
N ASP E 99 31.45 -16.23 49.29
CA ASP E 99 32.84 -15.93 48.96
C ASP E 99 32.89 -14.91 47.80
N PRO E 100 33.53 -13.76 48.01
CA PRO E 100 33.65 -12.77 46.94
C PRO E 100 34.31 -13.28 45.64
N ASP E 101 35.07 -14.36 45.70
CA ASP E 101 35.73 -14.95 44.51
C ASP E 101 34.96 -16.11 43.92
N SER E 102 33.77 -16.37 44.44
CA SER E 102 32.95 -17.47 43.95
C SER E 102 32.09 -16.99 42.79
N GLU E 103 31.55 -17.95 42.05
CA GLU E 103 30.62 -17.67 40.99
C GLU E 103 29.49 -18.67 41.11
N GLY E 104 28.32 -18.32 40.59
CA GLY E 104 27.15 -19.17 40.78
C GLY E 104 26.51 -18.94 42.12
N ALA E 105 25.23 -19.28 42.23
CA ALA E 105 24.50 -19.11 43.48
C ALA E 105 25.06 -20.02 44.57
N VAL E 106 24.96 -19.56 45.81
CA VAL E 106 25.39 -20.30 46.99
C VAL E 106 24.12 -20.52 47.82
N ALA E 107 23.91 -21.75 48.28
CA ALA E 107 22.81 -22.02 49.18
C ALA E 107 23.29 -21.55 50.54
N ILE E 108 22.58 -20.58 51.13
CA ILE E 108 23.09 -20.00 52.37
C ILE E 108 22.28 -20.35 53.62
N GLY E 109 21.38 -21.33 53.51
CA GLY E 109 20.68 -21.88 54.70
C GLY E 109 19.17 -21.62 54.75
N GLU E 110 18.49 -22.34 55.65
CA GLU E 110 17.05 -22.19 55.85
C GLU E 110 16.74 -21.00 56.77
N ALA E 111 17.67 -20.67 57.65
CA ALA E 111 17.49 -19.60 58.61
C ALA E 111 17.54 -18.24 57.92
N LEU E 112 16.70 -17.30 58.37
CA LEU E 112 16.74 -15.90 57.89
C LEU E 112 18.12 -15.26 58.04
N PRO E 113 18.78 -14.90 56.91
CA PRO E 113 20.08 -14.25 56.97
C PRO E 113 19.94 -12.85 57.55
N GLU E 114 21.05 -12.27 57.99
CA GLU E 114 21.02 -10.98 58.70
C GLU E 114 20.99 -9.86 57.67
N GLY E 115 20.00 -8.98 57.74
CA GLY E 115 19.94 -7.84 56.83
C GLY E 115 18.61 -7.15 56.79
N ARG E 116 18.34 -6.39 55.73
CA ARG E 116 17.11 -5.61 55.62
C ARG E 116 16.25 -6.15 54.48
N LYS E 117 14.96 -6.36 54.76
CA LYS E 117 13.99 -6.77 53.77
C LYS E 117 13.99 -5.77 52.61
N MET E 118 14.11 -6.25 51.38
CA MET E 118 14.15 -5.38 50.18
C MET E 118 12.79 -5.30 49.49
N GLY E 119 12.14 -6.45 49.43
CA GLY E 119 10.80 -6.49 48.90
C GLY E 119 10.37 -7.86 48.46
N ARG E 120 9.32 -7.87 47.66
CA ARG E 120 8.69 -9.11 47.26
C ARG E 120 8.28 -8.93 45.82
N ILE E 121 8.45 -10.00 45.04
CA ILE E 121 8.07 -10.01 43.64
C ILE E 121 7.17 -11.23 43.41
N VAL E 122 6.02 -11.04 42.78
CA VAL E 122 5.19 -12.20 42.40
C VAL E 122 5.27 -12.46 40.88
N LEU E 123 6.02 -13.48 40.49
CA LEU E 123 6.17 -13.83 39.06
C LEU E 123 5.11 -14.82 38.62
N ARG E 124 4.54 -14.57 37.45
CA ARG E 124 3.75 -15.59 36.76
C ARG E 124 4.47 -16.00 35.46
N ARG E 125 3.89 -16.93 34.70
CA ARG E 125 4.47 -17.36 33.43
C ARG E 125 4.97 -16.18 32.61
N GLY E 126 6.23 -16.25 32.21
CA GLY E 126 6.80 -15.26 31.32
C GLY E 126 7.38 -14.03 31.98
N HIS E 127 7.40 -13.99 33.31
CA HIS E 127 7.92 -12.85 34.03
C HIS E 127 9.34 -13.12 34.48
N MET E 128 10.20 -12.13 34.32
CA MET E 128 11.61 -12.22 34.73
C MET E 128 11.89 -11.27 35.89
N ALA E 129 12.62 -11.75 36.91
CA ALA E 129 13.11 -10.87 37.98
C ALA E 129 14.64 -10.76 37.99
N LEU E 130 15.12 -9.58 38.36
CA LEU E 130 16.53 -9.38 38.70
C LEU E 130 16.79 -9.94 40.10
N LEU E 131 17.85 -10.74 40.26
CA LEU E 131 18.35 -11.21 41.58
C LEU E 131 19.68 -10.52 41.76
N PRO E 132 19.68 -9.34 42.41
CA PRO E 132 20.85 -8.49 42.35
C PRO E 132 21.97 -8.96 43.27
N VAL E 133 23.20 -8.82 42.79
CA VAL E 133 24.38 -9.09 43.60
C VAL E 133 24.25 -8.34 44.96
N GLY E 134 24.54 -9.02 46.06
CA GLY E 134 24.46 -8.38 47.39
C GLY E 134 23.19 -8.73 48.13
N ALA E 135 22.20 -9.26 47.39
CA ALA E 135 20.93 -9.63 48.00
C ALA E 135 20.89 -11.12 48.26
N ALA E 136 20.12 -11.51 49.27
CA ALA E 136 19.76 -12.91 49.47
C ALA E 136 18.34 -13.05 48.94
N TYR E 137 18.03 -14.21 48.38
CA TYR E 137 16.71 -14.44 47.85
C TYR E 137 16.21 -15.83 48.22
N ARG E 138 14.87 -15.94 48.29
CA ARG E 138 14.23 -17.23 48.49
C ARG E 138 12.87 -17.24 47.80
N PHE E 139 12.35 -18.44 47.63
CA PHE E 139 11.13 -18.62 46.86
C PHE E 139 10.00 -19.27 47.66
N TYR E 140 8.77 -18.96 47.26
CA TYR E 140 7.59 -19.67 47.74
C TYR E 140 6.71 -19.96 46.52
N ALA E 141 6.28 -21.20 46.37
CA ALA E 141 5.35 -21.59 45.32
C ALA E 141 4.24 -22.37 45.98
N GLU E 142 3.01 -21.90 45.86
CA GLU E 142 1.90 -22.62 46.46
C GLU E 142 1.63 -23.93 45.72
N GLN E 143 1.77 -23.93 44.40
CA GLN E 143 1.63 -25.13 43.58
C GLN E 143 2.94 -25.29 42.82
N PRO E 144 3.31 -26.54 42.44
CA PRO E 144 4.54 -26.68 41.66
C PRO E 144 4.56 -25.79 40.40
N ALA E 145 5.69 -25.14 40.15
CA ALA E 145 5.85 -24.22 39.01
C ALA E 145 7.26 -24.41 38.47
N ALA E 146 7.48 -24.08 37.19
CA ALA E 146 8.83 -24.16 36.61
C ALA E 146 9.51 -22.79 36.48
N MET E 147 10.83 -22.76 36.66
CA MET E 147 11.56 -21.51 36.49
C MET E 147 12.96 -21.77 35.94
N LEU E 148 13.57 -20.74 35.34
CA LEU E 148 14.90 -20.82 34.74
C LEU E 148 15.77 -19.74 35.35
N PHE E 149 17.06 -20.07 35.57
CA PHE E 149 18.05 -19.14 36.04
C PHE E 149 19.09 -18.88 34.94
N GLN E 150 19.44 -17.60 34.77
CA GLN E 150 20.59 -17.19 34.01
C GLN E 150 21.69 -16.92 35.04
N SER E 151 22.74 -17.74 35.04
CA SER E 151 23.74 -17.63 36.08
C SER E 151 25.07 -18.20 35.61
N ILE E 152 25.92 -18.60 36.55
CA ILE E 152 27.23 -19.18 36.22
C ILE E 152 27.28 -20.46 37.04
N GLU E 153 27.88 -21.51 36.50
CA GLU E 153 28.02 -22.78 37.20
C GLU E 153 28.68 -22.54 38.57
N GLY E 154 28.16 -23.15 39.61
CA GLY E 154 28.71 -22.98 40.94
C GLY E 154 28.20 -24.05 41.86
N ALA E 155 28.23 -23.76 43.16
CA ALA E 155 27.99 -24.75 44.19
C ALA E 155 26.62 -25.42 44.14
N VAL E 156 25.64 -24.82 43.45
CA VAL E 156 24.29 -25.39 43.43
C VAL E 156 23.89 -25.90 42.04
N THR E 157 24.78 -25.76 41.07
CA THR E 157 24.52 -26.20 39.70
C THR E 157 24.66 -27.71 39.61
N VAL E 158 23.56 -28.38 39.29
CA VAL E 158 23.57 -29.82 39.15
C VAL E 158 23.75 -30.12 37.67
N GLN E 159 24.82 -30.83 37.32
CA GLN E 159 25.00 -31.23 35.93
C GLN E 159 24.68 -32.72 35.76
N LYS E 160 23.76 -33.03 34.86
CA LYS E 160 23.44 -34.42 34.52
C LYS E 160 23.11 -34.58 33.02
N TRP E 161 24.09 -34.19 32.23
CA TRP E 161 23.98 -34.11 30.78
C TRP E 161 23.60 -35.42 30.10
N GLY E 162 24.25 -36.51 30.51
CA GLY E 162 23.97 -37.83 29.95
C GLY E 162 22.53 -38.25 30.21
N GLU E 163 21.95 -37.70 31.28
CA GLU E 163 20.60 -38.06 31.69
C GLU E 163 19.50 -37.26 31.00
N ILE E 164 19.77 -35.99 30.69
CA ILE E 164 18.72 -35.09 30.16
C ILE E 164 18.61 -35.02 28.63
N CYS E 165 19.68 -35.36 27.91
CA CYS E 165 19.79 -35.12 26.46
C CYS E 165 19.13 -36.17 25.54
N GLN E 166 18.99 -35.81 24.25
CA GLN E 166 18.52 -36.71 23.18
C GLN E 166 19.62 -37.69 22.72
N LYS F 16 46.00 -4.56 4.80
CA LYS F 16 44.97 -3.72 5.48
C LYS F 16 43.59 -3.73 4.81
N ALA F 17 42.58 -3.78 5.66
CA ALA F 17 41.18 -3.68 5.28
C ALA F 17 40.87 -2.52 4.33
N ARG F 18 40.07 -2.85 3.32
CA ARG F 18 39.68 -1.92 2.30
C ARG F 18 38.64 -0.94 2.83
N THR F 19 38.57 0.22 2.21
CA THR F 19 37.60 1.24 2.58
C THR F 19 36.93 1.83 1.33
N ASP F 20 37.29 1.33 0.15
CA ASP F 20 36.83 1.90 -1.11
C ASP F 20 35.42 1.43 -1.46
N THR F 21 34.45 2.33 -1.34
CA THR F 21 33.09 2.04 -1.75
C THR F 21 32.63 3.18 -2.65
N GLU F 22 31.55 2.97 -3.38
CA GLU F 22 31.18 3.95 -4.39
C GLU F 22 29.70 3.87 -4.71
N HIS F 23 29.07 5.03 -4.82
CA HIS F 23 27.74 5.09 -5.43
C HIS F 23 27.93 5.14 -6.93
N LEU F 24 27.39 4.18 -7.66
CA LEU F 24 27.48 4.19 -9.12
C LEU F 24 26.21 4.83 -9.68
N ALA F 25 25.87 4.55 -10.93
CA ALA F 25 24.81 5.26 -11.65
C ALA F 25 23.40 4.86 -11.22
N ILE F 26 22.46 5.82 -11.20
CA ILE F 26 21.04 5.47 -11.14
C ILE F 26 20.69 4.88 -12.50
N ASN F 27 19.94 3.79 -12.51
CA ASN F 27 19.40 3.27 -13.76
C ASN F 27 18.12 4.02 -14.07
N ASN F 28 18.05 4.56 -15.29
CA ASN F 28 16.91 5.32 -15.77
C ASN F 28 15.61 4.53 -15.78
N GLU F 29 15.72 3.26 -16.11
CA GLU F 29 14.55 2.40 -16.22
C GLU F 29 14.03 1.98 -14.83
N THR F 30 14.88 1.32 -14.06
CA THR F 30 14.49 0.75 -12.77
C THR F 30 14.37 1.78 -11.64
N GLY F 31 15.07 2.92 -11.77
CA GLY F 31 15.05 3.97 -10.73
C GLY F 31 15.99 3.71 -9.55
N TYR F 32 16.67 2.56 -9.56
CA TYR F 32 17.59 2.19 -8.48
C TYR F 32 19.01 2.55 -8.84
N ARG F 33 19.77 2.93 -7.83
CA ARG F 33 21.20 3.15 -7.95
C ARG F 33 21.92 1.84 -7.75
N SER F 34 23.05 1.68 -8.44
CA SER F 34 23.92 0.57 -8.15
C SER F 34 25.12 1.04 -7.31
N PHE F 35 25.77 0.09 -6.64
CA PHE F 35 26.82 0.42 -5.65
C PHE F 35 28.00 -0.52 -5.80
N ARG F 36 29.15 -0.07 -5.31
CA ARG F 36 30.36 -0.87 -5.35
C ARG F 36 31.00 -0.89 -3.95
N ALA F 37 31.47 -2.06 -3.54
CA ALA F 37 32.35 -2.19 -2.39
C ALA F 37 33.54 -3.08 -2.75
N GLY F 38 34.75 -2.51 -2.76
CA GLY F 38 35.93 -3.24 -3.22
C GLY F 38 35.74 -3.66 -4.66
N GLY F 39 35.84 -4.96 -4.91
CA GLY F 39 35.63 -5.49 -6.26
C GLY F 39 34.23 -6.02 -6.48
N PHE F 40 33.35 -5.87 -5.49
CA PHE F 40 31.94 -6.29 -5.59
C PHE F 40 31.06 -5.17 -6.13
N THR F 41 30.10 -5.53 -6.99
CA THR F 41 29.12 -4.55 -7.43
CA THR F 41 29.11 -4.54 -7.41
C THR F 41 27.72 -5.06 -7.08
N PHE F 42 26.81 -4.12 -6.79
CA PHE F 42 25.47 -4.41 -6.35
C PHE F 42 24.51 -3.66 -7.21
N THR F 43 23.64 -4.41 -7.89
CA THR F 43 22.60 -3.85 -8.72
C THR F 43 21.31 -4.61 -8.47
N ARG F 44 20.17 -3.91 -8.35
CA ARG F 44 18.87 -4.59 -8.30
C ARG F 44 18.01 -4.20 -9.48
N ASP F 45 17.12 -5.09 -9.88
CA ASP F 45 16.12 -4.74 -10.89
C ASP F 45 14.70 -5.02 -10.33
N GLU F 46 13.72 -5.24 -11.20
CA GLU F 46 12.35 -5.48 -10.74
C GLU F 46 12.22 -6.71 -9.78
N TYR F 47 13.11 -7.69 -9.93
CA TYR F 47 12.96 -8.95 -9.19
C TYR F 47 14.17 -9.38 -8.37
N PHE F 48 15.36 -8.93 -8.77
CA PHE F 48 16.62 -9.53 -8.30
C PHE F 48 17.63 -8.50 -7.78
N ALA F 49 18.43 -8.94 -6.82
CA ALA F 49 19.75 -8.37 -6.52
C ALA F 49 20.73 -9.11 -7.42
N ARG F 50 21.51 -8.34 -8.19
CA ARG F 50 22.59 -8.86 -9.06
C ARG F 50 23.96 -8.43 -8.52
N LEU F 51 24.78 -9.41 -8.20
CA LEU F 51 26.06 -9.18 -7.58
C LEU F 51 27.13 -9.65 -8.54
N THR F 52 28.22 -8.89 -8.61
CA THR F 52 29.40 -9.33 -9.34
C THR F 52 30.63 -9.15 -8.48
N TRP F 53 31.67 -9.90 -8.79
CA TRP F 53 33.01 -9.74 -8.21
C TRP F 53 33.97 -10.18 -9.31
N PRO F 54 35.27 -9.92 -9.15
CA PRO F 54 36.21 -10.37 -10.19
C PRO F 54 36.12 -11.87 -10.42
N GLY F 55 35.66 -12.27 -11.60
CA GLY F 55 35.61 -13.68 -11.99
C GLY F 55 34.27 -14.39 -11.80
N GLY F 56 33.26 -13.68 -11.26
CA GLY F 56 31.98 -14.35 -11.02
C GLY F 56 30.82 -13.39 -10.85
N SER F 57 29.63 -13.96 -10.83
CA SER F 57 28.46 -13.18 -10.44
C SER F 57 27.39 -14.11 -9.87
N HIS F 58 26.36 -13.53 -9.28
CA HIS F 58 25.33 -14.29 -8.56
C HIS F 58 24.05 -13.46 -8.57
N ILE F 59 22.92 -14.15 -8.54
CA ILE F 59 21.63 -13.49 -8.44
C ILE F 59 20.90 -14.00 -7.22
N ILE F 60 20.28 -13.09 -6.46
CA ILE F 60 19.42 -13.46 -5.33
C ILE F 60 18.06 -12.77 -5.49
N PRO F 61 16.92 -13.49 -5.28
CA PRO F 61 15.64 -12.77 -5.36
C PRO F 61 15.62 -11.58 -4.40
N ILE F 62 15.12 -10.42 -4.85
CA ILE F 62 15.29 -9.17 -4.12
C ILE F 62 14.66 -9.18 -2.74
N ASP F 63 13.55 -9.92 -2.58
CA ASP F 63 12.92 -9.99 -1.27
C ASP F 63 13.81 -10.70 -0.26
N ALA F 64 14.34 -11.87 -0.66
CA ALA F 64 15.31 -12.58 0.20
C ALA F 64 16.52 -11.70 0.47
N PHE F 65 17.00 -11.00 -0.56
CA PHE F 65 18.20 -10.21 -0.41
C PHE F 65 17.99 -9.09 0.61
N LEU F 66 16.86 -8.39 0.51
CA LEU F 66 16.62 -7.25 1.40
C LEU F 66 16.38 -7.68 2.84
N ARG F 67 15.64 -8.77 3.02
CA ARG F 67 15.48 -9.35 4.36
C ARG F 67 16.84 -9.71 4.97
N ALA F 68 17.73 -10.34 4.18
CA ALA F 68 19.08 -10.69 4.70
C ALA F 68 19.90 -9.44 5.02
N MET F 69 19.89 -8.47 4.11
CA MET F 69 20.63 -7.23 4.28
C MET F 69 20.15 -6.48 5.53
N MET F 70 18.82 -6.38 5.71
CA MET F 70 18.25 -5.75 6.87
C MET F 70 18.89 -6.35 8.14
N ARG F 71 18.98 -7.68 8.21
CA ARG F 71 19.59 -8.36 9.36
C ARG F 71 21.09 -8.03 9.54
N ASP F 72 21.87 -8.13 8.46
CA ASP F 72 23.30 -7.89 8.57
C ASP F 72 23.57 -6.43 8.99
N VAL F 73 22.75 -5.52 8.47
CA VAL F 73 22.79 -4.10 8.89
C VAL F 73 22.36 -3.93 10.36
N ALA F 74 21.21 -4.48 10.77
CA ALA F 74 20.70 -4.21 12.11
C ALA F 74 21.63 -4.77 13.17
N TRP F 75 22.28 -5.88 12.83
CA TRP F 75 23.13 -6.61 13.77
C TRP F 75 24.58 -6.13 13.78
N GLY F 76 24.90 -5.13 12.96
CA GLY F 76 26.29 -4.67 12.86
C GLY F 76 27.23 -5.84 12.53
N PHE F 77 26.73 -6.73 11.67
CA PHE F 77 27.42 -7.96 11.19
C PHE F 77 27.35 -9.19 12.09
N PHE F 78 26.71 -9.05 13.25
CA PHE F 78 26.38 -10.15 14.16
C PHE F 78 27.66 -10.87 14.63
N TYR F 79 27.58 -12.17 14.89
CA TYR F 79 28.72 -12.96 15.30
C TYR F 79 29.07 -13.96 14.22
N GLY F 80 30.33 -14.04 13.85
CA GLY F 80 30.75 -15.11 12.94
C GLY F 80 30.24 -14.85 11.54
N VAL F 81 29.71 -15.88 10.91
CA VAL F 81 29.31 -15.79 9.50
C VAL F 81 27.80 -15.54 9.33
N VAL F 82 27.48 -14.50 8.55
CA VAL F 82 26.10 -14.28 8.11
C VAL F 82 25.98 -14.64 6.60
N ASN F 83 25.55 -15.88 6.33
CA ASN F 83 25.34 -16.34 4.97
C ASN F 83 23.99 -15.87 4.48
N PHE F 84 23.99 -15.00 3.47
CA PHE F 84 22.73 -14.54 2.86
C PHE F 84 22.13 -15.76 2.18
N ASP F 85 23.00 -16.59 1.61
CA ASP F 85 22.58 -17.85 1.00
C ASP F 85 23.78 -18.75 0.85
N HIS F 86 23.70 -19.72 -0.06
CA HIS F 86 24.75 -20.71 -0.23
C HIS F 86 26.02 -20.15 -0.88
N VAL F 87 26.00 -18.89 -1.31
CA VAL F 87 27.14 -18.27 -1.99
C VAL F 87 27.66 -17.03 -1.28
N PHE F 88 26.77 -16.10 -1.00
CA PHE F 88 27.17 -14.75 -0.58
C PHE F 88 26.96 -14.50 0.91
N GLY F 89 27.84 -13.74 1.53
CA GLY F 89 27.67 -13.39 2.95
C GLY F 89 28.79 -12.55 3.52
N THR F 90 28.81 -12.40 4.83
CA THR F 90 29.88 -11.67 5.52
C THR F 90 30.42 -12.46 6.71
N ILE F 91 31.60 -12.09 7.18
CA ILE F 91 32.19 -12.73 8.34
C ILE F 91 32.62 -11.57 9.22
N ASN F 92 32.16 -11.55 10.45
CA ASN F 92 32.47 -10.41 11.30
C ASN F 92 33.80 -10.69 11.98
N HIS F 93 34.74 -9.74 11.84
CA HIS F 93 36.00 -9.80 12.57
C HIS F 93 36.03 -8.76 13.71
N TYR F 94 34.92 -8.05 13.90
CA TYR F 94 34.72 -7.09 15.01
C TYR F 94 35.56 -5.82 14.89
N GLY F 95 35.15 -4.96 13.95
CA GLY F 95 35.92 -3.77 13.59
C GLY F 95 36.38 -3.87 12.15
N GLU F 96 36.52 -5.10 11.66
CA GLU F 96 36.69 -5.34 10.23
C GLU F 96 35.73 -6.47 9.83
N VAL F 97 35.52 -6.67 8.53
CA VAL F 97 34.54 -7.66 8.09
C VAL F 97 34.91 -8.18 6.69
N THR F 98 34.82 -9.49 6.51
CA THR F 98 35.05 -10.08 5.22
C THR F 98 33.71 -10.28 4.48
N MET F 99 33.67 -9.85 3.23
CA MET F 99 32.55 -10.12 2.34
C MET F 99 33.01 -11.12 1.30
N PHE F 100 32.20 -12.15 1.09
CA PHE F 100 32.59 -13.31 0.31
C PHE F 100 31.58 -13.79 -0.73
N ALA F 101 32.11 -14.40 -1.78
CA ALA F 101 31.32 -15.22 -2.68
C ALA F 101 31.95 -16.59 -2.75
N GLY F 102 31.24 -17.59 -2.25
CA GLY F 102 31.62 -19.00 -2.33
C GLY F 102 32.59 -19.51 -1.27
N ARG F 103 32.93 -18.68 -0.30
CA ARG F 103 33.89 -19.06 0.75
C ARG F 103 33.44 -20.32 1.54
N PHE F 104 32.13 -20.48 1.74
CA PHE F 104 31.65 -21.66 2.47
C PHE F 104 30.77 -22.54 1.58
N ASN F 105 31.26 -22.76 0.38
CA ASN F 105 30.59 -23.56 -0.62
C ASN F 105 31.66 -24.48 -1.22
N ASP F 106 31.53 -25.78 -0.95
CA ASP F 106 32.53 -26.74 -1.40
C ASP F 106 32.76 -26.72 -2.92
N ALA F 107 31.71 -26.45 -3.69
CA ALA F 107 31.85 -26.44 -5.16
C ALA F 107 32.78 -25.30 -5.57
N TYR F 108 32.57 -24.11 -4.99
CA TYR F 108 33.43 -22.97 -5.28
C TYR F 108 34.82 -23.17 -4.69
N ARG F 109 34.89 -23.59 -3.42
CA ARG F 109 36.15 -23.76 -2.73
C ARG F 109 37.08 -24.79 -3.35
N ASN F 110 36.55 -25.98 -3.66
CA ASN F 110 37.34 -27.04 -4.30
C ASN F 110 37.90 -26.59 -5.64
N ALA F 111 37.16 -25.75 -6.37
CA ALA F 111 37.60 -25.31 -7.68
C ALA F 111 38.38 -24.01 -7.60
N GLY F 112 38.65 -23.54 -6.38
CA GLY F 112 39.36 -22.27 -6.19
C GLY F 112 38.65 -21.06 -6.78
N ARG F 113 37.32 -21.09 -6.79
CA ARG F 113 36.56 -20.01 -7.41
C ARG F 113 35.90 -19.07 -6.40
N ASP F 114 36.07 -19.33 -5.12
CA ASP F 114 35.58 -18.43 -4.11
C ASP F 114 36.31 -17.09 -4.23
N HIS F 115 35.68 -16.03 -3.74
CA HIS F 115 36.33 -14.73 -3.65
C HIS F 115 36.00 -14.08 -2.30
N GLU F 116 37.01 -13.51 -1.65
CA GLU F 116 36.83 -12.81 -0.37
C GLU F 116 37.52 -11.46 -0.39
N GLU F 117 36.92 -10.46 0.24
CA GLU F 117 37.60 -9.19 0.46
C GLU F 117 37.34 -8.76 1.88
N ARG F 118 38.35 -8.15 2.49
CA ARG F 118 38.25 -7.66 3.86
C ARG F 118 38.15 -6.12 3.90
N PHE F 119 37.19 -5.62 4.67
CA PHE F 119 36.87 -4.18 4.76
C PHE F 119 36.95 -3.67 6.19
N LYS F 120 37.16 -2.36 6.36
CA LYS F 120 36.84 -1.73 7.64
C LYS F 120 35.33 -1.83 7.77
N SER F 121 34.84 -2.18 8.95
CA SER F 121 33.41 -2.37 9.15
C SER F 121 32.57 -1.13 8.88
N SER F 122 33.04 0.03 9.32
CA SER F 122 32.25 1.24 9.07
C SER F 122 32.15 1.59 7.58
N ALA F 123 33.15 1.24 6.77
CA ALA F 123 33.06 1.51 5.33
C ALA F 123 32.05 0.58 4.63
N LEU F 124 32.07 -0.71 4.97
CA LEU F 124 31.09 -1.68 4.44
C LEU F 124 29.68 -1.45 4.98
N MET F 125 29.57 -1.16 6.28
CA MET F 125 28.28 -0.79 6.86
C MET F 125 27.66 0.42 6.16
N ALA F 126 28.47 1.44 5.88
CA ALA F 126 27.96 2.65 5.23
C ALA F 126 27.31 2.34 3.86
N VAL F 127 27.95 1.50 3.05
CA VAL F 127 27.43 1.21 1.70
C VAL F 127 26.24 0.23 1.80
N PHE F 128 26.28 -0.68 2.78
CA PHE F 128 25.16 -1.59 3.04
C PHE F 128 23.90 -0.80 3.39
N LYS F 129 24.03 0.24 4.22
CA LYS F 129 22.87 1.08 4.57
C LYS F 129 22.33 1.89 3.38
N ASP F 130 23.23 2.33 2.51
CA ASP F 130 22.85 3.05 1.31
C ASP F 130 22.11 2.12 0.34
N ILE F 131 22.60 0.90 0.20
CA ILE F 131 21.97 -0.10 -0.66
C ILE F 131 20.57 -0.42 -0.11
N LEU F 132 20.51 -0.73 1.17
CA LEU F 132 19.25 -1.02 1.84
C LEU F 132 18.28 0.17 1.68
N SER F 133 18.75 1.38 1.94
CA SER F 133 17.86 2.51 1.82
C SER F 133 17.37 2.71 0.38
N ASP F 134 18.28 2.58 -0.56
CA ASP F 134 17.93 2.81 -1.96
C ASP F 134 16.98 1.76 -2.52
N TRP F 135 17.23 0.50 -2.17
CA TRP F 135 16.52 -0.62 -2.78
C TRP F 135 15.18 -0.94 -2.11
N THR F 136 14.97 -0.42 -0.89
CA THR F 136 13.72 -0.58 -0.19
C THR F 136 12.68 0.46 -0.63
N VAL F 137 11.50 -0.02 -1.04
CA VAL F 137 10.45 0.84 -1.58
C VAL F 137 9.34 1.06 -0.56
N GLU F 138 8.53 2.09 -0.81
CA GLU F 138 7.41 2.44 0.05
C GLU F 138 6.51 1.23 0.30
N GLY F 139 6.09 1.07 1.56
CA GLY F 139 5.20 -0.02 1.96
C GLY F 139 5.82 -1.41 2.07
N TYR F 140 7.14 -1.52 1.88
CA TYR F 140 7.85 -2.78 2.05
C TYR F 140 8.76 -2.69 3.28
N ASP F 141 8.55 -3.60 4.23
CA ASP F 141 9.34 -3.61 5.46
C ASP F 141 10.16 -4.90 5.52
N PRO F 142 11.50 -4.82 5.29
CA PRO F 142 12.24 -6.10 5.20
C PRO F 142 12.55 -6.75 6.55
N PHE F 143 12.06 -6.14 7.64
CA PHE F 143 12.25 -6.63 9.01
C PHE F 143 11.00 -7.40 9.46
N ALA F 144 9.99 -7.37 8.59
CA ALA F 144 8.67 -7.92 8.89
C ALA F 144 8.44 -9.26 8.18
N ALA F 145 7.44 -10.01 8.65
CA ALA F 145 7.04 -11.29 8.00
C ALA F 145 6.20 -10.96 6.75
N PRO F 146 6.19 -11.86 5.75
CA PRO F 146 5.49 -11.51 4.49
C PRO F 146 4.01 -11.14 4.64
N MET F 147 3.29 -11.78 5.56
CA MET F 147 1.86 -11.44 5.71
C MET F 147 1.67 -10.07 6.35
N GLU F 148 2.75 -9.46 6.84
CA GLU F 148 2.65 -8.17 7.54
C GLU F 148 2.95 -6.95 6.67
N THR F 149 3.41 -7.16 5.46
CA THR F 149 3.97 -6.03 4.73
C THR F 149 3.69 -6.12 3.24
N GLY F 150 4.08 -5.10 2.50
CA GLY F 150 3.88 -5.12 1.06
C GLY F 150 4.97 -5.89 0.34
N LEU F 151 5.17 -5.54 -0.93
CA LEU F 151 6.07 -6.29 -1.82
C LEU F 151 7.22 -5.41 -2.30
N PRO F 152 8.41 -6.01 -2.57
CA PRO F 152 9.53 -5.17 -2.99
C PRO F 152 9.75 -5.16 -4.51
N TRP F 153 8.88 -5.86 -5.26
CA TRP F 153 9.04 -5.99 -6.71
C TRP F 153 8.86 -4.68 -7.45
N GLY F 154 9.46 -4.63 -8.65
CA GLY F 154 9.22 -3.57 -9.60
C GLY F 154 10.16 -2.40 -9.46
N ILE F 155 9.80 -1.30 -10.12
CA ILE F 155 10.64 -0.10 -10.17
C ILE F 155 10.58 0.67 -8.86
N LYS F 156 11.62 1.45 -8.61
CA LYS F 156 11.74 2.28 -7.42
C LYS F 156 10.48 3.14 -7.24
N ASN F 157 9.90 3.06 -6.06
CA ASN F 157 8.72 3.78 -5.77
C ASN F 157 8.83 4.18 -4.32
N GLY F 158 9.40 5.37 -4.11
CA GLY F 158 9.57 5.91 -2.75
C GLY F 158 10.54 5.10 -1.92
N ASN F 159 10.49 5.28 -0.61
CA ASN F 159 11.37 4.55 0.28
C ASN F 159 10.64 4.12 1.52
N ASN F 160 11.31 3.31 2.32
CA ASN F 160 10.80 2.99 3.64
C ASN F 160 11.92 3.16 4.63
N ASP F 161 12.53 4.34 4.59
CA ASP F 161 13.65 4.64 5.45
C ASP F 161 13.35 4.48 6.96
N GLU F 162 12.09 4.67 7.34
CA GLU F 162 11.69 4.51 8.73
C GLU F 162 11.79 3.06 9.16
N ALA F 163 11.31 2.14 8.31
CA ALA F 163 11.37 0.73 8.64
C ALA F 163 12.80 0.23 8.82
N ILE F 164 13.71 0.73 7.99
CA ILE F 164 15.08 0.19 7.96
C ILE F 164 16.06 0.93 8.88
N SER F 165 15.55 1.94 9.59
CA SER F 165 16.31 2.82 10.49
C SER F 165 15.96 2.63 11.94
N ARG F 166 15.34 1.51 12.30
CA ARG F 166 14.90 1.31 13.68
C ARG F 166 16.11 1.26 14.62
N GLN F 167 15.99 1.91 15.78
CA GLN F 167 17.06 1.87 16.80
C GLN F 167 17.21 0.46 17.35
N ARG F 168 18.43 -0.08 17.35
CA ARG F 168 18.69 -1.35 18.04
C ARG F 168 18.43 -1.18 19.55
N VAL F 169 17.81 -2.17 20.19
CA VAL F 169 17.66 -2.09 21.64
C VAL F 169 18.45 -3.19 22.33
N THR F 170 19.14 -2.78 23.38
CA THR F 170 20.08 -3.61 24.13
C THR F 170 20.04 -3.23 25.60
N ALA F 171 19.58 -4.12 26.46
CA ALA F 171 19.63 -3.86 27.91
C ALA F 171 21.08 -3.83 28.37
N ARG F 172 21.44 -2.91 29.27
CA ARG F 172 22.77 -2.92 29.90
C ARG F 172 22.76 -3.96 31.03
N ARG F 173 21.62 -4.05 31.73
CA ARG F 173 21.48 -5.00 32.84
C ARG F 173 20.17 -5.79 32.75
N MET F 174 19.04 -5.09 32.77
CA MET F 174 17.77 -5.73 32.50
C MET F 174 16.78 -4.70 32.01
N VAL F 175 15.91 -5.11 31.09
CA VAL F 175 14.73 -4.35 30.72
C VAL F 175 14.03 -3.80 31.96
N GLY F 176 13.67 -2.51 31.93
CA GLY F 176 12.82 -1.94 32.98
C GLY F 176 13.55 -1.34 34.16
N LEU F 177 14.86 -1.55 34.28
CA LEU F 177 15.63 -0.92 35.37
C LEU F 177 15.77 0.61 35.14
N PRO F 178 15.92 1.40 36.23
CA PRO F 178 16.13 2.84 36.02
C PRO F 178 17.27 3.07 35.04
N GLY F 179 17.00 3.89 34.02
CA GLY F 179 17.99 4.25 33.04
C GLY F 179 18.28 3.16 32.02
N ASP F 180 17.64 1.99 32.16
CA ASP F 180 17.87 0.91 31.23
C ASP F 180 16.83 0.89 30.10
N THR F 181 17.01 0.00 29.12
CA THR F 181 16.02 -0.11 28.04
C THR F 181 14.62 -0.37 28.63
N PRO F 182 13.62 0.34 28.14
CA PRO F 182 12.32 0.28 28.84
C PRO F 182 11.41 -0.84 28.39
N VAL F 183 10.46 -1.18 29.25
CA VAL F 183 9.32 -2.05 28.94
C VAL F 183 8.57 -1.46 27.74
N ARG F 184 8.04 -2.33 26.87
CA ARG F 184 7.28 -1.90 25.68
C ARG F 184 5.82 -1.70 26.04
N THR F 185 5.21 -0.62 25.57
CA THR F 185 3.79 -0.33 25.88
C THR F 185 3.14 0.22 24.63
N ASP F 186 1.81 0.35 24.64
CA ASP F 186 1.12 1.09 23.59
C ASP F 186 1.65 2.50 23.59
N ALA F 187 1.79 3.10 24.77
CA ALA F 187 2.23 4.51 24.88
C ALA F 187 3.55 4.78 24.15
N ASN F 188 4.52 3.87 24.29
CA ASN F 188 5.82 4.09 23.64
C ASN F 188 5.93 3.53 22.22
N GLY F 189 4.81 3.11 21.63
CA GLY F 189 4.80 2.77 20.22
C GLY F 189 4.94 1.29 19.90
N PHE F 190 4.71 0.43 20.91
CA PHE F 190 4.81 -1.00 20.72
C PHE F 190 3.53 -1.80 21.09
N PRO F 191 2.50 -1.76 20.23
CA PRO F 191 1.28 -2.50 20.52
C PRO F 191 1.52 -4.00 20.33
N VAL F 192 0.65 -4.82 20.90
CA VAL F 192 0.76 -6.28 20.77
C VAL F 192 0.61 -6.71 19.31
N ASN F 193 1.53 -7.53 18.81
CA ASN F 193 1.41 -8.08 17.46
C ASN F 193 0.16 -8.97 17.29
N ARG F 194 -0.44 -8.94 16.11
CA ARG F 194 -1.69 -9.65 15.91
C ARG F 194 -1.55 -11.14 16.18
N GLN F 195 -0.37 -11.72 15.96
CA GLN F 195 -0.25 -13.17 16.18
C GLN F 195 0.18 -13.53 17.61
N PHE F 196 0.22 -12.52 18.49
CA PHE F 196 0.32 -12.74 19.93
C PHE F 196 -0.88 -12.11 20.66
N ALA F 197 -2.01 -12.00 19.99
CA ALA F 197 -3.15 -11.24 20.55
C ALA F 197 -3.68 -11.79 21.85
N ASP F 198 -3.54 -13.11 22.04
CA ASP F 198 -3.97 -13.77 23.25
C ASP F 198 -2.97 -13.75 24.42
N VAL F 199 -1.76 -13.20 24.24
CA VAL F 199 -0.74 -13.24 25.31
C VAL F 199 -1.07 -12.33 26.52
N PRO F 200 -1.17 -12.89 27.75
CA PRO F 200 -1.37 -12.05 28.94
C PRO F 200 -0.33 -10.94 29.04
N GLN F 201 -0.79 -9.73 29.32
CA GLN F 201 0.06 -8.53 29.35
C GLN F 201 0.39 -7.96 30.76
N GLU F 202 -0.22 -8.50 31.82
CA GLU F 202 -0.05 -7.89 33.16
C GLU F 202 1.40 -7.93 33.58
N GLN F 203 1.85 -6.95 34.33
CA GLN F 203 3.23 -6.98 34.87
C GLN F 203 3.25 -7.79 36.17
N PRO F 204 4.37 -8.41 36.53
CA PRO F 204 4.51 -9.09 37.83
C PRO F 204 4.27 -8.10 38.95
N VAL F 205 3.70 -8.55 40.07
CA VAL F 205 3.64 -7.71 41.25
C VAL F 205 5.04 -7.42 41.78
N VAL F 206 5.35 -6.15 42.01
CA VAL F 206 6.65 -5.76 42.56
C VAL F 206 6.41 -4.84 43.74
N GLU F 207 6.79 -5.27 44.94
CA GLU F 207 6.68 -4.44 46.13
C GLU F 207 8.05 -4.22 46.73
N ALA F 208 8.57 -3.00 46.59
CA ALA F 208 9.87 -2.68 47.15
C ALA F 208 9.67 -2.01 48.50
N GLU F 209 10.55 -2.31 49.45
CA GLU F 209 10.57 -1.58 50.70
C GLU F 209 11.26 -0.24 50.45
N PRO F 210 10.98 0.78 51.28
CA PRO F 210 11.65 2.09 51.17
C PRO F 210 13.16 1.98 50.98
N GLY F 211 13.67 2.68 49.97
CA GLY F 211 15.11 2.70 49.68
C GLY F 211 15.56 1.65 48.69
N PHE F 212 14.70 0.67 48.38
CA PHE F 212 15.11 -0.42 47.49
C PHE F 212 14.42 -0.47 46.15
N GLU F 213 13.67 0.57 45.82
CA GLU F 213 12.81 0.52 44.62
C GLU F 213 13.61 0.41 43.31
N ALA F 214 14.88 0.82 43.36
CA ALA F 214 15.76 0.74 42.22
C ALA F 214 16.37 -0.65 42.00
N GLU F 215 16.37 -1.49 43.03
CA GLU F 215 16.93 -2.82 42.82
C GLU F 215 15.98 -4.01 43.01
N VAL F 216 14.70 -3.72 43.21
CA VAL F 216 13.67 -4.76 43.22
C VAL F 216 12.92 -4.55 41.92
N SER F 217 13.13 -5.44 40.96
CA SER F 217 12.64 -5.16 39.60
C SER F 217 12.29 -6.44 38.87
N ALA F 218 11.19 -6.39 38.13
CA ALA F 218 10.72 -7.53 37.34
C ALA F 218 9.77 -7.05 36.27
N TYR F 219 9.67 -7.79 35.15
CA TYR F 219 8.82 -7.40 34.05
C TYR F 219 8.29 -8.66 33.36
N ASN F 220 7.28 -8.46 32.51
CA ASN F 220 6.64 -9.54 31.80
C ASN F 220 7.40 -9.69 30.48
N LEU F 221 8.33 -10.63 30.46
CA LEU F 221 9.14 -10.82 29.24
C LEU F 221 8.33 -11.33 28.03
N PHE F 222 7.39 -12.25 28.26
CA PHE F 222 6.56 -12.76 27.15
C PHE F 222 5.72 -11.61 26.57
N GLY F 223 5.24 -10.72 27.44
CA GLY F 223 4.50 -9.54 26.96
C GLY F 223 5.42 -8.63 26.12
N TYR F 224 6.62 -8.40 26.62
CA TYR F 224 7.65 -7.61 25.92
C TYR F 224 7.90 -8.19 24.51
N LEU F 225 8.01 -9.50 24.42
CA LEU F 225 8.18 -10.17 23.13
C LEU F 225 6.91 -10.11 22.26
N SER F 226 5.74 -10.18 22.88
CA SER F 226 4.50 -10.06 22.12
C SER F 226 4.43 -8.71 21.40
N ARG F 227 5.22 -7.76 21.89
CA ARG F 227 5.22 -6.40 21.35
C ARG F 227 6.38 -6.07 20.43
N SER F 228 7.25 -7.03 20.15
CA SER F 228 8.33 -6.80 19.22
C SER F 228 7.75 -6.45 17.85
N ASP F 229 8.21 -5.33 17.30
CA ASP F 229 7.71 -4.88 16.00
C ASP F 229 8.52 -5.43 14.83
N VAL F 230 9.45 -6.36 15.09
CA VAL F 230 10.32 -6.93 14.05
C VAL F 230 10.40 -8.44 14.22
N THR F 231 10.90 -9.15 13.20
CA THR F 231 11.08 -10.59 13.26
C THR F 231 12.58 -10.92 13.20
N TRP F 232 12.97 -12.07 13.78
CA TRP F 232 14.35 -12.56 13.69
C TRP F 232 15.36 -11.45 14.05
N ASN F 233 15.30 -11.01 15.31
CA ASN F 233 16.14 -9.92 15.80
C ASN F 233 16.52 -10.09 17.29
N PRO F 234 17.46 -11.02 17.57
CA PRO F 234 17.89 -11.31 18.94
C PRO F 234 18.28 -9.99 19.58
N SER F 235 17.76 -9.73 20.77
CA SER F 235 17.91 -8.40 21.34
C SER F 235 18.01 -8.56 22.85
N VAL F 236 19.04 -7.95 23.43
CA VAL F 236 19.44 -8.25 24.80
C VAL F 236 18.39 -7.77 25.81
N CYS F 237 17.95 -8.68 26.70
CA CYS F 237 17.01 -8.32 27.78
C CYS F 237 17.61 -8.39 29.19
N SER F 238 18.68 -9.17 29.35
CA SER F 238 19.29 -9.39 30.67
C SER F 238 20.73 -9.86 30.45
N VAL F 239 21.62 -9.45 31.37
CA VAL F 239 23.06 -9.59 31.21
C VAL F 239 23.71 -10.04 32.51
N VAL F 240 24.50 -11.11 32.45
CA VAL F 240 25.44 -11.40 33.54
C VAL F 240 26.83 -11.67 32.93
N GLY F 241 27.73 -10.73 33.14
CA GLY F 241 29.05 -10.81 32.52
C GLY F 241 28.83 -10.85 31.02
N ASP F 242 29.36 -11.89 30.37
CA ASP F 242 29.19 -12.09 28.94
C ASP F 242 27.93 -12.86 28.55
N SER F 243 27.19 -13.36 29.53
CA SER F 243 25.96 -14.12 29.26
C SER F 243 24.86 -13.13 28.86
N LEU F 244 24.33 -13.32 27.66
CA LEU F 244 23.34 -12.41 27.11
C LEU F 244 22.08 -13.19 26.75
N PHE F 245 20.98 -12.89 27.43
CA PHE F 245 19.67 -13.39 26.98
C PHE F 245 19.19 -12.46 25.87
N CYS F 246 19.00 -13.01 24.68
CA CYS F 246 18.64 -12.21 23.49
C CYS F 246 17.41 -12.80 22.83
N PRO F 247 16.25 -12.67 23.47
CA PRO F 247 15.03 -13.18 22.85
C PRO F 247 14.48 -12.27 21.75
N THR F 248 13.61 -12.88 20.94
CA THR F 248 13.10 -12.26 19.74
C THR F 248 11.80 -12.96 19.32
N SER F 249 11.06 -12.33 18.42
CA SER F 249 9.82 -12.90 17.88
C SER F 249 10.05 -13.32 16.44
N GLU F 250 9.73 -14.58 16.13
CA GLU F 250 10.11 -15.20 14.85
C GLU F 250 8.91 -15.59 14.03
N GLU F 251 8.93 -15.29 12.74
CA GLU F 251 7.81 -15.68 11.88
C GLU F 251 8.36 -15.85 10.47
N PHE F 252 7.87 -16.85 9.74
CA PHE F 252 8.38 -17.21 8.43
C PHE F 252 9.80 -17.81 8.54
N ILE F 253 10.78 -17.27 7.80
CA ILE F 253 12.11 -17.91 7.70
C ILE F 253 13.21 -16.95 8.14
N LEU F 254 14.10 -17.41 9.01
CA LEU F 254 15.28 -16.61 9.32
C LEU F 254 15.96 -16.22 7.99
N PRO F 255 16.20 -14.92 7.74
CA PRO F 255 16.63 -14.55 6.38
C PRO F 255 18.11 -14.87 6.04
N VAL F 256 18.82 -15.52 6.96
CA VAL F 256 20.24 -15.88 6.76
C VAL F 256 20.47 -17.32 7.25
N GLU F 257 21.62 -17.90 6.90
CA GLU F 257 22.08 -19.12 7.56
C GLU F 257 23.23 -18.63 8.39
N HIS F 258 23.07 -18.72 9.71
CA HIS F 258 24.05 -18.15 10.63
C HIS F 258 25.07 -19.21 11.00
N GLY F 259 26.33 -18.98 10.62
CA GLY F 259 27.43 -19.83 11.06
C GLY F 259 28.20 -19.09 12.14
N ASN F 260 27.89 -19.38 13.39
CA ASN F 260 28.46 -18.64 14.51
C ASN F 260 29.92 -19.08 14.77
N ASP F 261 30.71 -18.19 15.37
CA ASP F 261 32.10 -18.50 15.67
C ASP F 261 32.26 -18.97 17.14
N ARG F 262 31.15 -19.50 17.70
CA ARG F 262 31.04 -19.91 19.12
C ARG F 262 29.77 -20.72 19.22
N CYS F 263 29.57 -21.45 20.32
CA CYS F 263 28.28 -22.13 20.49
C CYS F 263 27.24 -21.09 20.83
N GLU F 264 26.00 -21.34 20.46
CA GLU F 264 24.91 -20.52 20.96
C GLU F 264 23.77 -21.46 21.28
N TRP F 265 22.88 -21.03 22.14
CA TRP F 265 21.79 -21.90 22.58
C TRP F 265 20.45 -21.26 22.23
N PHE F 266 19.47 -22.10 21.96
CA PHE F 266 18.11 -21.70 21.62
C PHE F 266 17.16 -22.29 22.61
N LEU F 267 16.34 -21.44 23.23
CA LEU F 267 15.26 -21.90 24.08
C LEU F 267 13.92 -21.46 23.51
N GLN F 268 13.11 -22.43 23.11
CA GLN F 268 11.79 -22.12 22.53
C GLN F 268 10.83 -21.72 23.65
N LEU F 269 10.32 -20.49 23.60
CA LEU F 269 9.41 -20.03 24.66
C LEU F 269 7.93 -20.24 24.31
N SER F 270 7.58 -20.11 23.04
CA SER F 270 6.22 -20.40 22.62
C SER F 270 6.21 -21.10 21.24
N ASP F 271 5.14 -21.84 20.97
CA ASP F 271 4.87 -22.37 19.65
C ASP F 271 6.03 -23.29 19.18
N GLU F 272 6.50 -23.13 17.93
CA GLU F 272 7.39 -24.12 17.35
C GLU F 272 8.29 -23.55 16.27
N ILE F 273 9.56 -23.96 16.28
CA ILE F 273 10.46 -23.64 15.15
C ILE F 273 11.15 -24.93 14.73
N VAL F 274 11.50 -25.02 13.45
CA VAL F 274 12.35 -26.06 12.94
C VAL F 274 13.61 -25.41 12.40
N TRP F 275 14.73 -25.95 12.84
CA TRP F 275 16.03 -25.44 12.43
C TRP F 275 16.64 -26.38 11.40
N ASP F 276 16.93 -25.83 10.24
CA ASP F 276 17.66 -26.52 9.19
C ASP F 276 19.14 -26.36 9.53
N VAL F 277 19.81 -27.47 9.87
CA VAL F 277 21.22 -27.39 10.27
C VAL F 277 22.13 -27.96 9.18
N LYS F 278 23.08 -27.14 8.72
CA LYS F 278 24.06 -27.53 7.69
C LYS F 278 25.47 -27.34 8.21
N ASP F 279 26.42 -28.03 7.58
CA ASP F 279 27.82 -27.82 7.88
C ASP F 279 28.22 -26.38 7.65
N LYS F 280 28.94 -25.78 8.60
CA LYS F 280 29.32 -24.38 8.43
C LYS F 280 30.23 -24.18 7.21
N GLU F 281 31.15 -25.11 6.99
CA GLU F 281 32.22 -24.94 6.00
C GLU F 281 31.77 -25.31 4.58
N SER F 282 30.97 -26.38 4.46
CA SER F 282 30.67 -26.94 3.16
C SER F 282 29.27 -26.58 2.63
N GLY F 283 28.36 -26.27 3.54
CA GLY F 283 26.95 -26.09 3.20
C GLY F 283 26.12 -27.38 3.21
N LYS F 284 26.75 -28.52 3.47
CA LYS F 284 26.01 -29.78 3.42
C LYS F 284 25.00 -29.92 4.54
N PRO F 285 23.78 -30.39 4.21
CA PRO F 285 22.77 -30.77 5.21
C PRO F 285 23.27 -31.77 6.25
N ARG F 286 23.03 -31.47 7.52
CA ARG F 286 23.49 -32.33 8.62
C ARG F 286 22.40 -32.78 9.56
N ALA F 287 21.45 -31.90 9.84
CA ALA F 287 20.40 -32.19 10.82
C ALA F 287 19.20 -31.24 10.68
N ARG F 288 18.07 -31.64 11.26
CA ARG F 288 16.88 -30.79 11.38
C ARG F 288 16.38 -30.86 12.82
N VAL F 289 16.34 -29.70 13.46
CA VAL F 289 15.99 -29.66 14.89
C VAL F 289 14.61 -29.01 15.01
N THR F 290 13.68 -29.76 15.59
CA THR F 290 12.32 -29.30 15.79
C THR F 290 12.18 -28.97 17.27
N ALA F 291 11.91 -27.69 17.55
CA ALA F 291 11.79 -27.25 18.93
C ALA F 291 10.38 -26.72 19.22
N ARG F 292 9.76 -27.28 20.26
CA ARG F 292 8.49 -26.79 20.80
C ARG F 292 8.70 -26.10 22.14
N ALA F 293 7.65 -25.51 22.69
CA ALA F 293 7.74 -24.71 23.93
C ALA F 293 8.47 -25.44 25.07
N GLY F 294 9.54 -24.83 25.58
CA GLY F 294 10.34 -25.44 26.63
C GLY F 294 11.58 -26.16 26.12
N ASP F 295 11.63 -26.45 24.82
CA ASP F 295 12.78 -27.20 24.26
C ASP F 295 14.03 -26.33 24.18
N ILE F 296 15.14 -26.85 24.66
CA ILE F 296 16.38 -26.09 24.60
C ILE F 296 17.42 -26.92 23.86
N CYS F 297 18.24 -26.26 23.06
CA CYS F 297 19.28 -27.00 22.36
C CYS F 297 20.45 -26.14 22.07
N CYS F 298 21.57 -26.79 21.74
CA CYS F 298 22.79 -26.10 21.42
C CYS F 298 23.06 -26.18 19.91
N MET F 299 23.41 -25.03 19.34
CA MET F 299 23.98 -24.92 17.99
C MET F 299 25.50 -24.83 18.08
N PRO F 300 26.19 -25.90 17.70
CA PRO F 300 27.67 -25.98 17.74
C PRO F 300 28.34 -25.00 16.82
N ALA F 301 29.56 -24.61 17.17
CA ALA F 301 30.38 -23.72 16.36
C ALA F 301 30.70 -24.20 14.93
N ASP F 302 30.55 -25.50 14.65
CA ASP F 302 30.90 -26.08 13.33
C ASP F 302 29.73 -26.21 12.34
N ILE F 303 28.56 -25.67 12.69
CA ILE F 303 27.40 -25.70 11.79
C ILE F 303 26.86 -24.30 11.49
N ARG F 304 25.96 -24.21 10.50
CA ARG F 304 25.18 -22.99 10.23
C ARG F 304 23.69 -23.37 10.35
N HIS F 305 22.85 -22.45 10.79
CA HIS F 305 21.44 -22.77 11.04
C HIS F 305 20.47 -21.75 10.46
N GLN F 306 19.29 -22.23 10.09
CA GLN F 306 18.25 -21.37 9.54
C GLN F 306 16.90 -21.91 10.02
N GLY F 307 16.13 -21.01 10.62
CA GLY F 307 14.89 -21.36 11.32
C GLY F 307 13.65 -21.05 10.52
N TYR F 308 12.66 -21.89 10.75
CA TYR F 308 11.35 -21.81 10.12
C TYR F 308 10.26 -21.77 11.19
N SER F 309 9.40 -20.75 11.14
CA SER F 309 8.39 -20.55 12.16
C SER F 309 7.07 -20.18 11.49
N THR F 310 6.09 -21.10 11.51
CA THR F 310 4.82 -20.84 10.87
C THR F 310 4.05 -19.70 11.56
N LYS F 311 3.78 -19.87 12.85
CA LYS F 311 3.21 -18.81 13.68
C LYS F 311 4.33 -17.97 14.27
N ARG F 312 4.12 -16.66 14.36
CA ARG F 312 5.04 -15.81 15.12
C ARG F 312 5.27 -16.45 16.49
N SER F 313 6.54 -16.70 16.83
CA SER F 313 6.86 -17.47 18.01
C SER F 313 7.88 -16.73 18.86
N MET F 314 7.91 -17.03 20.15
CA MET F 314 8.91 -16.44 21.04
C MET F 314 10.08 -17.41 21.18
N LEU F 315 11.26 -16.88 20.93
CA LEU F 315 12.50 -17.63 21.04
C LEU F 315 13.48 -16.89 21.92
N LEU F 316 14.15 -17.63 22.79
CA LEU F 316 15.30 -17.09 23.51
C LEU F 316 16.56 -17.55 22.78
N VAL F 317 17.36 -16.59 22.29
CA VAL F 317 18.72 -16.88 21.81
C VAL F 317 19.68 -16.52 22.96
N TRP F 318 20.45 -17.49 23.42
CA TRP F 318 21.39 -17.26 24.52
C TRP F 318 22.83 -17.25 23.96
N GLU F 319 23.52 -16.12 24.16
CA GLU F 319 24.84 -15.88 23.61
C GLU F 319 25.84 -15.66 24.71
N ASN F 320 27.07 -16.12 24.46
CA ASN F 320 28.21 -15.73 25.26
C ASN F 320 29.02 -14.76 24.44
N GLY F 321 28.93 -13.49 24.80
CA GLY F 321 29.59 -12.42 24.06
C GLY F 321 31.09 -12.26 24.18
N SER F 322 31.77 -13.15 24.90
CA SER F 322 33.23 -13.04 25.09
C SER F 322 34.00 -13.03 23.76
N PRO F 323 34.86 -12.02 23.57
CA PRO F 323 35.68 -11.89 22.37
C PRO F 323 36.79 -12.94 22.26
N LYS F 324 37.04 -13.66 23.35
CA LYS F 324 38.11 -14.65 23.45
C LYS F 324 37.73 -16.00 22.84
N ILE F 325 36.43 -16.28 22.78
CA ILE F 325 35.93 -17.57 22.27
C ILE F 325 36.41 -17.96 20.87
N PRO F 326 36.24 -17.08 19.86
CA PRO F 326 36.64 -17.54 18.52
C PRO F 326 38.08 -18.08 18.45
N GLN F 327 39.02 -17.34 19.03
CA GLN F 327 40.43 -17.75 19.03
C GLN F 327 40.60 -19.09 19.74
N MET F 328 39.99 -19.21 20.92
CA MET F 328 40.00 -20.45 21.69
C MET F 328 39.46 -21.64 20.90
N ILE F 329 38.48 -21.41 20.04
CA ILE F 329 37.97 -22.47 19.17
C ILE F 329 38.93 -22.77 18.01
N ALA F 330 39.45 -21.73 17.35
CA ALA F 330 40.48 -21.87 16.31
C ALA F 330 41.77 -22.58 16.80
N ASP F 331 42.22 -22.22 18.01
CA ASP F 331 43.35 -22.91 18.66
C ASP F 331 43.10 -24.40 18.81
N GLY F 332 42.03 -24.73 19.53
CA GLY F 332 41.81 -26.06 20.06
C GLY F 332 41.72 -25.97 21.57
N THR F 333 42.00 -24.77 22.10
CA THR F 333 41.86 -24.48 23.53
C THR F 333 40.45 -24.80 24.05
N ALA F 334 39.44 -24.57 23.21
CA ALA F 334 38.05 -24.91 23.52
C ALA F 334 37.51 -25.89 22.46
N PRO F 335 36.47 -26.69 22.82
CA PRO F 335 35.91 -27.63 21.83
C PRO F 335 34.87 -26.97 20.91
N VAL F 336 34.39 -27.73 19.93
CA VAL F 336 33.33 -27.26 19.02
C VAL F 336 31.93 -27.52 19.63
N VAL F 337 31.83 -28.62 20.40
CA VAL F 337 30.62 -29.01 21.13
C VAL F 337 30.77 -28.71 22.64
N PRO F 338 29.64 -28.52 23.36
CA PRO F 338 29.65 -27.89 24.69
C PRO F 338 29.88 -28.77 25.95
N VAL F 339 29.36 -29.99 25.97
CA VAL F 339 29.42 -30.80 27.20
C VAL F 339 30.21 -32.10 27.06
N ALA G 2 9.02 4.81 -19.76
CA ALA G 2 8.40 3.64 -19.10
C ALA G 2 7.66 2.71 -20.08
N ASP G 3 7.86 2.90 -21.39
CA ASP G 3 7.36 1.93 -22.39
C ASP G 3 8.22 0.68 -22.28
N VAL G 4 7.62 -0.50 -22.49
CA VAL G 4 8.42 -1.72 -22.44
C VAL G 4 9.19 -1.83 -23.75
N VAL G 5 10.40 -2.35 -23.65
CA VAL G 5 11.22 -2.59 -24.82
C VAL G 5 11.64 -4.06 -24.85
N THR G 6 11.09 -4.81 -25.79
CA THR G 6 11.49 -6.19 -25.98
C THR G 6 12.73 -6.22 -26.89
N GLU G 7 13.84 -6.73 -26.34
CA GLU G 7 15.11 -6.73 -27.04
C GLU G 7 15.25 -7.96 -27.92
N PHE G 8 15.24 -7.72 -29.23
CA PHE G 8 15.46 -8.74 -30.28
C PHE G 8 16.84 -8.53 -30.92
N GLY G 9 17.52 -9.59 -31.33
CA GLY G 9 18.82 -9.48 -31.99
C GLY G 9 18.65 -9.18 -33.48
N ALA G 10 19.74 -8.81 -34.14
CA ALA G 10 19.72 -8.61 -35.58
C ALA G 10 21.11 -8.91 -36.11
N LEU G 11 21.25 -9.13 -37.42
CA LEU G 11 22.56 -9.40 -38.03
C LEU G 11 23.59 -8.36 -37.60
N THR G 12 23.19 -7.09 -37.63
CA THR G 12 24.11 -6.00 -37.41
C THR G 12 24.03 -5.45 -36.00
N ASP G 13 23.33 -6.13 -35.11
CA ASP G 13 23.08 -5.64 -33.75
C ASP G 13 22.74 -6.80 -32.82
N TYR G 14 23.77 -7.41 -32.25
CA TYR G 14 23.56 -8.48 -31.26
C TYR G 14 24.59 -8.33 -30.16
N ARG G 15 24.33 -8.90 -28.99
CA ARG G 15 25.25 -8.83 -27.88
C ARG G 15 25.34 -10.20 -27.22
N LYS G 16 26.39 -10.93 -27.56
CA LYS G 16 26.54 -12.32 -27.15
C LYS G 16 26.77 -12.40 -25.61
N GLY G 17 26.21 -13.43 -24.98
CA GLY G 17 26.42 -13.71 -23.56
C GLY G 17 27.53 -14.74 -23.50
N GLY G 18 27.46 -15.66 -22.53
CA GLY G 18 28.47 -16.70 -22.44
C GLY G 18 28.37 -17.57 -21.22
N VAL G 19 29.38 -18.40 -21.02
CA VAL G 19 29.42 -19.33 -19.91
C VAL G 19 30.42 -18.82 -18.86
N GLU G 20 29.94 -18.62 -17.63
CA GLU G 20 30.85 -18.43 -16.52
C GLU G 20 31.07 -19.81 -15.86
N ILE G 21 32.34 -20.16 -15.65
CA ILE G 21 32.72 -21.49 -15.13
C ILE G 21 32.97 -21.43 -13.62
N ILE G 22 32.37 -22.36 -12.89
CA ILE G 22 32.71 -22.52 -11.49
C ILE G 22 33.56 -23.78 -11.40
N ASP G 23 33.00 -24.88 -11.93
CA ASP G 23 33.76 -26.12 -12.09
C ASP G 23 33.20 -26.92 -13.26
N ASP G 24 33.76 -26.69 -14.44
CA ASP G 24 33.21 -27.27 -15.64
C ASP G 24 34.08 -26.94 -16.85
N ASP G 25 33.70 -27.45 -18.01
CA ASP G 25 34.32 -27.09 -19.28
C ASP G 25 33.31 -26.34 -20.15
N PRO G 26 33.62 -25.10 -20.55
CA PRO G 26 32.65 -24.32 -21.31
C PRO G 26 32.20 -24.97 -22.61
N ARG G 27 33.03 -25.80 -23.23
CA ARG G 27 32.67 -26.45 -24.51
C ARG G 27 31.49 -27.42 -24.40
N ASN G 28 31.29 -27.99 -23.21
CA ASN G 28 30.11 -28.81 -22.94
C ASN G 28 28.81 -28.12 -23.32
N TYR G 29 28.81 -26.79 -23.27
CA TYR G 29 27.60 -25.97 -23.47
C TYR G 29 27.41 -25.51 -24.90
N VAL G 30 28.37 -25.81 -25.77
CA VAL G 30 28.29 -25.54 -27.23
C VAL G 30 27.60 -24.19 -27.49
N PHE G 31 28.18 -23.13 -26.94
CA PHE G 31 27.52 -21.82 -26.87
C PHE G 31 27.89 -20.95 -28.09
N SER G 32 26.88 -20.48 -28.81
CA SER G 32 27.13 -19.57 -29.93
C SER G 32 25.98 -18.58 -30.05
N ASN G 33 26.13 -17.60 -30.93
CA ASN G 33 25.06 -16.67 -31.25
C ASN G 33 24.69 -16.81 -32.72
N VAL G 34 23.40 -17.04 -33.00
CA VAL G 34 22.96 -17.43 -34.36
C VAL G 34 23.11 -16.30 -35.37
N PHE G 35 23.06 -15.06 -34.87
CA PHE G 35 23.30 -13.88 -35.71
C PHE G 35 24.76 -13.80 -36.11
N GLU G 36 25.66 -14.00 -35.14
CA GLU G 36 27.10 -14.01 -35.43
C GLU G 36 27.40 -15.10 -36.43
N VAL G 37 26.92 -16.32 -36.18
CA VAL G 37 27.07 -17.40 -37.16
C VAL G 37 26.56 -17.03 -38.58
N ALA G 38 25.33 -16.52 -38.68
CA ALA G 38 24.76 -16.14 -40.00
C ALA G 38 25.59 -15.05 -40.66
N ALA G 39 26.10 -14.11 -39.87
CA ALA G 39 26.86 -12.98 -40.41
C ALA G 39 28.20 -13.44 -40.97
N ASN G 40 28.76 -14.50 -40.39
CA ASN G 40 30.07 -14.97 -40.79
C ASN G 40 30.06 -16.04 -41.87
N ALA G 41 28.88 -16.45 -42.30
CA ALA G 41 28.73 -17.53 -43.28
C ALA G 41 28.56 -16.98 -44.70
N ALA G 42 28.58 -17.86 -45.68
CA ALA G 42 28.29 -17.48 -47.06
C ALA G 42 26.76 -17.45 -47.20
N PRO G 43 26.23 -16.69 -48.19
CA PRO G 43 24.76 -16.60 -48.33
C PRO G 43 24.11 -17.97 -48.51
N TYR G 44 23.00 -18.19 -47.80
CA TYR G 44 22.25 -19.46 -47.77
C TYR G 44 22.98 -20.73 -47.34
N GLU G 45 24.18 -20.58 -46.79
CA GLU G 45 24.91 -21.68 -46.20
C GLU G 45 24.22 -22.02 -44.86
N ARG G 46 23.92 -23.29 -44.65
CA ARG G 46 23.15 -23.68 -43.49
C ARG G 46 24.06 -24.31 -42.45
N VAL G 47 24.42 -23.51 -41.46
CA VAL G 47 25.43 -23.92 -40.47
C VAL G 47 24.75 -24.48 -39.22
N ALA G 48 25.05 -25.72 -38.84
CA ALA G 48 24.47 -26.26 -37.63
C ALA G 48 24.86 -25.39 -36.44
N VAL G 49 23.87 -25.04 -35.62
CA VAL G 49 24.16 -24.34 -34.36
C VAL G 49 23.63 -25.17 -33.17
N GLY G 50 22.85 -26.20 -33.48
CA GLY G 50 22.46 -27.17 -32.47
C GLY G 50 22.29 -28.51 -33.12
N LYS G 51 22.59 -29.55 -32.36
CA LYS G 51 22.50 -30.93 -32.86
C LYS G 51 22.06 -31.85 -31.74
N ASN G 52 21.02 -32.64 -31.97
CA ASN G 52 20.60 -33.63 -30.96
C ASN G 52 20.34 -34.94 -31.68
N PHE G 53 21.28 -35.86 -31.54
CA PHE G 53 21.37 -37.02 -32.43
C PHE G 53 21.29 -36.50 -33.89
N GLU G 54 20.35 -36.99 -34.70
CA GLU G 54 20.32 -36.58 -36.12
C GLU G 54 19.71 -35.20 -36.36
N TYR G 55 18.91 -34.73 -35.41
CA TYR G 55 18.17 -33.50 -35.54
C TYR G 55 19.09 -32.29 -35.41
N VAL G 56 18.84 -31.25 -36.22
CA VAL G 56 19.65 -30.03 -36.17
C VAL G 56 18.81 -28.76 -36.13
N ILE G 57 19.38 -27.70 -35.56
CA ILE G 57 18.99 -26.34 -35.88
C ILE G 57 20.16 -25.75 -36.68
N GLU G 58 19.83 -25.16 -37.84
CA GLU G 58 20.81 -24.50 -38.73
C GLU G 58 20.56 -23.00 -38.82
N SER G 59 21.62 -22.21 -38.75
CA SER G 59 21.55 -20.76 -38.92
C SER G 59 22.06 -20.41 -40.31
N ALA G 60 21.41 -19.46 -40.96
CA ALA G 60 21.80 -19.06 -42.32
C ALA G 60 21.54 -17.57 -42.55
N ARG G 61 22.31 -16.99 -43.49
CA ARG G 61 22.04 -15.64 -43.96
C ARG G 61 21.37 -15.66 -45.34
N ALA G 62 20.14 -15.16 -45.42
CA ALA G 62 19.42 -14.98 -46.69
C ALA G 62 19.87 -13.68 -47.34
N GLU G 63 20.30 -13.77 -48.60
CA GLU G 63 20.84 -12.63 -49.32
C GLU G 63 20.63 -12.97 -50.79
N GLY G 64 19.81 -12.18 -51.47
CA GLY G 64 19.45 -12.47 -52.87
C GLY G 64 18.54 -13.70 -52.97
N THR G 65 18.56 -14.34 -54.14
CA THR G 65 17.75 -15.55 -54.36
C THR G 65 18.57 -16.79 -54.09
N SER G 66 18.07 -17.70 -53.25
CA SER G 66 18.75 -19.00 -53.05
C SER G 66 18.52 -19.91 -54.24
N GLY G 67 19.18 -21.05 -54.23
CA GLY G 67 18.81 -22.14 -55.13
C GLY G 67 17.60 -22.87 -54.56
N TRP G 68 17.11 -23.86 -55.28
CA TRP G 68 16.00 -24.72 -54.80
C TRP G 68 16.45 -25.82 -53.86
N PHE G 69 15.61 -26.10 -52.85
CA PHE G 69 15.82 -27.18 -51.91
C PHE G 69 14.58 -28.09 -51.93
N SER G 70 14.76 -29.34 -51.56
CA SER G 70 13.66 -30.20 -51.18
C SER G 70 14.12 -31.17 -50.10
N CYS G 71 13.18 -31.85 -49.47
CA CYS G 71 13.51 -32.68 -48.33
C CYS G 71 12.58 -33.86 -48.24
N ALA G 72 13.10 -34.97 -47.71
CA ALA G 72 12.25 -36.16 -47.50
C ALA G 72 11.36 -36.09 -46.25
N HIS G 73 11.41 -35.00 -45.49
CA HIS G 73 10.50 -34.80 -44.37
C HIS G 73 10.18 -33.33 -44.22
N ASP G 74 9.20 -33.02 -43.37
CA ASP G 74 8.90 -31.61 -43.10
C ASP G 74 10.12 -30.90 -42.55
N GLU G 75 10.21 -29.61 -42.81
CA GLU G 75 11.16 -28.74 -42.13
C GLU G 75 10.39 -27.47 -41.77
N PHE G 76 11.01 -26.66 -40.90
CA PHE G 76 10.49 -25.36 -40.55
C PHE G 76 11.56 -24.32 -40.65
N VAL G 77 11.15 -23.13 -41.05
CA VAL G 77 12.06 -21.99 -41.15
C VAL G 77 11.53 -20.85 -40.30
N LEU G 78 12.40 -20.29 -39.47
CA LEU G 78 12.00 -19.16 -38.65
C LEU G 78 12.81 -17.94 -39.07
N ALA G 79 12.13 -16.90 -39.50
CA ALA G 79 12.81 -15.65 -39.88
C ALA G 79 13.21 -14.91 -38.58
N MET G 80 14.50 -14.56 -38.45
CA MET G 80 15.02 -13.94 -37.21
C MET G 80 15.32 -12.44 -37.32
N ASP G 81 15.34 -11.89 -38.55
CA ASP G 81 15.68 -10.47 -38.75
C ASP G 81 15.68 -10.13 -40.24
N GLY G 82 14.67 -9.40 -40.68
CA GLY G 82 14.63 -8.95 -42.07
C GLY G 82 13.65 -9.74 -42.92
N GLN G 83 13.16 -9.11 -43.97
CA GLN G 83 12.14 -9.72 -44.80
C GLN G 83 12.68 -10.84 -45.69
N ILE G 84 12.08 -12.04 -45.59
CA ILE G 84 12.44 -13.14 -46.48
C ILE G 84 11.20 -13.72 -47.15
N GLU G 85 11.21 -13.77 -48.47
CA GLU G 85 10.18 -14.45 -49.23
C GLU G 85 10.49 -15.92 -49.34
N VAL G 86 9.44 -16.75 -49.29
CA VAL G 86 9.54 -18.20 -49.54
C VAL G 86 8.67 -18.50 -50.76
N HIS G 87 9.26 -19.22 -51.71
CA HIS G 87 8.56 -19.66 -52.91
C HIS G 87 8.41 -21.15 -52.85
N LEU G 88 7.18 -21.62 -53.04
CA LEU G 88 6.91 -23.05 -52.94
C LEU G 88 6.38 -23.64 -54.24
N LEU G 89 6.96 -24.79 -54.59
CA LEU G 89 6.68 -25.53 -55.81
C LEU G 89 6.28 -26.97 -55.44
N LYS G 90 5.12 -27.44 -55.91
CA LYS G 90 4.74 -28.85 -55.66
C LYS G 90 5.39 -29.68 -56.75
N LEU G 91 6.32 -30.56 -56.36
CA LEU G 91 7.09 -31.33 -57.34
C LEU G 91 6.20 -32.40 -57.97
N ASP G 92 6.29 -32.54 -59.29
CA ASP G 92 5.64 -33.62 -60.03
C ASP G 92 6.15 -34.99 -59.60
N ASN G 93 7.47 -35.11 -59.47
CA ASN G 93 8.14 -36.33 -59.04
C ASN G 93 9.22 -36.03 -58.01
N SER G 94 8.85 -35.89 -56.75
CA SER G 94 9.85 -35.49 -55.76
C SER G 94 10.97 -36.53 -55.61
N ASP G 95 10.66 -37.81 -55.89
CA ASP G 95 11.63 -38.90 -55.83
C ASP G 95 12.73 -38.72 -56.87
N ALA G 96 12.43 -37.94 -57.91
CA ALA G 96 13.41 -37.61 -58.93
C ALA G 96 14.49 -36.66 -58.40
N TYR G 97 14.16 -35.91 -57.34
CA TYR G 97 15.07 -34.90 -56.80
C TYR G 97 15.61 -35.32 -55.43
N VAL G 98 14.79 -36.03 -54.65
CA VAL G 98 15.16 -36.39 -53.28
C VAL G 98 14.98 -37.89 -53.06
N ASP G 99 16.06 -38.57 -52.64
CA ASP G 99 15.96 -39.95 -52.14
C ASP G 99 15.03 -39.96 -50.93
N PRO G 100 13.93 -40.72 -50.99
CA PRO G 100 13.06 -40.71 -49.80
C PRO G 100 13.63 -41.52 -48.61
N ASP G 101 14.85 -42.04 -48.76
CA ASP G 101 15.57 -42.67 -47.65
C ASP G 101 16.37 -41.63 -46.88
N SER G 102 16.66 -40.51 -47.53
CA SER G 102 17.58 -39.51 -47.03
C SER G 102 16.92 -38.67 -45.95
N GLU G 103 17.71 -37.82 -45.32
CA GLU G 103 17.21 -36.86 -44.35
C GLU G 103 17.97 -35.57 -44.52
N GLY G 104 17.36 -34.48 -44.11
CA GLY G 104 17.95 -33.14 -44.23
C GLY G 104 17.68 -32.58 -45.60
N ALA G 105 17.84 -31.26 -45.77
CA ALA G 105 17.56 -30.65 -47.06
C ALA G 105 18.52 -31.13 -48.12
N VAL G 106 18.04 -31.14 -49.36
CA VAL G 106 18.87 -31.44 -50.51
C VAL G 106 18.79 -30.21 -51.41
N ALA G 107 19.95 -29.72 -51.86
CA ALA G 107 20.02 -28.63 -52.80
C ALA G 107 19.77 -29.20 -54.17
N ILE G 108 18.73 -28.74 -54.85
CA ILE G 108 18.32 -29.35 -56.11
C ILE G 108 18.48 -28.42 -57.32
N GLY G 109 19.30 -27.39 -57.17
CA GLY G 109 19.70 -26.55 -58.29
C GLY G 109 19.12 -25.15 -58.34
N GLU G 110 19.65 -24.35 -59.25
CA GLU G 110 19.19 -22.98 -59.41
C GLU G 110 18.02 -22.94 -60.39
N ALA G 111 18.02 -23.87 -61.35
CA ALA G 111 16.95 -24.00 -62.34
C ALA G 111 15.65 -24.39 -61.68
N LEU G 112 14.56 -23.77 -62.14
CA LEU G 112 13.21 -24.12 -61.71
C LEU G 112 12.92 -25.63 -61.87
N PRO G 113 12.61 -26.35 -60.77
CA PRO G 113 12.29 -27.78 -60.90
C PRO G 113 10.88 -28.02 -61.46
N GLU G 114 10.56 -29.28 -61.81
CA GLU G 114 9.29 -29.58 -62.47
C GLU G 114 8.15 -29.73 -61.49
N GLY G 115 7.11 -28.93 -61.66
CA GLY G 115 5.92 -29.10 -60.84
C GLY G 115 5.06 -27.87 -60.91
N ARG G 116 4.13 -27.77 -59.97
CA ARG G 116 3.14 -26.70 -59.95
C ARG G 116 3.47 -25.64 -58.91
N LYS G 117 3.15 -24.40 -59.24
CA LYS G 117 3.28 -23.31 -58.28
C LYS G 117 2.35 -23.58 -57.12
N MET G 118 2.94 -23.59 -55.93
CA MET G 118 2.22 -23.95 -54.72
C MET G 118 1.85 -22.74 -53.92
N GLY G 119 2.79 -21.82 -53.74
CA GLY G 119 2.49 -20.63 -52.92
C GLY G 119 3.64 -19.67 -52.70
N ARG G 120 3.33 -18.56 -52.08
CA ARG G 120 4.30 -17.53 -51.75
C ARG G 120 4.04 -17.10 -50.30
N ILE G 121 5.10 -16.97 -49.53
CA ILE G 121 5.05 -16.55 -48.14
C ILE G 121 6.05 -15.42 -47.98
N VAL G 122 5.61 -14.30 -47.41
CA VAL G 122 6.58 -13.26 -47.04
C VAL G 122 6.76 -13.25 -45.53
N LEU G 123 7.95 -13.62 -45.09
CA LEU G 123 8.25 -13.66 -43.65
C LEU G 123 8.97 -12.40 -43.21
N ARG G 124 8.61 -11.91 -42.03
CA ARG G 124 9.44 -10.93 -41.30
C ARG G 124 9.93 -11.50 -39.96
N ARG G 125 10.69 -10.69 -39.23
CA ARG G 125 11.25 -11.14 -37.97
C ARG G 125 10.21 -11.88 -37.13
N GLY G 126 10.56 -13.08 -36.67
CA GLY G 126 9.71 -13.81 -35.74
C GLY G 126 8.64 -14.65 -36.40
N HIS G 127 8.58 -14.63 -37.73
CA HIS G 127 7.58 -15.44 -38.43
C HIS G 127 8.13 -16.81 -38.79
N MET G 128 7.31 -17.84 -38.62
CA MET G 128 7.72 -19.23 -38.97
C MET G 128 6.84 -19.76 -40.10
N ALA G 129 7.45 -20.45 -41.05
CA ALA G 129 6.71 -21.15 -42.12
C ALA G 129 6.96 -22.65 -42.10
N LEU G 130 5.96 -23.42 -42.52
CA LEU G 130 6.14 -24.83 -42.89
C LEU G 130 6.87 -24.97 -44.24
N LEU G 131 7.84 -25.88 -44.28
CA LEU G 131 8.49 -26.31 -45.53
C LEU G 131 8.06 -27.77 -45.70
N PRO G 132 6.92 -27.98 -46.40
CA PRO G 132 6.27 -29.28 -46.36
C PRO G 132 6.98 -30.29 -47.25
N VAL G 133 7.14 -31.53 -46.75
CA VAL G 133 7.60 -32.64 -47.56
C VAL G 133 6.85 -32.67 -48.90
N GLY G 134 7.60 -32.94 -49.97
CA GLY G 134 7.03 -33.03 -51.32
C GLY G 134 7.04 -31.72 -52.09
N ALA G 135 7.37 -30.62 -51.40
CA ALA G 135 7.54 -29.33 -52.06
C ALA G 135 9.02 -29.03 -52.22
N ALA G 136 9.33 -28.24 -53.24
CA ALA G 136 10.63 -27.64 -53.40
C ALA G 136 10.50 -26.20 -52.93
N TYR G 137 11.54 -25.67 -52.32
CA TYR G 137 11.45 -24.30 -51.83
C TYR G 137 12.70 -23.51 -52.12
N ARG G 138 12.53 -22.20 -52.26
CA ARG G 138 13.65 -21.29 -52.34
C ARG G 138 13.30 -19.97 -51.70
N PHE G 139 14.32 -19.14 -51.49
CA PHE G 139 14.17 -17.89 -50.74
C PHE G 139 14.63 -16.69 -51.54
N TYR G 140 14.00 -15.55 -51.26
CA TYR G 140 14.49 -14.30 -51.76
C TYR G 140 14.51 -13.26 -50.67
N ALA G 141 15.68 -12.65 -50.50
CA ALA G 141 15.84 -11.58 -49.53
C ALA G 141 16.44 -10.37 -50.23
N GLU G 142 15.67 -9.29 -50.29
CA GLU G 142 16.16 -8.07 -50.92
C GLU G 142 17.36 -7.52 -50.13
N GLN G 143 17.24 -7.54 -48.81
CA GLN G 143 18.30 -7.14 -47.88
C GLN G 143 18.83 -8.39 -47.17
N PRO G 144 20.10 -8.35 -46.71
CA PRO G 144 20.58 -9.47 -45.91
C PRO G 144 19.69 -9.70 -44.69
N ALA G 145 19.38 -10.96 -44.41
CA ALA G 145 18.44 -11.31 -43.36
C ALA G 145 18.92 -12.60 -42.69
N ALA G 146 18.54 -12.81 -41.43
CA ALA G 146 18.88 -14.03 -40.69
C ALA G 146 17.71 -15.01 -40.62
N MET G 147 18.01 -16.30 -40.68
CA MET G 147 16.97 -17.31 -40.61
C MET G 147 17.48 -18.56 -39.90
N LEU G 148 16.54 -19.32 -39.36
CA LEU G 148 16.85 -20.59 -38.73
C LEU G 148 16.01 -21.70 -39.33
N PHE G 149 16.60 -22.89 -39.44
CA PHE G 149 15.95 -24.10 -39.93
C PHE G 149 15.84 -25.14 -38.82
N GLN G 150 14.64 -25.72 -38.66
CA GLN G 150 14.45 -26.91 -37.83
C GLN G 150 14.48 -28.04 -38.84
N SER G 151 15.49 -28.91 -38.74
CA SER G 151 15.61 -29.98 -39.73
C SER G 151 16.33 -31.21 -39.20
N ILE G 152 16.85 -32.01 -40.13
CA ILE G 152 17.72 -33.13 -39.81
C ILE G 152 19.06 -32.93 -40.54
N GLU G 153 20.13 -33.39 -39.93
CA GLU G 153 21.46 -33.23 -40.51
C GLU G 153 21.54 -33.95 -41.85
N GLY G 154 22.01 -33.25 -42.89
CA GLY G 154 22.10 -33.88 -44.22
C GLY G 154 23.12 -33.23 -45.14
N ALA G 155 22.89 -33.37 -46.44
CA ALA G 155 23.86 -32.93 -47.47
C ALA G 155 24.16 -31.42 -47.46
N VAL G 156 23.23 -30.64 -46.91
CA VAL G 156 23.32 -29.18 -46.93
C VAL G 156 23.83 -28.58 -45.60
N THR G 157 23.82 -29.38 -44.53
CA THR G 157 24.26 -28.88 -43.23
C THR G 157 25.79 -28.81 -43.00
N VAL G 158 26.26 -27.59 -42.76
CA VAL G 158 27.69 -27.32 -42.52
C VAL G 158 27.96 -27.35 -41.03
N GLN G 159 28.89 -28.23 -40.64
CA GLN G 159 29.28 -28.34 -39.25
C GLN G 159 30.66 -27.76 -39.05
N LYS G 160 30.75 -26.67 -38.28
CA LYS G 160 32.04 -26.01 -38.02
C LYS G 160 32.20 -25.60 -36.56
N TRP G 161 32.03 -26.57 -35.66
CA TRP G 161 31.85 -26.33 -34.23
C TRP G 161 32.94 -25.58 -33.46
N GLY G 162 34.19 -25.90 -33.77
CA GLY G 162 35.34 -25.31 -33.08
C GLY G 162 35.42 -23.83 -33.38
N GLU G 163 35.04 -23.48 -34.61
CA GLU G 163 35.03 -22.10 -35.07
C GLU G 163 33.89 -21.31 -34.43
N ILE G 164 32.72 -21.94 -34.29
CA ILE G 164 31.53 -21.19 -33.86
C ILE G 164 31.31 -21.06 -32.34
N CYS G 165 31.82 -22.02 -31.56
CA CYS G 165 31.49 -22.13 -30.13
C CYS G 165 32.53 -21.60 -29.14
N GLN G 166 32.06 -21.14 -27.97
CA GLN G 166 32.92 -20.75 -26.85
C GLN G 166 33.72 -21.95 -26.29
N ILE H 9 12.22 -54.18 7.06
CA ILE H 9 11.42 -54.72 5.92
C ILE H 9 12.16 -55.87 5.22
N ILE H 10 11.54 -57.04 5.19
CA ILE H 10 11.96 -58.11 4.28
C ILE H 10 11.41 -57.70 2.92
N ASP H 11 12.26 -57.75 1.90
CA ASP H 11 11.86 -57.30 0.56
C ASP H 11 12.21 -58.36 -0.49
N PHE H 12 11.27 -58.67 -1.38
CA PHE H 12 11.49 -59.67 -2.42
C PHE H 12 11.80 -59.01 -3.75
N LYS H 16 7.18 -53.75 -7.99
CA LYS H 16 5.87 -53.19 -8.33
C LYS H 16 5.76 -51.71 -7.93
N ALA H 17 5.27 -50.89 -8.85
CA ALA H 17 5.09 -49.47 -8.60
C ALA H 17 3.80 -49.23 -7.79
N ARG H 18 3.87 -48.35 -6.81
CA ARG H 18 2.78 -48.13 -5.86
C ARG H 18 1.62 -47.34 -6.43
N THR H 19 0.45 -47.51 -5.83
CA THR H 19 -0.72 -46.75 -6.22
C THR H 19 -1.47 -46.25 -4.99
N ASP H 20 -0.91 -46.49 -3.80
CA ASP H 20 -1.56 -46.10 -2.56
C ASP H 20 -1.46 -44.59 -2.23
N THR H 21 -2.58 -43.87 -2.36
CA THR H 21 -2.61 -42.45 -2.03
C THR H 21 -3.90 -42.15 -1.22
N GLU H 22 -3.94 -41.05 -0.49
CA GLU H 22 -5.04 -40.86 0.43
C GLU H 22 -5.33 -39.39 0.65
N HIS H 23 -6.61 -39.03 0.75
CA HIS H 23 -7.02 -37.71 1.27
C HIS H 23 -7.11 -37.84 2.77
N LEU H 24 -6.47 -36.94 3.50
CA LEU H 24 -6.61 -36.92 4.95
C LEU H 24 -7.58 -35.81 5.31
N ALA H 25 -7.66 -35.47 6.59
CA ALA H 25 -8.66 -34.51 7.05
C ALA H 25 -8.36 -33.05 6.67
N ILE H 26 -9.41 -32.25 6.49
CA ILE H 26 -9.26 -30.79 6.44
C ILE H 26 -8.89 -30.34 7.84
N ASN H 27 -7.74 -29.67 7.99
CA ASN H 27 -7.38 -29.04 9.26
C ASN H 27 -8.36 -27.90 9.50
N ASN H 28 -9.03 -27.91 10.63
CA ASN H 28 -10.03 -26.89 10.86
C ASN H 28 -9.48 -25.48 11.11
N GLU H 29 -8.22 -25.36 11.52
CA GLU H 29 -7.62 -24.02 11.72
C GLU H 29 -7.14 -23.38 10.40
N THR H 30 -6.43 -24.15 9.58
CA THR H 30 -5.89 -23.60 8.33
C THR H 30 -6.88 -23.71 7.19
N GLY H 31 -7.75 -24.72 7.21
CA GLY H 31 -8.72 -24.94 6.15
C GLY H 31 -8.20 -25.78 5.00
N TYR H 32 -6.94 -26.19 5.08
CA TYR H 32 -6.35 -27.05 4.06
C TYR H 32 -6.44 -28.52 4.45
N ARG H 33 -6.63 -29.38 3.46
CA ARG H 33 -6.59 -30.83 3.64
C ARG H 33 -5.13 -31.30 3.56
N SER H 34 -4.75 -32.35 4.29
CA SER H 34 -3.43 -32.93 4.05
C SER H 34 -3.56 -34.18 3.17
N PHE H 35 -2.46 -34.63 2.58
CA PHE H 35 -2.49 -35.77 1.64
C PHE H 35 -1.35 -36.75 1.87
N ARG H 36 -1.60 -38.01 1.50
CA ARG H 36 -0.58 -39.05 1.56
C ARG H 36 -0.40 -39.70 0.19
N ALA H 37 0.86 -39.96 -0.15
CA ALA H 37 1.23 -40.68 -1.35
C ALA H 37 2.32 -41.66 -0.92
N GLY H 38 1.95 -42.95 -0.85
CA GLY H 38 2.84 -43.97 -0.30
C GLY H 38 3.27 -43.63 1.10
N GLY H 39 4.58 -43.57 1.33
CA GLY H 39 5.13 -43.16 2.62
C GLY H 39 5.27 -41.65 2.80
N PHE H 40 5.07 -40.88 1.73
CA PHE H 40 5.16 -39.41 1.82
C PHE H 40 3.84 -38.78 2.29
N THR H 41 3.92 -37.75 3.14
CA THR H 41 2.74 -36.94 3.46
C THR H 41 2.98 -35.45 3.13
N PHE H 42 1.89 -34.76 2.81
CA PHE H 42 1.92 -33.35 2.38
C PHE H 42 0.90 -32.54 3.20
N THR H 43 1.38 -31.50 3.89
CA THR H 43 0.56 -30.63 4.67
C THR H 43 1.04 -29.22 4.37
N ARG H 44 0.12 -28.28 4.17
CA ARG H 44 0.51 -26.86 4.12
C ARG H 44 -0.09 -26.06 5.26
N ASP H 45 0.58 -24.99 5.64
CA ASP H 45 0.03 -24.08 6.61
C ASP H 45 0.07 -22.67 6.03
N GLU H 46 0.08 -21.64 6.88
CA GLU H 46 0.02 -20.26 6.37
C GLU H 46 1.18 -19.92 5.43
N TYR H 47 2.34 -20.52 5.70
CA TYR H 47 3.56 -20.17 5.00
C TYR H 47 4.26 -21.28 4.21
N PHE H 48 4.03 -22.55 4.58
CA PHE H 48 4.91 -23.63 4.17
C PHE H 48 4.17 -24.85 3.62
N ALA H 49 4.82 -25.55 2.69
CA ALA H 49 4.52 -26.97 2.46
C ALA H 49 5.45 -27.76 3.37
N ARG H 50 4.87 -28.75 4.06
CA ARG H 50 5.58 -29.56 5.05
C ARG H 50 5.45 -30.98 4.54
N LEU H 51 6.60 -31.59 4.23
CA LEU H 51 6.65 -32.93 3.70
C LEU H 51 7.27 -33.85 4.75
N THR H 52 6.76 -35.07 4.81
CA THR H 52 7.44 -36.12 5.58
C THR H 52 7.51 -37.40 4.77
N TRP H 53 8.50 -38.24 5.11
CA TRP H 53 8.61 -39.59 4.60
C TRP H 53 9.15 -40.43 5.75
N PRO H 54 9.22 -41.77 5.59
CA PRO H 54 9.81 -42.53 6.71
C PRO H 54 11.27 -42.09 7.01
N GLY H 55 11.49 -41.51 8.17
CA GLY H 55 12.83 -41.18 8.61
C GLY H 55 13.24 -39.74 8.38
N GLY H 56 12.31 -38.90 7.92
CA GLY H 56 12.68 -37.52 7.61
C GLY H 56 11.56 -36.61 7.20
N SER H 57 11.88 -35.33 7.17
CA SER H 57 10.93 -34.25 6.99
C SER H 57 11.61 -33.14 6.23
N HIS H 58 10.82 -32.30 5.57
CA HIS H 58 11.34 -31.15 4.83
C HIS H 58 10.27 -30.07 4.74
N ILE H 59 10.71 -28.81 4.63
CA ILE H 59 9.81 -27.68 4.49
C ILE H 59 10.22 -26.88 3.27
N ILE H 60 9.24 -26.45 2.48
CA ILE H 60 9.48 -25.57 1.33
C ILE H 60 8.50 -24.40 1.43
N PRO H 61 8.97 -23.14 1.23
CA PRO H 61 7.99 -22.05 1.22
C PRO H 61 6.86 -22.38 0.23
N ILE H 62 5.61 -22.08 0.62
CA ILE H 62 4.46 -22.58 -0.11
C ILE H 62 4.36 -21.93 -1.51
N ASP H 63 4.87 -20.71 -1.66
CA ASP H 63 4.80 -20.08 -2.97
C ASP H 63 5.69 -20.86 -3.96
N ALA H 64 6.96 -21.07 -3.57
CA ALA H 64 7.88 -21.89 -4.36
C ALA H 64 7.35 -23.30 -4.59
N PHE H 65 6.81 -23.94 -3.53
CA PHE H 65 6.22 -25.29 -3.67
C PHE H 65 5.13 -25.39 -4.75
N LEU H 66 4.19 -24.44 -4.70
CA LEU H 66 3.05 -24.43 -5.61
C LEU H 66 3.41 -24.09 -7.06
N ARG H 67 4.38 -23.18 -7.25
CA ARG H 67 4.91 -22.88 -8.59
C ARG H 67 5.58 -24.13 -9.17
N ALA H 68 6.32 -24.86 -8.31
CA ALA H 68 6.98 -26.11 -8.69
C ALA H 68 5.92 -27.18 -9.03
N MET H 69 4.95 -27.36 -8.14
CA MET H 69 3.89 -28.36 -8.33
C MET H 69 3.07 -28.05 -9.61
N MET H 70 2.85 -26.77 -9.88
CA MET H 70 2.13 -26.38 -11.10
C MET H 70 2.81 -26.95 -12.36
N ARG H 71 4.13 -26.80 -12.43
CA ARG H 71 4.91 -27.30 -13.55
C ARG H 71 4.91 -28.82 -13.61
N ASP H 72 5.17 -29.48 -12.49
CA ASP H 72 5.22 -30.95 -12.51
C ASP H 72 3.88 -31.52 -12.98
N VAL H 73 2.78 -30.94 -12.52
CA VAL H 73 1.44 -31.32 -12.97
C VAL H 73 1.21 -30.97 -14.47
N ALA H 74 1.41 -29.72 -14.82
CA ALA H 74 1.13 -29.25 -16.19
C ALA H 74 1.99 -29.98 -17.23
N TRP H 75 3.23 -30.34 -16.85
CA TRP H 75 4.13 -31.08 -17.75
C TRP H 75 3.99 -32.60 -17.73
N GLY H 76 3.09 -33.14 -16.90
CA GLY H 76 2.94 -34.59 -16.78
C GLY H 76 4.25 -35.26 -16.36
N PHE H 77 4.94 -34.65 -15.40
CA PHE H 77 6.26 -35.13 -14.90
C PHE H 77 7.43 -34.85 -15.85
N PHE H 78 7.14 -34.35 -17.05
CA PHE H 78 8.16 -33.77 -17.95
C PHE H 78 9.17 -34.84 -18.40
N TYR H 79 10.42 -34.47 -18.57
CA TYR H 79 11.48 -35.43 -18.91
C TYR H 79 12.44 -35.47 -17.76
N GLY H 80 12.81 -36.69 -17.37
CA GLY H 80 13.88 -36.90 -16.39
C GLY H 80 13.48 -36.36 -15.03
N VAL H 81 14.41 -35.64 -14.39
CA VAL H 81 14.28 -35.22 -13.00
C VAL H 81 13.76 -33.79 -12.88
N VAL H 82 12.62 -33.63 -12.19
CA VAL H 82 12.11 -32.31 -11.84
C VAL H 82 12.41 -32.11 -10.35
N ASN H 83 13.52 -31.43 -10.03
CA ASN H 83 13.86 -31.15 -8.63
C ASN H 83 13.04 -29.94 -8.18
N PHE H 84 12.13 -30.11 -7.22
CA PHE H 84 11.48 -28.94 -6.61
C PHE H 84 12.55 -28.06 -5.94
N ASP H 85 13.55 -28.70 -5.34
CA ASP H 85 14.64 -27.99 -4.70
C ASP H 85 15.76 -29.00 -4.50
N HIS H 86 16.73 -28.65 -3.64
CA HIS H 86 17.90 -29.49 -3.39
C HIS H 86 17.56 -30.81 -2.69
N VAL H 87 16.32 -30.97 -2.21
CA VAL H 87 15.90 -32.23 -1.55
C VAL H 87 14.81 -33.00 -2.34
N PHE H 88 13.70 -32.33 -2.63
CA PHE H 88 12.46 -33.03 -3.02
C PHE H 88 12.20 -32.97 -4.53
N GLY H 89 11.71 -34.06 -5.11
CA GLY H 89 11.33 -34.00 -6.52
C GLY H 89 10.85 -35.29 -7.09
N THR H 90 10.70 -35.32 -8.41
CA THR H 90 10.26 -36.52 -9.11
C THR H 90 11.18 -36.91 -10.29
N ILE H 91 11.18 -38.21 -10.64
CA ILE H 91 11.89 -38.69 -11.80
C ILE H 91 10.85 -39.35 -12.69
N ASN H 92 10.75 -38.93 -13.95
CA ASN H 92 9.76 -39.50 -14.83
C ASN H 92 10.35 -40.75 -15.45
N HIS H 93 9.62 -41.86 -15.35
CA HIS H 93 9.97 -43.08 -16.10
C HIS H 93 8.92 -43.43 -17.16
N TYR H 94 8.03 -42.48 -17.46
CA TYR H 94 7.10 -42.56 -18.60
C TYR H 94 6.07 -43.69 -18.47
N GLY H 95 5.09 -43.44 -17.60
CA GLY H 95 4.17 -44.47 -17.14
C GLY H 95 4.36 -44.80 -15.67
N GLU H 96 5.58 -44.66 -15.17
CA GLU H 96 5.83 -44.71 -13.73
C GLU H 96 6.70 -43.53 -13.38
N VAL H 97 6.77 -43.20 -12.09
CA VAL H 97 7.42 -41.98 -11.61
C VAL H 97 7.96 -42.23 -10.23
N THR H 98 9.20 -41.85 -10.00
CA THR H 98 9.81 -41.95 -8.69
C THR H 98 9.63 -40.61 -7.97
N MET H 99 9.18 -40.66 -6.73
CA MET H 99 9.21 -39.46 -5.91
C MET H 99 10.29 -39.61 -4.84
N PHE H 100 11.10 -38.58 -4.63
CA PHE H 100 12.29 -38.75 -3.79
C PHE H 100 12.48 -37.63 -2.78
N ALA H 101 13.27 -37.93 -1.74
CA ALA H 101 13.79 -36.93 -0.85
C ALA H 101 15.28 -37.24 -0.71
N GLY H 102 16.11 -36.32 -1.19
CA GLY H 102 17.57 -36.43 -1.06
C GLY H 102 18.25 -37.32 -2.06
N ARG H 103 17.52 -37.80 -3.07
CA ARG H 103 18.10 -38.71 -4.08
C ARG H 103 19.25 -38.10 -4.85
N PHE H 104 19.15 -36.80 -5.15
CA PHE H 104 20.22 -36.07 -5.85
C PHE H 104 20.85 -34.99 -4.95
N ASN H 105 21.12 -35.40 -3.71
CA ASN H 105 21.75 -34.52 -2.73
C ASN H 105 22.89 -35.32 -2.10
N ASP H 106 24.12 -34.88 -2.33
CA ASP H 106 25.31 -35.59 -1.86
CA ASP H 106 25.32 -35.59 -1.85
C ASP H 106 25.31 -35.85 -0.34
N ALA H 107 24.84 -34.89 0.44
CA ALA H 107 24.76 -35.07 1.91
C ALA H 107 23.84 -36.23 2.31
N TYR H 108 22.64 -36.31 1.71
CA TYR H 108 21.70 -37.40 2.01
C TYR H 108 22.21 -38.73 1.49
N ARG H 109 22.76 -38.72 0.27
CA ARG H 109 23.18 -39.98 -0.39
C ARG H 109 24.40 -40.60 0.30
N ASN H 110 25.40 -39.79 0.61
CA ASN H 110 26.58 -40.32 1.31
C ASN H 110 26.26 -40.93 2.66
N ALA H 111 25.21 -40.43 3.30
CA ALA H 111 24.84 -40.91 4.63
C ALA H 111 23.77 -41.97 4.55
N GLY H 112 23.36 -42.30 3.32
CA GLY H 112 22.27 -43.24 3.08
C GLY H 112 20.92 -42.78 3.64
N ARG H 113 20.68 -41.48 3.66
CA ARG H 113 19.41 -40.98 4.23
C ARG H 113 18.40 -40.47 3.18
N ASP H 114 18.71 -40.68 1.91
CA ASP H 114 17.76 -40.44 0.83
C ASP H 114 16.64 -41.49 0.90
N HIS H 115 15.44 -41.13 0.44
CA HIS H 115 14.30 -42.04 0.38
C HIS H 115 13.63 -41.87 -1.00
N GLU H 116 13.35 -42.98 -1.68
CA GLU H 116 12.70 -42.97 -3.01
C GLU H 116 11.53 -43.91 -2.97
N GLU H 117 10.48 -43.61 -3.73
CA GLU H 117 9.32 -44.49 -3.87
C GLU H 117 8.86 -44.39 -5.31
N ARG H 118 8.58 -45.53 -5.92
CA ARG H 118 8.17 -45.55 -7.33
C ARG H 118 6.66 -45.76 -7.44
N PHE H 119 6.00 -44.89 -8.20
CA PHE H 119 4.54 -44.91 -8.31
C PHE H 119 4.04 -45.20 -9.72
N LYS H 120 2.83 -45.74 -9.86
CA LYS H 120 2.12 -45.62 -11.13
C LYS H 120 1.84 -44.14 -11.40
N SER H 121 2.14 -43.66 -12.60
CA SER H 121 2.03 -42.23 -12.91
C SER H 121 0.65 -41.63 -12.67
N SER H 122 -0.41 -42.32 -13.07
CA SER H 122 -1.72 -41.72 -12.94
C SER H 122 -2.11 -41.59 -11.48
N ALA H 123 -1.61 -42.52 -10.66
CA ALA H 123 -1.90 -42.50 -9.23
C ALA H 123 -1.26 -41.30 -8.57
N LEU H 124 0.02 -41.05 -8.86
CA LEU H 124 0.69 -39.90 -8.25
C LEU H 124 0.16 -38.61 -8.82
N MET H 125 -0.10 -38.61 -10.12
CA MET H 125 -0.58 -37.40 -10.75
C MET H 125 -1.93 -36.98 -10.15
N ALA H 126 -2.80 -37.94 -9.89
CA ALA H 126 -4.10 -37.65 -9.28
C ALA H 126 -3.98 -36.96 -7.90
N VAL H 127 -3.05 -37.41 -7.06
CA VAL H 127 -2.90 -36.77 -5.77
C VAL H 127 -2.18 -35.42 -5.87
N PHE H 128 -1.25 -35.27 -6.82
CA PHE H 128 -0.63 -33.96 -7.14
C PHE H 128 -1.68 -32.91 -7.53
N LYS H 129 -2.59 -33.29 -8.44
CA LYS H 129 -3.68 -32.40 -8.83
C LYS H 129 -4.54 -32.01 -7.64
N ASP H 130 -4.81 -32.97 -6.75
CA ASP H 130 -5.61 -32.69 -5.57
C ASP H 130 -4.89 -31.75 -4.59
N ILE H 131 -3.59 -31.95 -4.44
CA ILE H 131 -2.79 -31.05 -3.60
C ILE H 131 -2.83 -29.64 -4.21
N LEU H 132 -2.57 -29.54 -5.51
CA LEU H 132 -2.54 -28.26 -6.20
C LEU H 132 -3.86 -27.53 -6.08
N SER H 133 -4.97 -28.22 -6.33
CA SER H 133 -6.28 -27.56 -6.20
C SER H 133 -6.56 -27.06 -4.78
N ASP H 134 -6.40 -27.95 -3.79
CA ASP H 134 -6.67 -27.60 -2.40
C ASP H 134 -5.79 -26.45 -1.89
N TRP H 135 -4.52 -26.47 -2.23
CA TRP H 135 -3.57 -25.52 -1.64
C TRP H 135 -3.51 -24.16 -2.33
N THR H 136 -4.07 -24.08 -3.54
CA THR H 136 -4.15 -22.82 -4.27
C THR H 136 -5.40 -22.02 -3.85
N VAL H 137 -5.19 -20.76 -3.46
CA VAL H 137 -6.26 -19.92 -2.97
C VAL H 137 -6.71 -18.98 -4.07
N GLU H 138 -7.89 -18.42 -3.87
CA GLU H 138 -8.44 -17.42 -4.77
C GLU H 138 -7.47 -16.26 -5.03
N GLY H 139 -7.34 -15.85 -6.28
CA GLY H 139 -6.47 -14.75 -6.64
C GLY H 139 -5.00 -15.11 -6.80
N TYR H 140 -4.66 -16.38 -6.61
CA TYR H 140 -3.24 -16.79 -6.68
C TYR H 140 -3.05 -17.76 -7.85
N ASP H 141 -2.17 -17.38 -8.78
CA ASP H 141 -1.93 -18.16 -9.98
C ASP H 141 -0.48 -18.64 -9.98
N PRO H 142 -0.24 -19.95 -9.66
CA PRO H 142 1.13 -20.46 -9.55
C PRO H 142 1.86 -20.64 -10.89
N PHE H 143 1.15 -20.41 -12.01
CA PHE H 143 1.75 -20.38 -13.35
C PHE H 143 2.25 -19.00 -13.76
N ALA H 144 1.97 -17.97 -12.97
CA ALA H 144 2.31 -16.59 -13.39
C ALA H 144 3.54 -16.09 -12.65
N ALA H 145 4.11 -14.98 -13.11
CA ALA H 145 5.19 -14.35 -12.36
C ALA H 145 4.62 -13.59 -11.15
N PRO H 146 5.44 -13.36 -10.11
CA PRO H 146 4.97 -12.70 -8.89
C PRO H 146 4.30 -11.35 -9.10
N MET H 147 4.78 -10.56 -10.07
CA MET H 147 4.17 -9.25 -10.30
C MET H 147 2.79 -9.31 -10.94
N GLU H 148 2.44 -10.46 -11.51
CA GLU H 148 1.18 -10.65 -12.21
C GLU H 148 0.05 -11.22 -11.36
N THR H 149 0.31 -11.58 -10.12
CA THR H 149 -0.70 -12.35 -9.41
C THR H 149 -0.73 -12.04 -7.91
N GLY H 150 -1.72 -12.58 -7.19
CA GLY H 150 -1.82 -12.37 -5.75
C GLY H 150 -0.86 -13.26 -4.96
N LEU H 151 -1.20 -13.49 -3.69
CA LEU H 151 -0.31 -14.19 -2.75
C LEU H 151 -0.94 -15.48 -2.24
N PRO H 152 -0.11 -16.47 -1.91
CA PRO H 152 -0.67 -17.74 -1.47
C PRO H 152 -0.67 -17.91 0.05
N TRP H 153 -0.27 -16.88 0.78
CA TRP H 153 -0.12 -16.98 2.23
C TRP H 153 -1.47 -17.08 2.96
N GLY H 154 -1.42 -17.65 4.15
CA GLY H 154 -2.55 -17.62 5.06
C GLY H 154 -3.47 -18.82 4.95
N ILE H 155 -4.64 -18.64 5.55
CA ILE H 155 -5.68 -19.65 5.67
C ILE H 155 -6.37 -19.88 4.33
N LYS H 156 -6.87 -21.08 4.11
CA LYS H 156 -7.60 -21.38 2.86
C LYS H 156 -8.63 -20.31 2.60
N ASN H 157 -8.55 -19.69 1.42
CA ASN H 157 -9.56 -18.73 1.01
C ASN H 157 -9.93 -18.98 -0.44
N GLY H 158 -10.97 -19.77 -0.62
CA GLY H 158 -11.46 -20.09 -1.95
C GLY H 158 -10.43 -20.89 -2.73
N ASN H 159 -10.57 -20.87 -4.05
CA ASN H 159 -9.68 -21.64 -4.91
C ASN H 159 -9.38 -20.87 -6.17
N ASN H 160 -8.39 -21.33 -6.92
CA ASN H 160 -8.16 -20.85 -8.28
C ASN H 160 -8.06 -22.04 -9.22
N ASP H 161 -9.13 -22.83 -9.25
CA ASP H 161 -9.17 -24.06 -10.05
C ASP H 161 -8.97 -23.79 -11.54
N GLU H 162 -9.46 -22.66 -12.02
CA GLU H 162 -9.27 -22.26 -13.42
C GLU H 162 -7.81 -22.06 -13.82
N ALA H 163 -7.03 -21.38 -12.98
CA ALA H 163 -5.61 -21.17 -13.24
C ALA H 163 -4.83 -22.48 -13.32
N ILE H 164 -5.19 -23.44 -12.48
CA ILE H 164 -4.42 -24.65 -12.35
C ILE H 164 -4.91 -25.76 -13.29
N SER H 165 -6.01 -25.51 -14.00
CA SER H 165 -6.63 -26.50 -14.91
C SER H 165 -6.40 -26.21 -16.38
N ARG H 166 -5.58 -25.22 -16.72
CA ARG H 166 -5.44 -24.80 -18.12
C ARG H 166 -5.12 -25.99 -19.01
N GLN H 167 -5.72 -26.05 -20.21
CA GLN H 167 -5.43 -27.13 -21.17
C GLN H 167 -4.00 -27.02 -21.71
N ARG H 168 -3.30 -28.15 -21.81
CA ARG H 168 -1.98 -28.20 -22.43
CA ARG H 168 -1.97 -28.14 -22.43
C ARG H 168 -2.10 -27.81 -23.92
N VAL H 169 -1.16 -27.00 -24.42
CA VAL H 169 -1.13 -26.60 -25.82
C VAL H 169 0.01 -27.36 -26.52
N THR H 170 -0.32 -28.18 -27.52
CA THR H 170 0.71 -28.96 -28.23
C THR H 170 0.42 -29.00 -29.74
N ALA H 171 1.29 -28.41 -30.55
CA ALA H 171 1.14 -28.57 -32.00
C ALA H 171 1.36 -30.04 -32.39
N ARG H 172 0.61 -30.55 -33.36
CA ARG H 172 0.90 -31.87 -33.88
C ARG H 172 1.88 -31.79 -35.06
N ARG H 173 1.78 -30.72 -35.85
CA ARG H 173 2.70 -30.48 -36.95
C ARG H 173 3.19 -29.03 -36.84
N MET H 174 2.26 -28.07 -36.85
CA MET H 174 2.61 -26.65 -36.66
C MET H 174 1.40 -25.84 -36.26
N VAL H 175 1.61 -24.84 -35.39
CA VAL H 175 0.58 -23.84 -35.07
C VAL H 175 -0.08 -23.31 -36.35
N GLY H 176 -1.40 -23.21 -36.33
CA GLY H 176 -2.11 -22.57 -37.42
C GLY H 176 -2.56 -23.44 -38.59
N LEU H 177 -2.06 -24.68 -38.68
CA LEU H 177 -2.46 -25.58 -39.76
C LEU H 177 -3.85 -26.10 -39.47
N PRO H 178 -4.57 -26.54 -40.50
CA PRO H 178 -5.95 -27.02 -40.32
C PRO H 178 -6.00 -28.20 -39.34
N GLY H 179 -6.87 -28.12 -38.35
CA GLY H 179 -6.99 -29.18 -37.35
C GLY H 179 -5.94 -29.10 -36.24
N ASP H 180 -4.98 -28.19 -36.36
CA ASP H 180 -3.86 -28.14 -35.40
C ASP H 180 -4.10 -27.05 -34.39
N THR H 181 -3.23 -26.95 -33.39
CA THR H 181 -3.37 -25.91 -32.37
C THR H 181 -3.40 -24.50 -33.02
N PRO H 182 -4.34 -23.64 -32.60
CA PRO H 182 -4.55 -22.38 -33.32
C PRO H 182 -3.59 -21.25 -32.91
N VAL H 183 -3.51 -20.26 -33.78
CA VAL H 183 -2.90 -18.97 -33.51
C VAL H 183 -3.64 -18.30 -32.34
N ARG H 184 -2.89 -17.67 -31.44
CA ARG H 184 -3.48 -16.92 -30.34
C ARG H 184 -3.97 -15.53 -30.72
N THR H 185 -5.16 -15.18 -30.24
CA THR H 185 -5.77 -13.88 -30.51
C THR H 185 -6.47 -13.41 -29.22
N ASP H 186 -6.79 -12.12 -29.18
CA ASP H 186 -7.63 -11.59 -28.12
C ASP H 186 -8.96 -12.35 -28.03
N ALA H 187 -9.55 -12.65 -29.18
CA ALA H 187 -10.84 -13.31 -29.29
C ALA H 187 -10.85 -14.72 -28.72
N ASN H 188 -9.73 -15.45 -28.81
CA ASN H 188 -9.73 -16.79 -28.24
C ASN H 188 -9.06 -16.84 -26.88
N GLY H 189 -8.93 -15.68 -26.25
CA GLY H 189 -8.56 -15.58 -24.83
C GLY H 189 -7.10 -15.32 -24.55
N PHE H 190 -6.34 -14.91 -25.55
CA PHE H 190 -4.90 -14.70 -25.40
C PHE H 190 -4.40 -13.30 -25.82
N PRO H 191 -4.65 -12.28 -24.95
CA PRO H 191 -4.15 -10.92 -25.17
C PRO H 191 -2.61 -10.84 -25.03
N VAL H 192 -2.00 -9.81 -25.60
CA VAL H 192 -0.56 -9.62 -25.49
C VAL H 192 -0.23 -9.31 -24.02
N ASN H 193 0.76 -9.98 -23.47
CA ASN H 193 1.18 -9.71 -22.10
C ASN H 193 1.76 -8.30 -21.98
N ARG H 194 1.50 -7.64 -20.84
CA ARG H 194 1.96 -6.26 -20.64
C ARG H 194 3.48 -6.10 -20.94
N GLN H 195 4.28 -7.12 -20.64
CA GLN H 195 5.74 -7.02 -20.85
C GLN H 195 6.23 -7.32 -22.26
N PHE H 196 5.27 -7.55 -23.15
CA PHE H 196 5.56 -7.69 -24.57
C PHE H 196 4.71 -6.70 -25.39
N ALA H 197 4.20 -5.66 -24.73
CA ALA H 197 3.28 -4.71 -25.37
C ALA H 197 3.85 -4.09 -26.64
N ASP H 198 5.16 -4.06 -26.82
CA ASP H 198 5.74 -3.48 -28.02
C ASP H 198 5.99 -4.46 -29.15
N VAL H 199 5.72 -5.75 -28.96
CA VAL H 199 6.03 -6.75 -29.98
C VAL H 199 5.06 -6.67 -31.18
N PRO H 200 5.61 -6.56 -32.41
CA PRO H 200 4.80 -6.53 -33.64
C PRO H 200 3.90 -7.76 -33.73
N GLN H 201 2.64 -7.57 -34.11
CA GLN H 201 1.63 -8.63 -34.08
C GLN H 201 1.14 -9.13 -35.47
N GLU H 202 1.49 -8.43 -36.55
CA GLU H 202 0.98 -8.79 -37.87
C GLU H 202 1.36 -10.22 -38.28
N GLN H 203 0.50 -10.89 -39.03
CA GLN H 203 0.83 -12.22 -39.52
C GLN H 203 1.63 -12.08 -40.80
N PRO H 204 2.50 -13.07 -41.11
CA PRO H 204 3.19 -13.07 -42.41
C PRO H 204 2.20 -13.12 -43.58
N VAL H 205 2.60 -12.57 -44.73
CA VAL H 205 1.78 -12.70 -45.93
C VAL H 205 1.83 -14.12 -46.42
N VAL H 206 0.66 -14.71 -46.61
CA VAL H 206 0.60 -16.10 -47.06
C VAL H 206 -0.30 -16.18 -48.29
N GLU H 207 0.31 -16.45 -49.43
CA GLU H 207 -0.42 -16.52 -50.68
C GLU H 207 -0.39 -17.93 -51.30
N ALA H 208 -1.46 -18.68 -51.10
CA ALA H 208 -1.54 -20.05 -51.57
C ALA H 208 -2.28 -20.12 -52.90
N GLU H 209 -1.76 -20.94 -53.81
CA GLU H 209 -2.44 -21.23 -55.07
C GLU H 209 -3.63 -22.16 -54.81
N PRO H 210 -4.72 -22.00 -55.60
CA PRO H 210 -5.92 -22.79 -55.36
C PRO H 210 -5.58 -24.25 -55.20
N GLY H 211 -6.11 -24.91 -54.17
CA GLY H 211 -5.84 -26.33 -53.97
C GLY H 211 -4.72 -26.64 -52.98
N PHE H 212 -3.89 -25.64 -52.68
CA PHE H 212 -2.75 -25.85 -51.78
C PHE H 212 -2.87 -25.08 -50.46
N GLU H 213 -4.05 -24.57 -50.15
CA GLU H 213 -4.17 -23.75 -48.93
C GLU H 213 -3.79 -24.49 -47.62
N ALA H 214 -3.90 -25.82 -47.61
CA ALA H 214 -3.65 -26.56 -46.37
C ALA H 214 -2.16 -26.66 -46.05
N GLU H 215 -1.29 -26.57 -47.05
CA GLU H 215 0.17 -26.75 -46.81
C GLU H 215 1.07 -25.55 -47.16
N VAL H 216 0.44 -24.41 -47.41
CA VAL H 216 1.15 -23.16 -47.56
C VAL H 216 0.70 -22.43 -46.30
N SER H 217 1.61 -22.34 -45.32
CA SER H 217 1.21 -21.91 -43.98
C SER H 217 2.35 -21.25 -43.23
N ALA H 218 2.03 -20.15 -42.56
CA ALA H 218 3.01 -19.43 -41.76
C ALA H 218 2.32 -18.56 -40.72
N TYR H 219 3.00 -18.30 -39.61
CA TYR H 219 2.41 -17.52 -38.54
C TYR H 219 3.47 -16.71 -37.82
N ASN H 220 3.02 -15.72 -37.05
CA ASN H 220 3.92 -14.87 -36.28
C ASN H 220 4.26 -15.56 -34.96
N LEU H 221 5.41 -16.22 -34.88
CA LEU H 221 5.76 -16.94 -33.64
C LEU H 221 6.07 -16.02 -32.44
N PHE H 222 6.78 -14.93 -32.67
CA PHE H 222 7.12 -14.02 -31.58
C PHE H 222 5.82 -13.41 -31.04
N GLY H 223 4.88 -13.10 -31.92
CA GLY H 223 3.53 -12.68 -31.52
C GLY H 223 2.74 -13.69 -30.69
N TYR H 224 2.80 -14.95 -31.11
CA TYR H 224 2.18 -16.05 -30.40
C TYR H 224 2.76 -16.17 -28.97
N LEU H 225 4.09 -16.10 -28.84
CA LEU H 225 4.73 -16.11 -27.53
C LEU H 225 4.39 -14.87 -26.68
N SER H 226 4.28 -13.71 -27.33
CA SER H 226 3.89 -12.48 -26.64
C SER H 226 2.51 -12.62 -25.99
N ARG H 227 1.75 -13.62 -26.40
CA ARG H 227 0.39 -13.87 -25.94
C ARG H 227 0.26 -15.08 -25.00
N SER H 228 1.39 -15.73 -24.69
CA SER H 228 1.39 -16.82 -23.69
C SER H 228 0.89 -16.32 -22.35
N ASP H 229 -0.05 -17.06 -21.76
CA ASP H 229 -0.70 -16.66 -20.52
C ASP H 229 -0.05 -17.26 -19.27
N VAL H 230 1.09 -17.93 -19.42
CA VAL H 230 1.78 -18.61 -18.32
C VAL H 230 3.26 -18.40 -18.53
N THR H 231 4.04 -18.72 -17.50
CA THR H 231 5.48 -18.59 -17.58
C THR H 231 6.13 -19.95 -17.41
N TRP H 232 7.32 -20.12 -17.97
CA TRP H 232 8.08 -21.36 -17.78
C TRP H 232 7.25 -22.60 -18.16
N ASN H 233 6.73 -22.60 -19.38
CA ASN H 233 5.90 -23.68 -19.89
C ASN H 233 6.21 -24.03 -21.37
N PRO H 234 7.32 -24.75 -21.60
CA PRO H 234 7.66 -25.07 -22.99
C PRO H 234 6.47 -25.76 -23.67
N SER H 235 6.11 -25.30 -24.84
CA SER H 235 4.89 -25.77 -25.47
C SER H 235 5.16 -25.97 -26.96
N VAL H 236 4.84 -27.15 -27.49
CA VAL H 236 5.28 -27.51 -28.83
C VAL H 236 4.64 -26.55 -29.84
N CYS H 237 5.46 -25.95 -30.70
CA CYS H 237 4.91 -25.16 -31.83
C CYS H 237 5.11 -25.79 -33.19
N SER H 238 6.14 -26.64 -33.32
CA SER H 238 6.50 -27.28 -34.60
C SER H 238 7.25 -28.60 -34.39
N VAL H 239 6.97 -29.57 -35.25
CA VAL H 239 7.41 -30.97 -35.07
C VAL H 239 8.07 -31.55 -36.33
N VAL H 240 9.32 -32.01 -36.21
CA VAL H 240 9.97 -32.79 -37.26
C VAL H 240 10.39 -34.12 -36.60
N GLY H 241 9.64 -35.19 -36.87
CA GLY H 241 9.82 -36.47 -36.16
C GLY H 241 9.83 -36.24 -34.66
N ASP H 242 10.96 -36.53 -34.01
CA ASP H 242 11.09 -36.33 -32.56
C ASP H 242 11.63 -34.95 -32.16
N SER H 243 11.94 -34.10 -33.14
CA SER H 243 12.44 -32.74 -32.89
C SER H 243 11.26 -31.82 -32.59
N LEU H 244 11.28 -31.23 -31.40
CA LEU H 244 10.13 -30.45 -30.90
C LEU H 244 10.65 -29.06 -30.57
N PHE H 245 10.19 -28.07 -31.33
CA PHE H 245 10.40 -26.66 -30.95
C PHE H 245 9.33 -26.36 -29.91
N CYS H 246 9.78 -26.07 -28.68
CA CYS H 246 8.91 -25.86 -27.52
C CYS H 246 9.14 -24.48 -26.88
N PRO H 247 8.78 -23.41 -27.59
CA PRO H 247 9.08 -22.09 -27.03
C PRO H 247 8.11 -21.72 -25.91
N THR H 248 8.48 -20.70 -25.15
CA THR H 248 7.72 -20.33 -23.97
C THR H 248 8.10 -18.91 -23.54
N SER H 249 7.28 -18.29 -22.71
CA SER H 249 7.61 -16.97 -22.19
C SER H 249 8.06 -17.08 -20.72
N GLU H 250 9.25 -16.54 -20.41
CA GLU H 250 9.89 -16.74 -19.10
C GLU H 250 9.96 -15.44 -18.31
N GLU H 251 9.61 -15.50 -17.03
CA GLU H 251 9.72 -14.31 -16.15
C GLU H 251 9.96 -14.80 -14.72
N PHE H 252 10.76 -14.04 -13.97
CA PHE H 252 11.16 -14.41 -12.60
C PHE H 252 12.07 -15.66 -12.62
N ILE H 253 11.74 -16.76 -11.92
CA ILE H 253 12.62 -17.91 -11.76
C ILE H 253 11.92 -19.22 -12.16
N LEU H 254 12.58 -20.02 -12.98
CA LEU H 254 12.08 -21.34 -13.34
C LEU H 254 11.82 -22.09 -12.02
N PRO H 255 10.56 -22.51 -11.74
CA PRO H 255 10.24 -23.05 -10.39
C PRO H 255 10.88 -24.38 -10.00
N VAL H 256 11.63 -25.01 -10.90
CA VAL H 256 12.26 -26.28 -10.63
C VAL H 256 13.74 -26.23 -11.07
N GLU H 257 14.55 -27.20 -10.62
CA GLU H 257 15.88 -27.41 -11.21
C GLU H 257 15.73 -28.64 -12.09
N HIS H 258 15.80 -28.46 -13.39
CA HIS H 258 15.51 -29.56 -14.30
C HIS H 258 16.80 -30.34 -14.58
N GLY H 259 16.84 -31.61 -14.22
CA GLY H 259 17.91 -32.52 -14.59
C GLY H 259 17.37 -33.44 -15.68
N ASN H 260 17.57 -33.06 -16.94
CA ASN H 260 17.01 -33.83 -18.06
C ASN H 260 17.71 -35.18 -18.22
N ASP H 261 17.02 -36.13 -18.83
CA ASP H 261 17.58 -37.45 -19.10
C ASP H 261 18.02 -37.57 -20.58
N ARG H 262 18.40 -36.43 -21.15
CA ARG H 262 18.81 -36.25 -22.55
C ARG H 262 19.38 -34.86 -22.66
N CYS H 263 20.07 -34.52 -23.74
CA CYS H 263 20.43 -33.10 -23.95
C CYS H 263 19.19 -32.32 -24.34
N GLU H 264 19.15 -31.03 -23.99
CA GLU H 264 18.14 -30.13 -24.53
C GLU H 264 18.83 -28.82 -24.87
N TRP H 265 18.28 -28.04 -25.78
CA TRP H 265 18.94 -26.82 -26.16
C TRP H 265 18.05 -25.63 -25.88
N PHE H 266 18.69 -24.50 -25.57
CA PHE H 266 18.00 -23.24 -25.39
C PHE H 266 18.47 -22.23 -26.42
N LEU H 267 17.51 -21.68 -27.16
CA LEU H 267 17.76 -20.54 -28.04
C LEU H 267 16.99 -19.34 -27.52
N GLN H 268 17.72 -18.32 -27.08
CA GLN H 268 17.13 -17.13 -26.51
C GLN H 268 16.60 -16.28 -27.66
N LEU H 269 15.30 -16.01 -27.65
CA LEU H 269 14.70 -15.25 -28.74
C LEU H 269 14.57 -13.76 -28.46
N SER H 270 14.32 -13.41 -27.21
CA SER H 270 14.30 -12.01 -26.82
C SER H 270 14.94 -11.81 -25.45
N ASP H 271 15.44 -10.61 -25.20
CA ASP H 271 15.88 -10.23 -23.86
C ASP H 271 16.98 -11.13 -23.29
N GLU H 272 16.86 -11.62 -22.06
CA GLU H 272 18.00 -12.28 -21.40
C GLU H 272 17.59 -13.24 -20.31
N ILE H 273 18.32 -14.34 -20.22
CA ILE H 273 18.16 -15.30 -19.14
C ILE H 273 19.53 -15.70 -18.60
N VAL H 274 19.64 -15.84 -17.30
CA VAL H 274 20.79 -16.51 -16.70
C VAL H 274 20.35 -17.87 -16.17
N TRP H 275 21.11 -18.89 -16.53
CA TRP H 275 20.86 -20.26 -16.11
C TRP H 275 21.90 -20.68 -15.08
N ASP H 276 21.44 -21.04 -13.90
CA ASP H 276 22.26 -21.68 -12.87
C ASP H 276 22.41 -23.16 -13.19
N VAL H 277 23.64 -23.59 -13.46
CA VAL H 277 23.89 -24.96 -13.86
C VAL H 277 24.60 -25.66 -12.70
N LYS H 278 24.00 -26.74 -12.19
CA LYS H 278 24.58 -27.51 -11.09
C LYS H 278 24.72 -28.96 -11.54
N ASP H 279 25.54 -29.72 -10.82
CA ASP H 279 25.65 -31.15 -11.09
C ASP H 279 24.30 -31.84 -10.89
N LYS H 280 23.91 -32.70 -11.83
CA LYS H 280 22.61 -33.36 -11.73
C LYS H 280 22.56 -34.27 -10.49
N GLU H 281 23.66 -34.97 -10.22
CA GLU H 281 23.70 -35.97 -9.15
C GLU H 281 23.94 -35.38 -7.76
N SER H 282 24.79 -34.38 -7.67
CA SER H 282 25.22 -33.90 -6.37
C SER H 282 24.52 -32.60 -6.01
N GLY H 283 24.18 -31.83 -7.04
CA GLY H 283 23.58 -30.52 -6.82
C GLY H 283 24.61 -29.41 -6.65
N LYS H 284 25.89 -29.74 -6.79
CA LYS H 284 26.97 -28.75 -6.64
C LYS H 284 26.97 -27.78 -7.83
N PRO H 285 27.13 -26.46 -7.58
CA PRO H 285 27.29 -25.47 -8.65
C PRO H 285 28.45 -25.79 -9.63
N ARG H 286 28.20 -25.58 -10.92
CA ARG H 286 29.15 -25.89 -11.98
C ARG H 286 29.41 -24.74 -12.97
N ALA H 287 28.34 -24.03 -13.34
CA ALA H 287 28.43 -22.95 -14.31
C ALA H 287 27.24 -21.99 -14.19
N ARG H 288 27.38 -20.81 -14.78
CA ARG H 288 26.28 -19.87 -14.98
C ARG H 288 26.31 -19.41 -16.43
N VAL H 289 25.24 -19.69 -17.15
CA VAL H 289 25.22 -19.40 -18.58
C VAL H 289 24.32 -18.20 -18.82
N THR H 290 24.90 -17.10 -19.33
CA THR H 290 24.14 -15.88 -19.65
C THR H 290 23.84 -15.85 -21.14
N ALA H 291 22.55 -15.74 -21.48
CA ALA H 291 22.09 -15.79 -22.86
C ALA H 291 21.23 -14.59 -23.22
N ARG H 292 21.65 -13.90 -24.29
CA ARG H 292 20.88 -12.78 -24.81
C ARG H 292 20.32 -13.18 -26.17
N ALA H 293 19.54 -12.30 -26.80
CA ALA H 293 18.92 -12.64 -28.09
C ALA H 293 19.91 -13.20 -29.11
N GLY H 294 19.60 -14.39 -29.60
CA GLY H 294 20.40 -15.04 -30.62
C GLY H 294 21.27 -16.14 -30.04
N ASP H 295 21.49 -16.10 -28.72
CA ASP H 295 22.38 -17.11 -28.08
C ASP H 295 21.70 -18.46 -28.01
N ILE H 296 22.42 -19.47 -28.47
CA ILE H 296 21.94 -20.83 -28.35
C ILE H 296 22.96 -21.57 -27.51
N CYS H 297 22.52 -22.51 -26.68
CA CYS H 297 23.46 -23.33 -25.94
C CYS H 297 22.85 -24.68 -25.63
N CYS H 298 23.70 -25.61 -25.22
CA CYS H 298 23.22 -26.95 -24.92
C CYS H 298 23.33 -27.24 -23.42
N MET H 299 22.28 -27.85 -22.88
CA MET H 299 22.31 -28.35 -21.50
C MET H 299 22.51 -29.86 -21.58
N PRO H 300 23.71 -30.33 -21.20
CA PRO H 300 23.97 -31.77 -21.20
C PRO H 300 23.16 -32.54 -20.16
N ALA H 301 23.14 -33.85 -20.31
CA ALA H 301 22.39 -34.72 -19.43
C ALA H 301 23.03 -34.96 -18.07
N ASP H 302 24.23 -34.45 -17.82
CA ASP H 302 24.82 -34.64 -16.50
C ASP H 302 24.62 -33.44 -15.60
N ILE H 303 23.80 -32.48 -16.04
CA ILE H 303 23.54 -31.30 -15.20
C ILE H 303 22.06 -31.05 -14.97
N ARG H 304 21.76 -30.16 -14.02
CA ARG H 304 20.39 -29.66 -13.81
C ARG H 304 20.50 -28.14 -13.94
N HIS H 305 19.43 -27.49 -14.39
CA HIS H 305 19.50 -26.07 -14.71
C HIS H 305 18.28 -25.35 -14.15
N GLN H 306 18.45 -24.08 -13.83
CA GLN H 306 17.35 -23.23 -13.34
C GLN H 306 17.59 -21.82 -13.88
N GLY H 307 16.57 -21.27 -14.54
CA GLY H 307 16.66 -19.95 -15.22
C GLY H 307 16.15 -18.74 -14.47
N TYR H 308 16.78 -17.59 -14.73
CA TYR H 308 16.40 -16.31 -14.13
C TYR H 308 16.19 -15.31 -15.26
N SER H 309 15.00 -14.70 -15.31
CA SER H 309 14.66 -13.75 -16.37
C SER H 309 13.97 -12.54 -15.71
N THR H 310 14.63 -11.39 -15.74
CA THR H 310 14.05 -10.19 -15.13
C THR H 310 12.80 -9.72 -15.86
N LYS H 311 12.97 -9.39 -17.15
CA LYS H 311 11.86 -9.01 -18.00
C LYS H 311 11.31 -10.29 -18.63
N ARG H 312 10.00 -10.38 -18.77
CA ARG H 312 9.43 -11.52 -19.48
C ARG H 312 10.14 -11.69 -20.83
N SER H 313 10.67 -12.88 -21.10
CA SER H 313 11.43 -13.06 -22.32
C SER H 313 10.97 -14.26 -23.13
N MET H 314 11.33 -14.27 -24.41
CA MET H 314 10.98 -15.38 -25.30
C MET H 314 12.13 -16.37 -25.39
N LEU H 315 11.83 -17.63 -25.09
CA LEU H 315 12.84 -18.68 -25.10
C LEU H 315 12.36 -19.82 -25.96
N LEU H 316 13.24 -20.33 -26.80
CA LEU H 316 12.98 -21.56 -27.50
C LEU H 316 13.71 -22.67 -26.76
N VAL H 317 12.94 -23.60 -26.24
CA VAL H 317 13.47 -24.84 -25.70
C VAL H 317 13.32 -25.89 -26.78
N TRP H 318 14.43 -26.44 -27.21
CA TRP H 318 14.43 -27.44 -28.26
C TRP H 318 14.69 -28.81 -27.67
N GLU H 319 13.72 -29.71 -27.87
CA GLU H 319 13.79 -31.04 -27.27
CA GLU H 319 13.83 -31.04 -27.28
C GLU H 319 13.88 -32.13 -28.35
N ASN H 320 14.48 -33.25 -27.98
CA ASN H 320 14.41 -34.46 -28.77
C ASN H 320 13.57 -35.42 -27.95
N GLY H 321 12.33 -35.65 -28.41
CA GLY H 321 11.36 -36.42 -27.66
C GLY H 321 11.54 -37.92 -27.73
N SER H 322 12.57 -38.41 -28.41
CA SER H 322 12.69 -39.85 -28.60
C SER H 322 12.76 -40.59 -27.26
N PRO H 323 11.89 -41.60 -27.06
CA PRO H 323 11.94 -42.38 -25.83
C PRO H 323 13.19 -43.26 -25.69
N LYS H 324 13.98 -43.39 -26.74
CA LYS H 324 15.19 -44.23 -26.70
C LYS H 324 16.37 -43.60 -25.94
N ILE H 325 16.43 -42.27 -25.86
CA ILE H 325 17.59 -41.57 -25.29
C ILE H 325 17.91 -41.94 -23.84
N PRO H 326 16.90 -41.92 -22.94
CA PRO H 326 17.28 -42.23 -21.55
C PRO H 326 17.82 -43.65 -21.34
N GLN H 327 17.31 -44.62 -22.11
CA GLN H 327 17.83 -46.00 -22.00
C GLN H 327 19.21 -46.11 -22.62
N MET H 328 19.44 -45.36 -23.69
CA MET H 328 20.73 -45.37 -24.36
C MET H 328 21.79 -44.75 -23.48
N ILE H 329 21.45 -43.66 -22.80
CA ILE H 329 22.34 -43.08 -21.80
C ILE H 329 22.58 -44.06 -20.63
N ALA H 330 21.49 -44.64 -20.12
CA ALA H 330 21.61 -45.71 -19.14
C ALA H 330 22.53 -46.86 -19.63
N ASP H 331 22.40 -47.25 -20.90
CA ASP H 331 23.20 -48.30 -21.53
C ASP H 331 24.69 -48.02 -21.78
N GLY H 332 25.08 -46.76 -21.77
CA GLY H 332 26.40 -46.39 -22.27
C GLY H 332 26.49 -46.29 -23.80
N THR H 333 25.39 -46.59 -24.50
CA THR H 333 25.39 -46.50 -25.98
C THR H 333 25.09 -45.08 -26.50
N ALA H 334 25.10 -44.11 -25.60
CA ALA H 334 24.93 -42.69 -25.89
C ALA H 334 25.53 -41.94 -24.69
N PRO H 335 26.36 -40.90 -24.97
CA PRO H 335 27.06 -40.10 -23.95
C PRO H 335 26.14 -39.08 -23.23
N VAL H 336 26.51 -38.68 -22.01
CA VAL H 336 25.76 -37.64 -21.28
C VAL H 336 26.08 -36.25 -21.78
N VAL H 337 27.30 -36.10 -22.29
CA VAL H 337 27.77 -34.85 -22.88
C VAL H 337 27.73 -35.00 -24.42
N PRO H 338 27.14 -34.02 -25.14
CA PRO H 338 26.93 -34.14 -26.59
C PRO H 338 28.21 -34.04 -27.44
N VAL H 339 29.37 -33.84 -26.79
CA VAL H 339 30.49 -33.18 -27.45
C VAL H 339 31.88 -33.82 -27.32
N THR H 340 32.63 -33.73 -28.43
CA THR H 340 34.00 -34.23 -28.62
C THR H 340 34.33 -35.59 -28.01
FE FE I . -25.02 15.23 -21.97
O9 7DV J . -18.66 11.55 -22.74
C4 7DV J . -19.86 12.14 -22.68
C5 7DV J . -19.97 13.44 -23.16
C6 7DV J . -21.20 14.09 -23.10
C3 7DV J . -20.97 11.49 -22.15
C2 7DV J . -22.20 12.15 -22.08
C1 7DV J . -22.33 13.45 -22.57
O1 7DV J . -23.53 14.11 -22.52
C7 7DV J . -23.39 11.44 -21.53
FE FE K . -12.87 31.31 26.83
O9 7DV L . -7.35 26.67 27.40
C4 7DV L . -8.34 27.58 27.41
C5 7DV L . -9.59 27.26 27.92
C6 7DV L . -10.60 28.20 27.94
C3 7DV L . -8.11 28.87 26.92
C2 7DV L . -9.13 29.82 26.94
C1 7DV L . -10.38 29.49 27.44
O1 7DV L . -11.37 30.41 27.46
C7 7DV L . -8.88 31.20 26.40
FE FE M . 22.54 -18.13 15.28
O9 7DV N . 16.33 -14.46 15.32
C4 7DV N . 17.50 -15.15 15.14
C5 7DV N . 17.57 -16.44 15.68
C6 7DV N . 18.74 -17.17 15.53
C3 7DV N . 18.61 -14.59 14.47
C2 7DV N . 19.79 -15.33 14.33
C1 7DV N . 19.84 -16.63 14.87
O1 7DV N . 20.95 -17.38 14.76
C7 7DV N . 20.96 -14.75 13.67
FE FE O . 15.24 -28.22 -18.99
O9 7DV P . 10.34 -22.95 -19.36
C4 7DV P . 11.28 -23.91 -19.14
C5 7DV P . 12.58 -23.75 -19.66
C6 7DV P . 13.52 -24.76 -19.42
C3 7DV P . 10.93 -25.05 -18.40
C2 7DV P . 11.89 -26.05 -18.17
C1 7DV P . 13.17 -25.90 -18.68
O1 7DV P . 14.09 -26.86 -18.46
C7 7DV P . 11.53 -27.16 -17.41
#